data_4TO4
#
_entry.id   4TO4
#
_cell.length_a   86.712
_cell.length_b   145.843
_cell.length_c   98.654
_cell.angle_alpha   90.000
_cell.angle_beta   114.750
_cell.angle_gamma   90.000
#
_symmetry.space_group_name_H-M   'P 1 21 1'
#
loop_
_entity.id
_entity.type
_entity.pdbx_description
1 polymer 'Deoxynucleoside triphosphate triphosphohydrolase SAMHD1'
2 non-polymer "2'-DEOXYCYTIDINE-5'-TRIPHOSPHATE"
3 non-polymer 'MAGNESIUM ION'
4 non-polymer "GUANOSINE-5'-TRIPHOSPHATE"
5 non-polymer "2'-DEOXYGUANOSINE-5'-TRIPHOSPHATE"
6 water water
#
_entity_poly.entity_id   1
_entity_poly.type   'polypeptide(L)'
_entity_poly.pdbx_seq_one_letter_code
;DTMKVINDPIHGHIELHPLLVRIIDTPQFQRLRYIKQLGGGYYVFPGASHNRFEHSLGVGYLAGCLVHALGEKQPELQIS
ERDVLCVQIAGLCRNLGHGPFSHMFDGRFIPLARPEVKWTHEQGSVMMFEHLINSNGIKPVMEQYGLIPEEDICFIKEQI
VGPLESPVEDSLWPYKGRPENKSFLYEIVSNKRNGIDVDKWDYFARDCHHLGIQNNFDYKRFIKFARVCEVDNELRICAR
DKEVGNLYDMFHTRNSLHRRAYQHKVGNIIDTMITDAFLKADDYIEITGAGGKKYRISTAIDDMEAYTKLTDNIFLEILY
STDPKLKDAREILKQIEYRNLFKYVGETQPTGQIKIKREDYESLPKEVASAKPKVLLDVKLKAEDFIVDVINMDYGMQEK
NPIDHVSFYCKTAPNRAIRITKNQVSQLLPEKFAEQLIRVYCKKVDRKSLYAARQYFVQWCADRNFTKPQDGDVIAPLIT
PQKKEWNDSTSVQNPTRLREASKSRVQLFKDDPM
;
_entity_poly.pdbx_strand_id   A,B,C,D
#
# COMPACT_ATOMS: atom_id res chain seq x y z
N ASP A 1 34.71 0.88 11.17
CA ASP A 1 33.29 1.33 11.12
C ASP A 1 32.91 1.80 9.73
N THR A 2 31.86 1.19 9.19
CA THR A 2 31.28 1.61 7.92
C THR A 2 29.78 1.91 8.12
N MET A 3 29.14 2.33 7.03
CA MET A 3 27.70 2.61 7.01
C MET A 3 26.85 1.35 7.23
N LYS A 4 25.78 1.48 8.03
CA LYS A 4 24.81 0.42 8.15
C LYS A 4 23.57 0.76 7.36
N VAL A 5 22.94 -0.28 6.84
CA VAL A 5 21.64 -0.17 6.21
C VAL A 5 20.61 -0.78 7.11
N ILE A 6 19.50 -0.09 7.29
CA ILE A 6 18.40 -0.60 8.08
C ILE A 6 17.17 -0.50 7.23
N ASN A 7 16.35 -1.53 7.31
CA ASN A 7 15.12 -1.56 6.56
C ASN A 7 13.92 -1.11 7.43
N ASP A 8 13.28 -0.02 7.01
CA ASP A 8 12.17 0.59 7.73
C ASP A 8 10.92 0.41 6.91
N PRO A 9 9.81 -0.04 7.50
CA PRO A 9 8.64 -0.17 6.65
C PRO A 9 8.11 1.14 6.06
N ILE A 10 8.43 2.31 6.62
CA ILE A 10 7.96 3.54 6.05
C ILE A 10 8.91 4.04 4.99
N HIS A 11 10.17 4.10 5.28
CA HIS A 11 11.12 4.72 4.36
C HIS A 11 11.93 3.75 3.54
N GLY A 12 11.81 2.47 3.76
CA GLY A 12 12.63 1.50 2.98
C GLY A 12 14.05 1.43 3.53
N HIS A 13 15.02 1.26 2.65
CA HIS A 13 16.42 1.08 3.10
C HIS A 13 17.09 2.40 3.44
N ILE A 14 17.37 2.62 4.71
CA ILE A 14 17.98 3.85 5.22
C ILE A 14 19.45 3.61 5.54
N GLU A 15 20.33 4.52 5.11
CA GLU A 15 21.76 4.37 5.36
C GLU A 15 22.14 5.19 6.56
N LEU A 16 22.87 4.59 7.48
CA LEU A 16 23.35 5.28 8.65
C LEU A 16 24.86 5.36 8.67
N HIS A 17 25.35 6.61 8.68
CA HIS A 17 26.76 6.94 8.89
C HIS A 17 27.24 6.34 10.21
N PRO A 18 28.51 5.86 10.25
CA PRO A 18 28.99 5.21 11.50
C PRO A 18 28.89 6.05 12.79
N LEU A 19 28.96 7.36 12.69
CA LEU A 19 28.80 8.23 13.87
C LEU A 19 27.40 8.14 14.42
N LEU A 20 26.44 8.10 13.51
CA LEU A 20 25.05 7.92 13.89
C LEU A 20 24.82 6.56 14.51
N VAL A 21 25.44 5.53 13.95
CA VAL A 21 25.38 4.17 14.56
C VAL A 21 25.89 4.18 16.00
N ARG A 22 27.00 4.87 16.23
CA ARG A 22 27.56 5.01 17.56
C ARG A 22 26.63 5.69 18.53
N ILE A 23 25.91 6.71 18.08
CA ILE A 23 24.97 7.37 18.95
C ILE A 23 23.79 6.44 19.27
N ILE A 24 23.37 5.69 18.28
CA ILE A 24 22.19 4.84 18.41
C ILE A 24 22.45 3.70 19.37
N ASP A 25 23.67 3.19 19.34
CA ASP A 25 24.04 2.00 20.12
C ASP A 25 24.46 2.31 21.55
N THR A 26 23.56 2.96 22.24
CA THR A 26 23.75 3.43 23.59
C THR A 26 22.47 3.16 24.37
N PRO A 27 22.59 2.91 25.66
CA PRO A 27 21.40 2.77 26.53
C PRO A 27 20.43 3.95 26.46
N GLN A 28 20.96 5.15 26.23
CA GLN A 28 20.15 6.35 26.24
C GLN A 28 19.28 6.40 25.02
N PHE A 29 19.78 5.88 23.90
CA PHE A 29 18.98 5.87 22.69
C PHE A 29 18.07 4.64 22.61
N GLN A 30 18.61 3.46 22.93
CA GLN A 30 17.89 2.22 22.83
C GLN A 30 16.71 2.17 23.80
N ARG A 31 16.79 2.94 24.86
CA ARG A 31 15.66 3.25 25.78
C ARG A 31 14.36 3.56 25.07
N LEU A 32 14.46 4.24 23.93
CA LEU A 32 13.27 4.59 23.15
C LEU A 32 12.50 3.39 22.54
N ARG A 33 13.12 2.22 22.50
CA ARG A 33 12.39 0.99 22.11
C ARG A 33 11.31 0.62 23.13
N TYR A 34 11.32 1.19 24.30
CA TYR A 34 10.38 0.78 25.37
C TYR A 34 9.42 1.91 25.69
N ILE A 35 9.22 2.81 24.74
CA ILE A 35 8.26 3.92 24.89
C ILE A 35 7.37 4.00 23.69
N LYS A 36 6.08 3.66 23.87
CA LYS A 36 5.13 3.66 22.75
C LYS A 36 4.95 5.08 22.28
N GLN A 37 5.00 5.26 20.96
CA GLN A 37 4.79 6.54 20.32
C GLN A 37 3.48 7.19 20.73
N LEU A 38 2.41 6.41 20.74
CA LEU A 38 1.06 6.92 20.95
C LEU A 38 0.46 6.67 22.33
N GLY A 39 1.30 6.29 23.28
CA GLY A 39 0.85 6.01 24.64
C GLY A 39 -0.32 5.04 24.75
N GLY A 40 -1.40 5.52 25.40
CA GLY A 40 -2.62 4.77 25.59
C GLY A 40 -3.39 4.51 24.30
N GLY A 41 -3.01 5.15 23.19
CA GLY A 41 -3.59 4.86 21.89
C GLY A 41 -3.47 3.39 21.42
N TYR A 42 -2.45 2.67 21.84
CA TYR A 42 -2.31 1.20 21.51
C TYR A 42 -3.44 0.39 22.12
N TYR A 43 -4.06 0.93 23.19
CA TYR A 43 -5.19 0.25 23.82
C TYR A 43 -6.49 0.50 23.08
N VAL A 44 -6.45 1.31 22.03
CA VAL A 44 -7.62 1.56 21.18
C VAL A 44 -7.41 1.16 19.73
N PHE A 45 -6.18 1.40 19.22
CA PHE A 45 -5.77 1.03 17.90
C PHE A 45 -4.65 -0.04 18.02
N PRO A 46 -4.98 -1.31 17.83
CA PRO A 46 -3.99 -2.37 18.09
C PRO A 46 -2.80 -2.45 17.18
N GLY A 47 -2.86 -1.81 16.06
CA GLY A 47 -1.69 -1.74 15.22
C GLY A 47 -0.64 -0.74 15.73
N ALA A 48 -1.04 0.16 16.66
CA ALA A 48 -0.14 1.22 17.14
C ALA A 48 0.82 0.71 18.24
N SER A 49 1.56 -0.34 17.90
CA SER A 49 2.52 -0.95 18.78
C SER A 49 3.90 -0.21 18.61
N HIS A 50 4.03 0.64 17.63
CA HIS A 50 5.33 1.32 17.39
C HIS A 50 5.83 2.24 18.54
N ASN A 51 7.15 2.30 18.64
CA ASN A 51 7.82 2.96 19.70
C ASN A 51 8.63 4.12 19.18
N ARG A 52 9.13 4.95 20.11
CA ARG A 52 9.81 6.18 19.75
C ARG A 52 11.10 5.93 19.08
N PHE A 53 11.69 4.74 19.29
CA PHE A 53 12.96 4.37 18.64
C PHE A 53 12.92 4.46 17.14
N GLU A 54 11.96 3.75 16.57
CA GLU A 54 11.84 3.70 15.11
C GLU A 54 11.38 5.03 14.53
N HIS A 55 10.53 5.77 15.24
CA HIS A 55 10.20 7.13 14.80
C HIS A 55 11.45 8.01 14.71
N SER A 56 12.33 7.91 15.69
CA SER A 56 13.53 8.72 15.73
C SER A 56 14.47 8.43 14.57
N LEU A 57 14.62 7.13 14.21
CA LEU A 57 15.39 6.81 13.05
C LEU A 57 14.83 7.49 11.84
N GLY A 58 13.51 7.48 11.73
CA GLY A 58 12.89 8.06 10.58
C GLY A 58 13.10 9.58 10.52
N VAL A 59 13.01 10.26 11.67
CA VAL A 59 13.22 11.68 11.69
C VAL A 59 14.64 12.01 11.27
N GLY A 60 15.59 11.21 11.71
CA GLY A 60 16.98 11.40 11.32
C GLY A 60 17.22 11.17 9.84
N TYR A 61 16.61 10.13 9.32
CA TYR A 61 16.67 9.88 7.86
C TYR A 61 16.07 11.08 7.07
N LEU A 62 14.89 11.55 7.45
CA LEU A 62 14.26 12.63 6.68
C LEU A 62 14.98 13.97 6.80
N ALA A 63 15.58 14.22 7.94
CA ALA A 63 16.36 15.40 8.12
C ALA A 63 17.53 15.40 7.15
N GLY A 64 18.19 14.24 7.01
CA GLY A 64 19.24 14.07 6.00
C GLY A 64 18.75 14.23 4.56
N CYS A 65 17.59 13.66 4.26
CA CYS A 65 17.02 13.84 2.92
C CYS A 65 16.78 15.34 2.57
N LEU A 66 16.23 16.12 3.48
CA LEU A 66 15.93 17.52 3.16
C LEU A 66 17.21 18.33 2.96
N VAL A 67 18.15 18.18 3.89
CA VAL A 67 19.38 18.93 3.85
C VAL A 67 20.20 18.53 2.62
N HIS A 68 20.26 17.23 2.28
CA HIS A 68 20.97 16.78 1.08
C HIS A 68 20.30 17.39 -0.15
N ALA A 69 18.97 17.33 -0.24
CA ALA A 69 18.28 17.88 -1.38
C ALA A 69 18.58 19.38 -1.58
N LEU A 70 18.57 20.18 -0.50
CA LEU A 70 18.84 21.60 -0.64
C LEU A 70 20.27 21.85 -1.16
N GLY A 71 21.23 21.08 -0.62
CA GLY A 71 22.63 21.19 -1.00
C GLY A 71 22.89 20.83 -2.44
N GLU A 72 22.24 19.81 -2.89
CA GLU A 72 22.35 19.39 -4.26
C GLU A 72 21.74 20.34 -5.29
N LYS A 73 20.61 20.95 -5.01
CA LYS A 73 20.05 21.95 -5.91
C LYS A 73 20.80 23.27 -5.82
N GLN A 74 21.32 23.61 -4.64
CA GLN A 74 21.91 24.94 -4.40
C GLN A 74 23.31 24.83 -3.75
N PRO A 75 24.31 24.44 -4.54
CA PRO A 75 25.70 24.37 -4.08
C PRO A 75 26.19 25.67 -3.47
N GLU A 76 25.64 26.79 -3.90
CA GLU A 76 26.08 28.11 -3.38
C GLU A 76 25.77 28.31 -1.89
N LEU A 77 24.94 27.45 -1.30
CA LEU A 77 24.66 27.51 0.14
C LEU A 77 25.80 26.97 0.98
N GLN A 78 26.72 26.21 0.37
CA GLN A 78 27.91 25.69 1.07
C GLN A 78 27.57 24.79 2.25
N ILE A 79 26.56 23.96 2.06
CA ILE A 79 26.21 22.97 3.07
C ILE A 79 27.35 21.95 3.09
N SER A 80 27.96 21.75 4.25
CA SER A 80 29.05 20.76 4.42
C SER A 80 28.56 19.42 4.94
N GLU A 81 29.37 18.38 4.74
CA GLU A 81 29.15 17.06 5.31
C GLU A 81 28.95 17.16 6.82
N ARG A 82 29.67 18.07 7.43
CA ARG A 82 29.53 18.39 8.83
C ARG A 82 28.11 18.90 9.21
N ASP A 83 27.59 19.81 8.40
CA ASP A 83 26.23 20.31 8.57
C ASP A 83 25.21 19.17 8.46
N VAL A 84 25.39 18.31 7.45
CA VAL A 84 24.49 17.20 7.22
C VAL A 84 24.43 16.31 8.46
N LEU A 85 25.60 15.98 9.01
CA LEU A 85 25.65 15.07 10.14
C LEU A 85 25.03 15.72 11.35
N CYS A 86 25.28 17.00 11.56
CA CYS A 86 24.66 17.70 12.68
C CYS A 86 23.14 17.74 12.60
N VAL A 87 22.62 17.90 11.41
CA VAL A 87 21.19 17.94 11.23
C VAL A 87 20.59 16.52 11.42
N GLN A 88 21.28 15.51 10.91
CA GLN A 88 20.84 14.11 11.14
C GLN A 88 20.82 13.79 12.63
N ILE A 89 21.85 14.20 13.35
CA ILE A 89 21.94 13.88 14.76
C ILE A 89 20.83 14.60 15.55
N ALA A 90 20.59 15.88 15.25
CA ALA A 90 19.47 16.54 15.88
C ALA A 90 18.17 15.81 15.58
N GLY A 91 18.00 15.37 14.34
CA GLY A 91 16.81 14.63 13.98
C GLY A 91 16.65 13.34 14.74
N LEU A 92 17.73 12.55 14.79
CA LEU A 92 17.76 11.29 15.57
C LEU A 92 17.45 11.48 17.02
N CYS A 93 17.91 12.59 17.57
CA CYS A 93 17.91 12.78 19.01
C CYS A 93 16.79 13.68 19.54
N ARG A 94 15.93 14.23 18.71
CA ARG A 94 14.93 15.13 19.25
C ARG A 94 13.80 14.47 20.03
N ASN A 95 13.72 13.16 20.03
CA ASN A 95 12.74 12.43 20.89
C ASN A 95 13.31 11.80 22.19
N LEU A 96 14.57 12.09 22.52
CA LEU A 96 15.25 11.43 23.63
C LEU A 96 14.63 11.71 24.94
N GLY A 97 13.95 12.85 25.07
CA GLY A 97 13.39 13.24 26.34
C GLY A 97 12.02 12.68 26.70
N HIS A 98 11.41 11.94 25.80
CA HIS A 98 10.08 11.43 26.10
C HIS A 98 10.12 10.43 27.22
N GLY A 99 9.00 10.41 27.97
CA GLY A 99 8.87 9.57 29.14
C GLY A 99 7.89 8.48 28.85
N PRO A 100 7.57 7.67 29.85
CA PRO A 100 6.64 6.57 29.70
C PRO A 100 5.33 7.00 29.05
N PHE A 101 4.90 6.26 28.05
CA PHE A 101 3.67 6.54 27.29
C PHE A 101 3.65 7.91 26.61
N SER A 102 4.84 8.38 26.24
CA SER A 102 5.03 9.59 25.51
C SER A 102 4.21 10.76 26.09
N HIS A 103 3.22 11.26 25.38
CA HIS A 103 2.54 12.51 25.81
C HIS A 103 1.79 12.40 27.06
N MET A 104 1.46 11.19 27.47
CA MET A 104 0.90 11.03 28.80
C MET A 104 1.81 11.62 29.89
N PHE A 105 3.11 11.36 29.77
CA PHE A 105 4.03 11.68 30.80
C PHE A 105 4.22 13.19 30.95
N ASP A 106 4.45 13.88 29.85
CA ASP A 106 4.66 15.33 29.96
C ASP A 106 3.39 16.14 29.78
N GLY A 107 2.34 15.51 29.24
CA GLY A 107 1.04 16.17 29.12
C GLY A 107 0.13 16.03 30.33
N ARG A 108 0.21 14.92 31.06
CA ARG A 108 -0.68 14.71 32.20
C ARG A 108 0.03 14.51 33.51
N PHE A 109 1.02 13.63 33.52
CA PHE A 109 1.62 13.21 34.77
C PHE A 109 2.50 14.27 35.43
N ILE A 110 3.49 14.78 34.72
CA ILE A 110 4.39 15.73 35.28
C ILE A 110 3.69 17.06 35.69
N PRO A 111 2.76 17.56 34.89
CA PRO A 111 2.00 18.71 35.34
C PRO A 111 1.19 18.48 36.62
N LEU A 112 0.72 17.27 36.88
CA LEU A 112 0.08 16.99 38.17
C LEU A 112 1.05 16.67 39.29
N ALA A 113 2.10 15.91 39.01
CA ALA A 113 3.06 15.54 40.04
C ALA A 113 3.97 16.69 40.42
N ARG A 114 4.40 17.49 39.45
CA ARG A 114 5.36 18.56 39.68
C ARG A 114 4.80 19.86 39.09
N PRO A 115 3.72 20.38 39.67
CA PRO A 115 3.10 21.59 39.10
C PRO A 115 4.03 22.79 39.05
N GLU A 116 5.00 22.87 39.95
CA GLU A 116 5.94 23.97 39.98
C GLU A 116 6.98 23.95 38.84
N VAL A 117 7.19 22.80 38.21
CA VAL A 117 8.29 22.72 37.24
C VAL A 117 7.73 23.04 35.87
N LYS A 118 8.58 23.50 34.96
CA LYS A 118 8.19 23.69 33.57
C LYS A 118 9.00 22.68 32.78
N TRP A 119 8.44 21.49 32.57
CA TRP A 119 9.16 20.38 31.93
C TRP A 119 8.57 20.21 30.57
N THR A 120 9.44 20.01 29.58
CA THR A 120 9.01 19.60 28.25
C THR A 120 9.91 18.48 27.78
N HIS A 121 9.40 17.64 26.88
CA HIS A 121 10.22 16.57 26.31
C HIS A 121 11.42 17.15 25.56
N GLU A 122 11.27 18.36 25.03
CA GLU A 122 12.34 19.07 24.35
C GLU A 122 13.52 19.29 25.26
N GLN A 123 13.25 19.88 26.42
CA GLN A 123 14.27 20.12 27.43
C GLN A 123 14.84 18.78 27.93
N GLY A 124 13.97 17.79 28.09
CA GLY A 124 14.44 16.44 28.37
C GLY A 124 15.38 15.90 27.31
N SER A 125 15.09 16.17 26.05
CA SER A 125 15.91 15.66 24.96
C SER A 125 17.31 16.27 25.00
N VAL A 126 17.43 17.56 25.28
CA VAL A 126 18.74 18.17 25.44
C VAL A 126 19.54 17.55 26.55
N MET A 127 18.90 17.32 27.69
CA MET A 127 19.59 16.81 28.85
C MET A 127 20.00 15.37 28.63
N MET A 128 19.12 14.60 28.01
CA MET A 128 19.43 13.21 27.72
C MET A 128 20.57 13.13 26.72
N PHE A 129 20.56 14.05 25.76
CA PHE A 129 21.59 14.10 24.74
C PHE A 129 22.98 14.36 25.30
N GLU A 130 23.08 15.38 26.15
CA GLU A 130 24.29 15.69 26.89
C GLU A 130 24.76 14.46 27.64
N HIS A 131 23.86 13.82 28.38
CA HIS A 131 24.20 12.62 29.13
C HIS A 131 24.67 11.48 28.20
N LEU A 132 24.01 11.32 27.07
CA LEU A 132 24.39 10.30 26.08
C LEU A 132 25.84 10.52 25.56
N ILE A 133 26.13 11.77 25.19
CA ILE A 133 27.46 12.15 24.71
C ILE A 133 28.53 11.86 25.75
N ASN A 134 28.31 12.37 26.96
CA ASN A 134 29.30 12.28 28.00
C ASN A 134 29.49 10.88 28.49
N SER A 135 28.40 10.14 28.70
CA SER A 135 28.51 8.77 29.16
C SER A 135 29.16 7.83 28.17
N ASN A 136 29.19 8.15 26.89
CA ASN A 136 29.57 7.14 25.90
C ASN A 136 30.79 7.52 25.06
N GLY A 137 31.49 8.57 25.45
CA GLY A 137 32.71 8.97 24.79
C GLY A 137 32.49 9.39 23.37
N ILE A 138 31.41 10.13 23.12
CA ILE A 138 31.04 10.47 21.74
C ILE A 138 31.84 11.65 21.16
N LYS A 139 32.33 12.55 22.02
CA LYS A 139 33.09 13.71 21.49
C LYS A 139 34.31 13.37 20.60
N PRO A 140 35.14 12.44 21.04
CA PRO A 140 36.25 11.99 20.18
C PRO A 140 35.81 11.38 18.88
N VAL A 141 34.70 10.65 18.91
CA VAL A 141 34.18 10.06 17.67
C VAL A 141 33.69 11.15 16.73
N MET A 142 33.03 12.16 17.28
CA MET A 142 32.63 13.33 16.50
C MET A 142 33.83 14.01 15.82
N GLU A 143 34.90 14.19 16.58
CA GLU A 143 36.13 14.78 16.05
C GLU A 143 36.72 13.93 14.94
N GLN A 144 36.67 12.63 15.12
CA GLN A 144 37.18 11.70 14.14
C GLN A 144 36.50 11.87 12.78
N TYR A 145 35.25 12.33 12.77
CA TYR A 145 34.50 12.49 11.53
C TYR A 145 34.32 13.96 11.17
N GLY A 146 35.17 14.82 11.69
CA GLY A 146 35.23 16.20 11.25
C GLY A 146 34.31 17.19 11.94
N LEU A 147 33.58 16.76 12.97
CA LEU A 147 32.79 17.72 13.72
C LEU A 147 33.65 18.44 14.73
N ILE A 148 33.19 19.62 15.13
CA ILE A 148 33.83 20.43 16.16
C ILE A 148 32.88 20.49 17.35
N PRO A 149 33.08 19.61 18.33
CA PRO A 149 32.13 19.43 19.41
C PRO A 149 31.55 20.68 20.06
N GLU A 150 32.39 21.67 20.34
CA GLU A 150 31.94 22.88 21.05
C GLU A 150 30.78 23.54 20.30
N GLU A 151 31.03 23.95 19.06
CA GLU A 151 30.01 24.54 18.21
C GLU A 151 28.88 23.60 17.81
N ASP A 152 29.24 22.38 17.42
CA ASP A 152 28.31 21.45 16.83
C ASP A 152 27.33 20.84 17.83
N ILE A 153 27.80 20.52 19.02
CA ILE A 153 26.90 20.13 20.11
C ILE A 153 25.92 21.25 20.42
N CYS A 154 26.40 22.48 20.44
CA CYS A 154 25.54 23.63 20.65
C CYS A 154 24.50 23.73 19.57
N PHE A 155 24.94 23.56 18.33
CA PHE A 155 24.05 23.57 17.18
C PHE A 155 22.93 22.53 17.29
N ILE A 156 23.32 21.31 17.65
CA ILE A 156 22.39 20.21 17.76
C ILE A 156 21.32 20.51 18.83
N LYS A 157 21.74 21.00 19.96
CA LYS A 157 20.84 21.35 21.03
C LYS A 157 19.92 22.49 20.61
N GLU A 158 20.46 23.49 19.92
CA GLU A 158 19.64 24.60 19.48
C GLU A 158 18.58 24.14 18.49
N GLN A 159 18.92 23.17 17.64
CA GLN A 159 17.95 22.59 16.70
C GLN A 159 16.80 21.92 17.43
N ILE A 160 17.07 21.34 18.58
CA ILE A 160 16.06 20.65 19.35
C ILE A 160 15.20 21.56 20.22
N VAL A 161 15.82 22.52 20.90
CA VAL A 161 15.10 23.30 21.90
C VAL A 161 15.00 24.78 21.57
N GLY A 162 15.67 25.23 20.52
CA GLY A 162 15.71 26.64 20.17
C GLY A 162 16.84 27.35 20.88
N PRO A 163 16.87 28.69 20.82
CA PRO A 163 17.97 29.45 21.43
C PRO A 163 18.11 29.14 22.89
N LEU A 164 19.34 28.92 23.33
CA LEU A 164 19.63 28.57 24.71
C LEU A 164 19.59 29.77 25.68
N GLU A 165 19.28 30.99 25.20
CA GLU A 165 19.04 32.13 26.11
C GLU A 165 17.53 32.30 26.35
N LEU A 172 18.21 40.82 16.73
CA LEU A 172 19.50 40.16 16.91
C LEU A 172 19.44 38.66 16.60
N TRP A 173 20.48 38.12 15.96
CA TRP A 173 20.60 36.68 15.66
C TRP A 173 20.85 35.89 16.96
N PRO A 174 19.84 35.11 17.42
CA PRO A 174 19.93 34.51 18.75
C PRO A 174 20.70 33.19 18.85
N TYR A 175 21.19 32.67 17.74
CA TYR A 175 21.78 31.34 17.75
C TYR A 175 23.29 31.44 17.69
N LYS A 176 23.94 30.49 18.33
CA LYS A 176 25.39 30.43 18.33
C LYS A 176 26.00 29.29 17.54
N GLY A 177 25.22 28.22 17.26
CA GLY A 177 25.78 27.03 16.62
C GLY A 177 26.05 27.25 15.16
N ARG A 178 25.24 28.08 14.53
CA ARG A 178 25.48 28.44 13.13
C ARG A 178 25.08 29.90 12.92
N PRO A 179 25.73 30.56 11.93
CA PRO A 179 25.47 31.97 11.66
C PRO A 179 24.29 32.10 10.73
N GLU A 180 23.86 33.33 10.50
CA GLU A 180 22.65 33.61 9.70
C GLU A 180 22.66 33.07 8.26
N ASN A 181 23.84 32.99 7.69
CA ASN A 181 24.21 32.30 6.47
C ASN A 181 23.59 30.89 6.33
N LYS A 182 23.40 30.25 7.49
CA LYS A 182 22.88 28.88 7.56
C LYS A 182 21.55 28.77 8.33
N SER A 183 20.84 29.89 8.44
CA SER A 183 19.56 29.96 9.17
C SER A 183 18.59 28.87 8.83
N PHE A 184 18.52 28.58 7.53
CA PHE A 184 17.62 27.57 7.00
C PHE A 184 17.80 26.19 7.63
N LEU A 185 18.98 25.92 8.17
CA LEU A 185 19.23 24.61 8.77
C LEU A 185 18.41 24.42 10.02
N TYR A 186 18.03 25.51 10.67
CA TYR A 186 17.22 25.46 11.89
C TYR A 186 15.75 25.20 11.65
N GLU A 187 15.35 25.15 10.39
CA GLU A 187 13.97 24.90 10.03
C GLU A 187 13.69 23.44 9.66
N ILE A 188 14.69 22.56 9.73
CA ILE A 188 14.55 21.17 9.29
C ILE A 188 13.94 20.25 10.36
N VAL A 189 14.54 20.25 11.55
CA VAL A 189 14.22 19.26 12.58
C VAL A 189 13.07 19.68 13.48
N SER A 190 13.10 20.91 13.93
CA SER A 190 12.04 21.42 14.73
C SER A 190 11.85 22.87 14.39
N ASN A 191 10.87 23.12 13.53
CA ASN A 191 10.70 24.42 12.95
C ASN A 191 9.86 25.32 13.88
N LYS A 192 10.54 26.17 14.62
CA LYS A 192 9.91 27.08 15.57
C LYS A 192 9.08 28.21 14.94
N ARG A 193 9.36 28.56 13.68
CA ARG A 193 8.68 29.62 12.97
C ARG A 193 7.26 29.25 12.53
N ASN A 194 7.08 28.06 11.95
CA ASN A 194 5.78 27.67 11.47
C ASN A 194 5.40 26.17 11.63
N GLY A 195 6.25 25.37 12.25
CA GLY A 195 5.90 23.97 12.53
C GLY A 195 6.09 22.98 11.38
N ILE A 196 6.58 23.45 10.25
CA ILE A 196 6.75 22.57 9.09
C ILE A 196 8.12 21.94 9.16
N ASP A 197 8.16 20.71 9.65
CA ASP A 197 9.43 20.04 9.86
C ASP A 197 9.35 18.54 9.67
N VAL A 198 10.51 17.91 9.61
CA VAL A 198 10.59 16.53 9.22
C VAL A 198 10.03 15.58 10.29
N ASP A 199 9.87 16.10 11.52
CA ASP A 199 9.35 15.28 12.60
C ASP A 199 7.87 14.92 12.33
N LYS A 200 7.09 15.92 11.93
CA LYS A 200 5.70 15.69 11.51
C LYS A 200 5.65 14.71 10.33
N TRP A 201 6.53 14.88 9.38
CA TRP A 201 6.43 14.09 8.20
C TRP A 201 6.63 12.62 8.52
N ASP A 202 7.55 12.29 9.41
CA ASP A 202 7.71 10.88 9.78
C ASP A 202 6.51 10.40 10.54
N TYR A 203 6.02 11.19 11.50
CA TYR A 203 4.91 10.62 12.32
C TYR A 203 3.62 10.51 11.54
N PHE A 204 3.36 11.40 10.59
CA PHE A 204 2.18 11.26 9.72
C PHE A 204 2.21 9.88 9.00
N ALA A 205 3.33 9.59 8.36
CA ALA A 205 3.47 8.35 7.60
C ALA A 205 3.47 7.14 8.45
N ARG A 206 4.24 7.17 9.55
CA ARG A 206 4.39 6.03 10.45
C ARG A 206 3.13 5.78 11.27
N ASP A 207 2.54 6.86 11.85
CA ASP A 207 1.38 6.66 12.66
C ASP A 207 0.25 6.12 11.82
N CYS A 208 0.03 6.70 10.62
CA CYS A 208 -0.98 6.17 9.68
C CYS A 208 -0.79 4.69 9.32
N HIS A 209 0.42 4.34 8.96
CA HIS A 209 0.78 2.91 8.60
C HIS A 209 0.38 1.95 9.68
N HIS A 210 0.58 2.37 10.95
CA HIS A 210 0.25 1.56 12.10
C HIS A 210 -1.15 1.63 12.60
N LEU A 211 -1.73 2.83 12.58
CA LEU A 211 -3.11 3.00 13.05
C LEU A 211 -4.10 2.35 12.15
N GLY A 212 -3.78 2.28 10.85
CA GLY A 212 -4.72 1.82 9.79
C GLY A 212 -5.59 2.94 9.26
N ILE A 213 -5.02 4.14 9.16
CA ILE A 213 -5.67 5.31 8.62
C ILE A 213 -4.71 5.77 7.54
N GLN A 214 -5.22 6.32 6.47
CA GLN A 214 -4.37 6.65 5.33
C GLN A 214 -3.87 8.12 5.39
N ASN A 215 -2.58 8.30 5.13
CA ASN A 215 -1.94 9.63 5.17
C ASN A 215 -2.07 10.35 3.85
N ASN A 216 -2.59 11.57 3.87
CA ASN A 216 -2.79 12.34 2.66
C ASN A 216 -1.63 13.34 2.34
N PHE A 217 -0.64 13.53 3.23
CA PHE A 217 0.46 14.49 2.96
C PHE A 217 1.71 13.89 2.32
N ASP A 218 2.17 14.50 1.23
CA ASP A 218 3.29 13.99 0.42
C ASP A 218 4.57 14.81 0.65
N TYR A 219 5.40 14.33 1.56
CA TYR A 219 6.57 15.03 2.04
C TYR A 219 7.64 15.03 0.94
N LYS A 220 7.69 13.98 0.10
CA LYS A 220 8.69 13.92 -0.94
C LYS A 220 8.45 14.96 -1.97
N ARG A 221 7.18 15.20 -2.26
CA ARG A 221 6.85 16.29 -3.14
C ARG A 221 7.36 17.61 -2.55
N PHE A 222 7.11 17.83 -1.26
CA PHE A 222 7.48 19.09 -0.63
C PHE A 222 8.98 19.33 -0.75
N ILE A 223 9.74 18.30 -0.44
CA ILE A 223 11.17 18.36 -0.58
C ILE A 223 11.61 18.69 -1.96
N LYS A 224 11.03 18.06 -2.98
CA LYS A 224 11.38 18.40 -4.35
C LYS A 224 11.14 19.84 -4.72
N PHE A 225 10.15 20.50 -4.12
CA PHE A 225 9.84 21.89 -4.42
C PHE A 225 10.45 22.87 -3.45
N ALA A 226 11.26 22.42 -2.52
CA ALA A 226 11.77 23.34 -1.56
C ALA A 226 13.06 23.99 -2.06
N ARG A 227 13.25 25.27 -1.70
CA ARG A 227 14.43 26.04 -2.05
C ARG A 227 14.80 26.93 -0.91
N VAL A 228 16.04 27.41 -0.92
CA VAL A 228 16.42 28.45 0.05
C VAL A 228 16.46 29.78 -0.64
N CYS A 229 15.82 30.77 -0.03
CA CYS A 229 15.81 32.16 -0.51
C CYS A 229 16.07 33.14 0.62
N GLU A 230 16.56 34.34 0.26
CA GLU A 230 16.76 35.38 1.26
C GLU A 230 15.43 36.00 1.68
N VAL A 231 15.16 36.02 2.97
CA VAL A 231 13.97 36.65 3.54
C VAL A 231 14.43 37.48 4.73
N ASP A 232 14.12 38.78 4.69
CA ASP A 232 14.57 39.79 5.70
C ASP A 232 15.98 39.54 6.22
N ASN A 233 16.93 39.43 5.30
CA ASN A 233 18.36 39.20 5.63
C ASN A 233 18.72 37.90 6.30
N GLU A 234 17.82 36.91 6.18
CA GLU A 234 18.11 35.53 6.55
C GLU A 234 17.92 34.66 5.32
N LEU A 235 18.74 33.62 5.19
CA LEU A 235 18.46 32.54 4.23
C LEU A 235 17.46 31.52 4.81
N ARG A 236 16.25 31.49 4.27
CA ARG A 236 15.18 30.57 4.75
C ARG A 236 14.67 29.61 3.70
N ILE A 237 14.12 28.49 4.18
CA ILE A 237 13.52 27.51 3.29
C ILE A 237 12.24 28.10 2.75
N CYS A 238 12.09 28.09 1.43
CA CYS A 238 10.85 28.50 0.79
C CYS A 238 10.23 27.40 -0.01
N ALA A 239 8.90 27.36 0.01
CA ALA A 239 8.14 26.42 -0.78
C ALA A 239 7.62 27.07 -2.08
N ARG A 240 7.38 26.23 -3.09
CA ARG A 240 6.85 26.72 -4.33
C ARG A 240 5.44 27.22 -4.09
N ASP A 241 5.11 28.39 -4.65
CA ASP A 241 3.81 29.04 -4.46
C ASP A 241 2.61 28.08 -4.54
N LYS A 242 2.53 27.35 -5.64
CA LYS A 242 1.40 26.46 -5.91
C LYS A 242 1.30 25.27 -4.93
N GLU A 243 2.30 25.01 -4.10
CA GLU A 243 2.16 24.07 -3.04
C GLU A 243 1.39 24.57 -1.82
N VAL A 244 0.93 25.84 -1.82
CA VAL A 244 0.31 26.40 -0.61
C VAL A 244 -0.91 25.60 -0.15
N GLY A 245 -1.67 25.09 -1.10
CA GLY A 245 -2.87 24.27 -0.80
C GLY A 245 -2.49 22.97 -0.12
N ASN A 246 -1.38 22.38 -0.55
CA ASN A 246 -0.86 21.20 0.09
C ASN A 246 -0.41 21.49 1.51
N LEU A 247 0.07 22.69 1.76
CA LEU A 247 0.48 23.06 3.14
C LEU A 247 -0.68 23.25 4.08
N TYR A 248 -1.72 23.94 3.63
CA TYR A 248 -2.93 23.95 4.43
C TYR A 248 -3.38 22.50 4.70
N ASP A 249 -3.40 21.69 3.67
CA ASP A 249 -3.79 20.28 3.87
C ASP A 249 -2.95 19.53 4.89
N MET A 250 -1.65 19.81 4.95
CA MET A 250 -0.81 19.20 5.93
C MET A 250 -1.30 19.41 7.34
N PHE A 251 -1.67 20.65 7.66
CA PHE A 251 -2.16 20.98 9.01
C PHE A 251 -3.56 20.44 9.23
N HIS A 252 -4.38 20.43 8.20
CA HIS A 252 -5.68 19.80 8.26
C HIS A 252 -5.49 18.29 8.60
N THR A 253 -4.52 17.64 7.98
CA THR A 253 -4.21 16.21 8.29
C THR A 253 -3.75 16.03 9.70
N ARG A 254 -2.84 16.88 10.13
CA ARG A 254 -2.49 16.86 11.56
C ARG A 254 -3.72 16.92 12.47
N ASN A 255 -4.63 17.83 12.20
CA ASN A 255 -5.77 18.05 13.09
C ASN A 255 -6.69 16.83 13.07
N SER A 256 -6.83 16.22 11.92
CA SER A 256 -7.63 14.99 11.76
C SER A 256 -7.07 13.87 12.57
N LEU A 257 -5.77 13.71 12.52
CA LEU A 257 -5.12 12.66 13.26
C LEU A 257 -5.30 12.88 14.78
N HIS A 258 -5.20 14.12 15.22
CA HIS A 258 -5.52 14.43 16.62
C HIS A 258 -6.95 14.06 16.96
N ARG A 259 -7.90 14.45 16.12
CA ARG A 259 -9.33 14.15 16.38
C ARG A 259 -9.64 12.67 16.36
N ARG A 260 -9.12 11.95 15.39
CA ARG A 260 -9.45 10.53 15.26
C ARG A 260 -8.66 9.63 16.21
N ALA A 261 -7.41 9.96 16.46
CA ALA A 261 -6.50 9.03 17.12
C ALA A 261 -5.86 9.62 18.38
N TYR A 262 -5.09 10.69 18.24
CA TYR A 262 -4.26 11.09 19.35
C TYR A 262 -5.11 11.69 20.51
N GLN A 263 -6.32 12.15 20.23
CA GLN A 263 -7.21 12.60 21.30
C GLN A 263 -8.43 11.75 21.31
N HIS A 264 -8.32 10.50 20.91
CA HIS A 264 -9.49 9.61 20.99
C HIS A 264 -9.96 9.60 22.45
N LYS A 265 -11.26 9.67 22.68
CA LYS A 265 -11.82 9.85 24.06
C LYS A 265 -11.45 8.71 24.99
N VAL A 266 -11.36 7.50 24.44
CA VAL A 266 -10.96 6.37 25.25
C VAL A 266 -9.42 6.26 25.38
N GLY A 267 -8.66 6.54 24.33
CA GLY A 267 -7.23 6.63 24.50
C GLY A 267 -6.86 7.63 25.58
N ASN A 268 -7.53 8.79 25.60
CA ASN A 268 -7.28 9.78 26.66
C ASN A 268 -7.67 9.33 28.09
N ILE A 269 -8.77 8.62 28.22
CA ILE A 269 -9.14 8.14 29.51
C ILE A 269 -8.20 7.04 29.97
N ILE A 270 -7.67 6.21 29.05
CA ILE A 270 -6.66 5.25 29.46
C ILE A 270 -5.36 5.93 29.96
N ASP A 271 -4.88 6.93 29.21
CA ASP A 271 -3.77 7.76 29.67
C ASP A 271 -4.04 8.36 31.05
N THR A 272 -5.27 8.81 31.27
CA THR A 272 -5.65 9.43 32.55
C THR A 272 -5.61 8.39 33.64
N MET A 273 -6.13 7.20 33.38
CA MET A 273 -6.09 6.15 34.38
C MET A 273 -4.65 5.70 34.67
N ILE A 274 -3.83 5.59 33.64
CA ILE A 274 -2.42 5.23 33.89
C ILE A 274 -1.72 6.32 34.71
N THR A 275 -1.95 7.57 34.35
CA THR A 275 -1.45 8.70 35.15
C THR A 275 -1.85 8.58 36.65
N ASP A 276 -3.11 8.26 36.90
CA ASP A 276 -3.65 8.08 38.26
C ASP A 276 -2.91 6.98 39.02
N ALA A 277 -2.70 5.84 38.37
CA ALA A 277 -1.90 4.75 38.92
C ALA A 277 -0.49 5.22 39.24
N PHE A 278 0.13 5.94 38.32
CA PHE A 278 1.51 6.46 38.52
C PHE A 278 1.56 7.40 39.73
N LEU A 279 0.57 8.28 39.88
CA LEU A 279 0.50 9.17 41.06
C LEU A 279 0.40 8.39 42.38
N LYS A 280 -0.41 7.34 42.39
CA LYS A 280 -0.53 6.48 43.55
C LYS A 280 0.67 5.60 43.83
N ALA A 281 1.49 5.36 42.81
CA ALA A 281 2.66 4.53 42.97
C ALA A 281 3.89 5.37 43.25
N ASP A 282 3.80 6.69 43.08
CA ASP A 282 4.97 7.57 43.08
C ASP A 282 5.78 7.54 44.39
N ASP A 283 5.11 7.36 45.52
CA ASP A 283 5.80 7.30 46.80
C ASP A 283 6.58 6.01 46.99
N TYR A 284 6.26 4.96 46.25
CA TYR A 284 6.81 3.63 46.52
C TYR A 284 7.76 3.04 45.48
N ILE A 285 7.68 3.46 44.23
CA ILE A 285 8.60 2.96 43.21
C ILE A 285 9.87 3.73 43.32
N GLU A 286 10.98 3.01 43.20
CA GLU A 286 12.27 3.61 43.35
C GLU A 286 13.10 3.29 42.12
N ILE A 287 13.74 4.31 41.59
CA ILE A 287 14.56 4.16 40.45
C ILE A 287 15.94 4.63 40.79
N THR A 288 16.90 3.76 40.53
CA THR A 288 18.26 3.96 40.93
C THR A 288 18.98 4.79 39.89
N GLY A 289 19.53 5.92 40.33
CA GLY A 289 20.24 6.82 39.45
C GLY A 289 21.73 6.88 39.72
N ALA A 290 22.31 8.05 39.47
CA ALA A 290 23.74 8.25 39.64
C ALA A 290 24.17 8.03 41.11
N GLY A 291 25.29 7.33 41.29
CA GLY A 291 25.86 7.03 42.60
C GLY A 291 24.98 6.13 43.45
N GLY A 292 24.09 5.35 42.85
CA GLY A 292 23.15 4.52 43.60
C GLY A 292 21.98 5.22 44.26
N LYS A 293 21.93 6.56 44.20
CA LYS A 293 20.82 7.31 44.79
C LYS A 293 19.48 6.90 44.16
N LYS A 294 18.43 6.95 44.98
CA LYS A 294 17.10 6.52 44.58
C LYS A 294 16.26 7.69 44.16
N TYR A 295 15.49 7.52 43.09
CA TYR A 295 14.57 8.54 42.61
C TYR A 295 13.21 7.95 42.49
N ARG A 296 12.22 8.83 42.40
CA ARG A 296 10.88 8.37 42.12
C ARG A 296 10.48 8.70 40.69
N ILE A 297 9.33 8.18 40.27
CA ILE A 297 8.83 8.42 38.94
C ILE A 297 8.83 9.92 38.69
N SER A 298 8.33 10.72 39.65
CA SER A 298 8.19 12.14 39.43
C SER A 298 9.49 12.88 39.53
N THR A 299 10.53 12.27 40.09
CA THR A 299 11.82 12.94 40.18
C THR A 299 12.92 12.41 39.27
N ALA A 300 12.65 11.33 38.55
CA ALA A 300 13.66 10.77 37.65
C ALA A 300 14.11 11.77 36.60
N ILE A 301 13.25 12.75 36.30
CA ILE A 301 13.59 13.84 35.39
C ILE A 301 14.72 14.73 35.87
N ASP A 302 15.10 14.61 37.14
CA ASP A 302 16.23 15.35 37.68
C ASP A 302 17.57 14.65 37.53
N ASP A 303 17.59 13.36 37.17
CA ASP A 303 18.82 12.60 37.00
C ASP A 303 18.70 11.73 35.77
N MET A 304 19.53 12.02 34.78
CA MET A 304 19.45 11.37 33.51
C MET A 304 19.75 9.87 33.59
N GLU A 305 20.63 9.49 34.49
CA GLU A 305 20.92 8.06 34.68
C GLU A 305 19.67 7.30 35.16
N ALA A 306 18.87 7.93 36.03
CA ALA A 306 17.61 7.33 36.45
C ALA A 306 16.56 7.41 35.35
N TYR A 307 16.48 8.57 34.71
CA TYR A 307 15.56 8.75 33.59
C TYR A 307 15.79 7.72 32.43
N THR A 308 17.06 7.41 32.14
CA THR A 308 17.40 6.32 31.23
C THR A 308 16.61 5.06 31.50
N LYS A 309 16.34 4.76 32.76
CA LYS A 309 15.60 3.55 33.13
C LYS A 309 14.11 3.75 33.29
N LEU A 310 13.58 4.95 32.94
CA LEU A 310 12.18 5.24 33.15
C LEU A 310 11.42 5.10 31.82
N THR A 311 10.72 3.98 31.66
CA THR A 311 10.04 3.63 30.44
C THR A 311 8.65 3.04 30.71
N ASP A 312 8.00 2.57 29.68
CA ASP A 312 6.68 1.90 29.79
C ASP A 312 6.72 0.71 30.76
N ASN A 313 7.92 0.17 30.99
CA ASN A 313 8.06 -0.89 31.98
C ASN A 313 7.46 -0.58 33.35
N ILE A 314 7.42 0.68 33.71
CA ILE A 314 6.82 1.09 34.98
C ILE A 314 5.40 0.61 35.12
N PHE A 315 4.64 0.65 34.06
CA PHE A 315 3.29 0.12 34.00
C PHE A 315 3.27 -1.35 34.45
N LEU A 316 4.15 -2.19 33.89
CA LEU A 316 4.16 -3.64 34.24
C LEU A 316 4.74 -3.91 35.63
N GLU A 317 5.74 -3.15 36.01
CA GLU A 317 6.24 -3.25 37.35
C GLU A 317 5.10 -3.00 38.37
N ILE A 318 4.28 -1.99 38.14
CA ILE A 318 3.12 -1.76 38.99
C ILE A 318 2.12 -2.90 38.91
N LEU A 319 1.79 -3.32 37.71
CA LEU A 319 0.77 -4.35 37.50
C LEU A 319 1.15 -5.70 38.12
N TYR A 320 2.42 -6.06 38.02
CA TYR A 320 2.93 -7.31 38.59
C TYR A 320 3.38 -7.24 40.07
N SER A 321 3.26 -6.09 40.69
CA SER A 321 3.73 -5.93 42.08
C SER A 321 2.88 -6.74 43.05
N THR A 322 3.47 -7.13 44.18
CA THR A 322 2.75 -7.80 45.29
C THR A 322 2.77 -6.96 46.58
N ASP A 323 3.64 -5.95 46.66
CA ASP A 323 3.64 -5.01 47.79
C ASP A 323 2.24 -4.39 48.02
N PRO A 324 1.68 -4.56 49.22
CA PRO A 324 0.41 -3.93 49.57
C PRO A 324 0.43 -2.43 49.49
N LYS A 325 1.58 -1.79 49.60
CA LYS A 325 1.66 -0.34 49.37
C LYS A 325 1.28 0.09 47.95
N LEU A 326 1.49 -0.80 46.98
CA LEU A 326 1.16 -0.54 45.56
C LEU A 326 -0.21 -1.05 45.18
N LYS A 327 -1.00 -1.47 46.17
CA LYS A 327 -2.31 -2.06 45.91
C LYS A 327 -3.23 -1.13 45.18
N ASP A 328 -3.34 0.14 45.59
CA ASP A 328 -4.28 1.07 44.95
C ASP A 328 -3.87 1.41 43.51
N ALA A 329 -2.59 1.63 43.29
CA ALA A 329 -2.06 1.80 41.95
C ALA A 329 -2.32 0.57 41.10
N ARG A 330 -2.01 -0.61 41.63
CA ARG A 330 -2.16 -1.87 40.92
C ARG A 330 -3.62 -2.14 40.55
N GLU A 331 -4.55 -1.76 41.41
CA GLU A 331 -5.98 -1.95 41.13
C GLU A 331 -6.45 -1.14 39.95
N ILE A 332 -5.96 0.09 39.84
CA ILE A 332 -6.36 0.93 38.73
C ILE A 332 -5.90 0.26 37.40
N LEU A 333 -4.65 -0.17 37.33
CA LEU A 333 -4.17 -0.89 36.13
C LEU A 333 -4.91 -2.20 35.85
N LYS A 334 -5.32 -2.91 36.88
CA LYS A 334 -6.15 -4.09 36.68
C LYS A 334 -7.53 -3.76 36.10
N GLN A 335 -8.11 -2.64 36.47
CA GLN A 335 -9.36 -2.20 35.87
C GLN A 335 -9.21 -1.91 34.37
N ILE A 336 -8.04 -1.42 33.97
CA ILE A 336 -7.75 -1.23 32.57
C ILE A 336 -7.73 -2.58 31.83
N GLU A 337 -7.11 -3.60 32.38
CA GLU A 337 -7.11 -4.95 31.74
C GLU A 337 -8.48 -5.57 31.60
N TYR A 338 -9.37 -5.33 32.58
CA TYR A 338 -10.77 -5.80 32.50
C TYR A 338 -11.62 -4.87 31.69
N ARG A 339 -11.06 -3.76 31.24
CA ARG A 339 -11.82 -2.75 30.51
C ARG A 339 -12.96 -2.14 31.36
N ASN A 340 -12.74 -2.03 32.65
CA ASN A 340 -13.67 -1.35 33.50
C ASN A 340 -13.15 0.09 33.59
N LEU A 341 -13.38 0.86 32.53
CA LEU A 341 -12.82 2.19 32.44
C LEU A 341 -13.84 3.25 32.94
N PHE A 342 -13.32 4.40 33.34
CA PHE A 342 -14.17 5.56 33.60
C PHE A 342 -15.03 5.79 32.35
N LYS A 343 -16.29 6.21 32.54
CA LYS A 343 -17.26 6.24 31.43
C LYS A 343 -17.33 7.62 30.81
N TYR A 344 -17.33 7.65 29.49
CA TYR A 344 -17.47 8.88 28.74
C TYR A 344 -18.90 9.38 28.84
N VAL A 345 -19.04 10.64 29.20
CA VAL A 345 -20.36 11.28 29.35
C VAL A 345 -20.68 12.08 28.09
N GLY A 346 -19.73 12.89 27.65
CA GLY A 346 -19.89 13.61 26.42
C GLY A 346 -18.85 14.66 26.13
N GLU A 347 -19.09 15.41 25.07
CA GLU A 347 -18.18 16.43 24.62
C GLU A 347 -18.93 17.74 24.31
N THR A 348 -18.30 18.88 24.55
CA THR A 348 -18.87 20.16 24.19
C THR A 348 -17.73 21.11 23.88
N GLN A 349 -18.05 22.34 23.49
CA GLN A 349 -17.05 23.38 23.28
C GLN A 349 -17.57 24.71 23.79
N PRO A 350 -16.66 25.59 24.22
CA PRO A 350 -17.05 26.95 24.55
C PRO A 350 -17.52 27.67 23.30
N THR A 351 -18.30 28.72 23.50
CA THR A 351 -18.84 29.58 22.46
C THR A 351 -18.30 31.01 22.63
N GLY A 352 -18.34 31.78 21.56
CA GLY A 352 -18.00 33.21 21.64
C GLY A 352 -16.51 33.45 21.86
N GLN A 353 -16.17 34.35 22.80
CA GLN A 353 -14.76 34.63 23.06
C GLN A 353 -14.29 33.88 24.30
N ILE A 354 -15.15 33.00 24.83
CA ILE A 354 -14.80 32.22 26.02
C ILE A 354 -13.59 31.30 25.73
N LYS A 355 -12.56 31.39 26.57
CA LYS A 355 -11.36 30.60 26.45
C LYS A 355 -10.98 30.10 27.85
N ILE A 356 -11.00 28.79 28.08
CA ILE A 356 -10.75 28.26 29.43
C ILE A 356 -9.24 28.17 29.66
N LYS A 357 -8.79 28.75 30.76
CA LYS A 357 -7.38 28.81 31.11
C LYS A 357 -6.99 27.61 31.95
N ARG A 358 -5.72 27.20 31.83
CA ARG A 358 -5.17 26.11 32.64
C ARG A 358 -5.44 26.19 34.16
N GLU A 359 -5.43 27.41 34.68
CA GLU A 359 -5.63 27.65 36.13
C GLU A 359 -7.07 27.38 36.57
N ASP A 360 -8.00 27.28 35.63
CA ASP A 360 -9.40 26.99 35.95
C ASP A 360 -9.78 25.53 35.76
N TYR A 361 -8.86 24.69 35.25
CA TYR A 361 -9.17 23.29 34.95
C TYR A 361 -9.67 22.57 36.18
N GLU A 362 -9.03 22.79 37.32
CA GLU A 362 -9.37 22.05 38.55
C GLU A 362 -10.74 22.34 39.06
N SER A 363 -11.25 23.53 38.80
CA SER A 363 -12.57 23.93 39.27
C SER A 363 -13.73 23.35 38.44
N LEU A 364 -13.43 22.71 37.31
CA LEU A 364 -14.50 22.29 36.39
C LEU A 364 -15.35 21.11 36.87
N PRO A 365 -14.72 20.04 37.44
CA PRO A 365 -15.55 18.97 38.00
C PRO A 365 -16.52 19.47 39.09
N LYS A 366 -16.06 20.45 39.86
CA LYS A 366 -16.86 21.10 40.88
C LYS A 366 -18.06 21.81 40.24
N GLU A 367 -17.84 22.53 39.17
CA GLU A 367 -18.95 23.18 38.48
C GLU A 367 -19.97 22.16 37.97
N VAL A 368 -19.49 21.05 37.40
CA VAL A 368 -20.40 20.07 36.82
C VAL A 368 -21.29 19.49 37.90
N ALA A 369 -20.69 19.15 39.02
CA ALA A 369 -21.42 18.58 40.15
C ALA A 369 -22.38 19.61 40.82
N SER A 370 -22.15 20.91 40.62
CA SER A 370 -23.01 21.99 41.14
C SER A 370 -24.19 22.34 40.26
N ALA A 371 -24.25 21.76 39.06
CA ALA A 371 -25.39 21.98 38.17
C ALA A 371 -26.68 21.38 38.77
N LYS A 372 -27.82 21.98 38.43
CA LYS A 372 -29.09 21.63 39.07
C LYS A 372 -30.07 21.23 37.98
N PRO A 373 -29.83 20.06 37.36
CA PRO A 373 -30.73 19.65 36.32
C PRO A 373 -32.10 19.39 37.00
N LYS A 374 -33.21 19.88 36.44
CA LYS A 374 -34.52 19.72 37.11
C LYS A 374 -35.18 18.39 36.71
N VAL A 375 -34.64 17.27 37.18
CA VAL A 375 -35.12 15.93 36.84
C VAL A 375 -34.95 15.10 38.08
N LEU A 376 -35.72 14.04 38.17
CA LEU A 376 -35.61 13.15 39.32
C LEU A 376 -34.40 12.22 39.18
N LEU A 377 -33.53 12.25 40.20
CA LEU A 377 -32.31 11.45 40.20
C LEU A 377 -32.21 10.53 41.41
N ASP A 378 -31.95 9.25 41.13
CA ASP A 378 -31.68 8.21 42.14
C ASP A 378 -30.41 8.45 42.98
N VAL A 379 -29.38 8.93 42.32
CA VAL A 379 -28.08 9.15 42.94
C VAL A 379 -27.74 10.62 42.81
N LYS A 380 -26.97 11.11 43.77
CA LYS A 380 -26.35 12.41 43.67
C LYS A 380 -24.85 12.19 43.47
N LEU A 381 -24.27 12.94 42.55
CA LEU A 381 -22.84 12.82 42.26
C LEU A 381 -22.09 14.02 42.82
N LYS A 382 -20.82 13.79 43.15
CA LYS A 382 -19.95 14.80 43.71
C LYS A 382 -18.84 15.14 42.72
N ALA A 383 -18.14 16.23 42.98
CA ALA A 383 -17.04 16.69 42.17
C ALA A 383 -16.04 15.59 41.83
N GLU A 384 -15.63 14.82 42.83
CA GLU A 384 -14.63 13.76 42.65
C GLU A 384 -15.09 12.64 41.73
N ASP A 385 -16.40 12.59 41.42
CA ASP A 385 -16.92 11.58 40.52
C ASP A 385 -16.72 11.93 39.05
N PHE A 386 -16.36 13.19 38.79
CA PHE A 386 -16.22 13.67 37.44
C PHE A 386 -14.78 13.93 37.08
N ILE A 387 -14.46 13.61 35.83
CA ILE A 387 -13.25 14.08 35.17
C ILE A 387 -13.66 15.03 34.03
N VAL A 388 -12.94 16.13 33.91
CA VAL A 388 -13.16 17.07 32.83
C VAL A 388 -11.83 17.27 32.13
N ASP A 389 -11.79 17.01 30.85
CA ASP A 389 -10.55 17.02 30.10
C ASP A 389 -10.70 18.14 29.08
N VAL A 390 -9.81 19.10 29.09
CA VAL A 390 -9.89 20.21 28.17
C VAL A 390 -8.73 20.06 27.18
N ILE A 391 -9.08 20.04 25.89
CA ILE A 391 -8.13 19.84 24.85
C ILE A 391 -8.05 21.01 23.90
N ASN A 392 -6.84 21.56 23.76
CA ASN A 392 -6.59 22.64 22.84
C ASN A 392 -6.18 22.11 21.49
N MET A 393 -7.06 22.30 20.49
CA MET A 393 -6.81 21.91 19.14
C MET A 393 -6.46 23.15 18.34
N ASP A 394 -5.34 23.11 17.64
CA ASP A 394 -4.94 24.24 16.80
C ASP A 394 -3.99 23.80 15.72
N TYR A 395 -3.55 24.77 14.91
CA TYR A 395 -2.63 24.53 13.81
C TYR A 395 -1.18 24.77 14.22
N GLY A 396 -0.88 24.58 15.49
CA GLY A 396 0.49 24.61 15.99
C GLY A 396 0.98 25.92 16.53
N MET A 397 0.18 26.97 16.37
CA MET A 397 0.62 28.31 16.71
C MET A 397 -0.52 29.07 17.34
N GLN A 398 -1.20 28.46 18.29
CA GLN A 398 -2.32 29.12 18.98
C GLN A 398 -3.36 29.57 17.97
N GLU A 399 -3.76 30.86 18.03
CA GLU A 399 -4.76 31.44 17.15
C GLU A 399 -4.22 31.76 15.76
N LYS A 400 -2.92 31.70 15.56
CA LYS A 400 -2.32 32.12 14.28
C LYS A 400 -2.37 31.06 13.17
N ASN A 401 -2.44 31.56 11.95
CA ASN A 401 -2.35 30.76 10.76
C ASN A 401 -0.89 30.55 10.43
N PRO A 402 -0.40 29.29 10.53
CA PRO A 402 1.02 29.10 10.30
C PRO A 402 1.46 29.44 8.87
N ILE A 403 0.54 29.43 7.93
CA ILE A 403 0.88 29.71 6.54
C ILE A 403 1.22 31.20 6.33
N ASP A 404 0.80 32.09 7.24
CA ASP A 404 1.25 33.43 7.24
C ASP A 404 2.72 33.57 7.62
N HIS A 405 3.33 32.51 8.13
CA HIS A 405 4.73 32.50 8.51
C HIS A 405 5.55 31.51 7.61
N VAL A 406 5.06 31.30 6.40
CA VAL A 406 5.77 30.53 5.39
C VAL A 406 6.14 31.50 4.26
N SER A 407 7.33 31.31 3.70
CA SER A 407 7.79 32.02 2.52
C SER A 407 7.74 31.12 1.33
N PHE A 408 7.29 31.71 0.21
CA PHE A 408 7.16 31.01 -1.08
C PHE A 408 8.03 31.62 -2.17
N TYR A 409 8.19 30.91 -3.26
CA TYR A 409 8.79 31.42 -4.48
C TYR A 409 7.98 30.98 -5.69
N CYS A 410 8.16 31.68 -6.80
CA CYS A 410 7.42 31.48 -8.03
C CYS A 410 8.36 30.95 -9.08
N LYS A 411 7.78 30.30 -10.06
CA LYS A 411 8.57 29.63 -11.10
C LYS A 411 9.37 30.64 -11.92
N THR A 412 8.83 31.83 -12.16
CA THR A 412 9.51 32.83 -12.98
C THR A 412 10.70 33.49 -12.27
N ALA A 413 10.75 33.46 -10.94
CA ALA A 413 11.84 34.08 -10.15
C ALA A 413 12.17 33.28 -8.90
N PRO A 414 12.85 32.15 -9.09
CA PRO A 414 12.98 31.17 -7.98
C PRO A 414 13.78 31.64 -6.78
N ASN A 415 14.49 32.74 -6.93
CA ASN A 415 15.26 33.31 -5.86
C ASN A 415 14.57 34.44 -5.15
N ARG A 416 13.36 34.77 -5.56
CA ARG A 416 12.62 35.83 -4.88
C ARG A 416 11.48 35.31 -4.00
N ALA A 417 11.67 35.46 -2.71
CA ALA A 417 10.67 35.10 -1.72
C ALA A 417 9.44 36.01 -1.70
N ILE A 418 8.26 35.40 -1.53
CA ILE A 418 7.00 36.13 -1.42
C ILE A 418 6.13 35.54 -0.31
N ARG A 419 5.04 36.25 -0.01
CA ARG A 419 4.04 35.86 0.95
C ARG A 419 2.75 35.59 0.22
N ILE A 420 1.92 34.70 0.77
CA ILE A 420 0.60 34.39 0.23
C ILE A 420 -0.38 34.40 1.38
N THR A 421 -1.48 35.15 1.25
CA THR A 421 -2.51 35.30 2.29
C THR A 421 -3.59 34.26 2.07
N LYS A 422 -4.45 34.08 3.07
CA LYS A 422 -5.50 33.03 2.99
C LYS A 422 -6.49 33.23 1.83
N ASN A 423 -6.90 34.48 1.65
CA ASN A 423 -7.80 34.86 0.56
C ASN A 423 -7.23 34.71 -0.83
N GLN A 424 -5.92 34.70 -0.98
CA GLN A 424 -5.31 34.34 -2.25
C GLN A 424 -5.34 32.85 -2.51
N VAL A 425 -5.82 32.05 -1.57
CA VAL A 425 -5.83 30.57 -1.77
C VAL A 425 -7.24 30.00 -1.97
N SER A 426 -8.13 30.22 -1.01
CA SER A 426 -9.47 29.59 -1.05
C SER A 426 -10.36 30.13 0.05
N GLN A 427 -11.64 30.30 -0.25
CA GLN A 427 -12.66 30.64 0.73
C GLN A 427 -13.15 29.43 1.51
N LEU A 428 -12.74 28.23 1.12
CA LEU A 428 -13.18 26.99 1.76
C LEU A 428 -12.29 26.57 2.93
N LEU A 429 -11.30 27.40 3.26
CA LEU A 429 -10.35 27.15 4.31
C LEU A 429 -10.94 27.54 5.66
N PRO A 430 -10.34 27.07 6.77
CA PRO A 430 -10.84 27.47 8.10
C PRO A 430 -10.84 28.99 8.37
N GLU A 431 -11.82 29.52 9.09
CA GLU A 431 -11.78 30.94 9.52
C GLU A 431 -11.07 31.14 10.83
N LYS A 432 -10.91 30.07 11.62
CA LYS A 432 -10.17 30.11 12.88
C LYS A 432 -9.21 28.94 12.87
N PHE A 433 -8.17 29.07 13.65
CA PHE A 433 -7.08 28.15 13.73
C PHE A 433 -6.85 27.55 15.10
N ALA A 434 -7.73 27.91 16.07
CA ALA A 434 -7.69 27.32 17.41
C ALA A 434 -9.09 27.12 17.95
N GLU A 435 -9.27 26.08 18.76
CA GLU A 435 -10.52 25.76 19.43
C GLU A 435 -10.23 24.84 20.59
N GLN A 436 -11.21 24.73 21.49
CA GLN A 436 -11.10 23.88 22.68
C GLN A 436 -12.22 22.87 22.70
N LEU A 437 -11.88 21.61 22.99
CA LEU A 437 -12.87 20.57 23.23
C LEU A 437 -12.87 20.25 24.68
N ILE A 438 -14.05 20.02 25.20
CA ILE A 438 -14.21 19.66 26.59
C ILE A 438 -14.88 18.30 26.66
N ARG A 439 -14.19 17.34 27.24
CA ARG A 439 -14.77 15.99 27.45
C ARG A 439 -15.01 15.79 28.93
N VAL A 440 -16.14 15.17 29.24
CA VAL A 440 -16.47 14.82 30.59
C VAL A 440 -16.65 13.33 30.72
N TYR A 441 -16.13 12.78 31.82
CA TYR A 441 -16.26 11.37 32.13
C TYR A 441 -16.74 11.20 33.54
N CYS A 442 -17.35 10.06 33.82
CA CYS A 442 -17.78 9.72 35.17
C CYS A 442 -17.01 8.51 35.72
N LYS A 443 -16.47 8.64 36.93
CA LYS A 443 -15.79 7.53 37.60
C LYS A 443 -16.73 6.48 38.15
N LYS A 444 -18.01 6.81 38.30
CA LYS A 444 -19.04 5.85 38.70
C LYS A 444 -19.69 5.27 37.44
N VAL A 445 -19.55 3.96 37.26
CA VAL A 445 -19.84 3.33 35.98
C VAL A 445 -21.18 2.61 35.91
N ASP A 446 -21.92 2.57 37.00
CA ASP A 446 -23.23 1.93 37.00
C ASP A 446 -24.24 2.76 36.22
N ARG A 447 -25.32 2.09 35.83
CA ARG A 447 -26.32 2.65 34.95
C ARG A 447 -27.00 3.91 35.49
N LYS A 448 -27.28 3.94 36.79
CA LYS A 448 -27.96 5.09 37.38
C LYS A 448 -27.05 6.28 37.53
N SER A 449 -25.79 6.05 37.89
CA SER A 449 -24.81 7.14 37.98
C SER A 449 -24.60 7.78 36.62
N LEU A 450 -24.49 6.94 35.59
CA LEU A 450 -24.20 7.42 34.25
C LEU A 450 -25.37 8.26 33.72
N TYR A 451 -26.59 7.81 33.98
CA TYR A 451 -27.76 8.57 33.62
C TYR A 451 -27.74 9.95 34.30
N ALA A 452 -27.36 9.97 35.57
CA ALA A 452 -27.33 11.19 36.33
C ALA A 452 -26.21 12.10 35.84
N ALA A 453 -25.05 11.49 35.59
CA ALA A 453 -23.88 12.23 35.07
C ALA A 453 -24.24 12.97 33.78
N ARG A 454 -24.99 12.31 32.92
CA ARG A 454 -25.48 12.94 31.73
C ARG A 454 -26.35 14.17 31.96
N GLN A 455 -27.20 14.14 32.99
CA GLN A 455 -28.11 15.23 33.23
C GLN A 455 -27.33 16.43 33.75
N TYR A 456 -26.43 16.18 34.70
CA TYR A 456 -25.57 17.23 35.21
C TYR A 456 -24.76 17.87 34.07
N PHE A 457 -24.17 17.01 33.21
CA PHE A 457 -23.29 17.45 32.15
C PHE A 457 -23.97 18.37 31.19
N VAL A 458 -25.11 17.92 30.70
CA VAL A 458 -25.86 18.71 29.75
C VAL A 458 -26.41 20.00 30.38
N GLN A 459 -26.76 19.96 31.66
CA GLN A 459 -27.28 21.14 32.35
C GLN A 459 -26.13 22.15 32.45
N TRP A 460 -24.93 21.63 32.73
CA TRP A 460 -23.74 22.48 32.83
C TRP A 460 -23.40 23.13 31.51
N CYS A 461 -23.54 22.38 30.41
CA CYS A 461 -23.36 22.95 29.09
C CYS A 461 -24.31 24.12 28.86
N ALA A 462 -25.58 23.91 29.22
CA ALA A 462 -26.61 24.92 29.08
C ALA A 462 -26.27 26.16 29.93
N ASP A 463 -25.96 25.95 31.21
CA ASP A 463 -25.60 27.06 32.10
C ASP A 463 -24.41 27.86 31.62
N ARG A 464 -23.41 27.17 31.04
CA ARG A 464 -22.20 27.85 30.64
C ARG A 464 -22.32 28.40 29.24
N ASN A 465 -23.41 28.11 28.56
CA ASN A 465 -23.57 28.52 27.17
C ASN A 465 -22.58 27.82 26.18
N PHE A 466 -22.25 26.58 26.49
CA PHE A 466 -21.41 25.77 25.59
C PHE A 466 -22.27 25.20 24.48
N THR A 467 -21.65 24.57 23.49
CA THR A 467 -22.40 23.99 22.38
C THR A 467 -23.20 22.79 22.86
N LYS A 468 -24.28 22.52 22.16
CA LYS A 468 -25.12 21.39 22.49
C LYS A 468 -24.41 20.09 22.13
N PRO A 469 -24.21 19.19 23.10
CA PRO A 469 -23.65 17.89 22.73
C PRO A 469 -24.44 17.22 21.60
N GLN A 470 -23.72 16.48 20.76
CA GLN A 470 -24.32 15.87 19.57
C GLN A 470 -25.46 14.92 19.88
N ASP A 471 -25.38 14.23 21.00
CA ASP A 471 -26.45 13.30 21.42
C ASP A 471 -27.31 13.88 22.54
N GLY A 472 -27.27 15.21 22.72
CA GLY A 472 -27.93 15.89 23.82
C GLY A 472 -29.40 15.55 23.96
N ASP A 473 -30.11 15.58 22.85
CA ASP A 473 -31.55 15.30 22.88
C ASP A 473 -31.88 13.88 23.27
N VAL A 474 -30.97 12.94 22.99
CA VAL A 474 -31.17 11.54 23.36
C VAL A 474 -30.75 11.25 24.79
N ILE A 475 -29.58 11.75 25.20
CA ILE A 475 -29.10 11.45 26.55
C ILE A 475 -29.75 12.31 27.65
N ALA A 476 -30.30 13.48 27.30
CA ALA A 476 -30.91 14.37 28.29
C ALA A 476 -32.11 15.09 27.69
N PRO A 477 -33.14 14.30 27.30
CA PRO A 477 -34.29 14.87 26.63
C PRO A 477 -35.04 15.91 27.44
N LEU A 478 -35.00 15.81 28.76
CA LEU A 478 -35.74 16.76 29.58
C LEU A 478 -34.97 18.05 29.79
N ILE A 479 -33.66 18.05 29.48
CA ILE A 479 -32.80 19.21 29.74
C ILE A 479 -32.67 20.12 28.52
N THR A 480 -32.54 19.54 27.32
CA THR A 480 -32.25 20.34 26.11
C THR A 480 -33.35 21.32 25.63
N PRO A 481 -34.63 21.03 25.91
CA PRO A 481 -35.70 21.96 25.54
C PRO A 481 -35.60 23.35 26.17
N GLN A 482 -35.03 23.47 27.37
CA GLN A 482 -34.99 24.75 28.08
C GLN A 482 -34.11 25.79 27.37
N LYS A 483 -33.23 25.34 26.47
CA LYS A 483 -32.22 26.18 25.89
C LYS A 483 -32.64 26.55 24.46
N LYS A 484 -33.20 27.75 24.32
CA LYS A 484 -33.73 28.20 23.05
C LYS A 484 -32.66 28.26 21.97
N GLU A 485 -31.45 28.63 22.36
CA GLU A 485 -30.30 28.70 21.45
C GLU A 485 -30.05 27.35 20.79
N TRP A 486 -30.38 26.26 21.47
CA TRP A 486 -30.27 24.91 20.88
C TRP A 486 -31.53 24.47 20.14
N ASN A 487 -32.65 25.16 20.34
CA ASN A 487 -33.99 24.61 19.96
C ASN A 487 -34.33 23.41 20.84
N ASP B 1 14.54 26.05 -20.98
CA ASP B 1 14.21 24.64 -20.59
C ASP B 1 14.80 24.30 -19.24
N THR B 2 13.92 23.86 -18.34
CA THR B 2 14.35 23.39 -17.03
C THR B 2 13.84 21.96 -16.81
N MET B 3 14.21 21.39 -15.66
CA MET B 3 13.76 20.06 -15.26
C MET B 3 12.24 20.04 -15.01
N LYS B 4 11.58 18.99 -15.47
CA LYS B 4 10.20 18.76 -15.11
C LYS B 4 10.11 17.64 -14.06
N VAL B 5 9.10 17.79 -13.22
CA VAL B 5 8.75 16.77 -12.24
C VAL B 5 7.49 16.11 -12.71
N ILE B 6 7.48 14.79 -12.64
CA ILE B 6 6.35 14.04 -12.99
C ILE B 6 6.02 13.07 -11.88
N ASN B 7 4.75 12.99 -11.52
CA ASN B 7 4.33 12.14 -10.45
C ASN B 7 3.87 10.80 -11.00
N ASP B 8 4.52 9.74 -10.55
CA ASP B 8 4.24 8.38 -11.02
C ASP B 8 3.69 7.60 -9.83
N PRO B 9 2.64 6.80 -10.00
CA PRO B 9 2.20 6.01 -8.82
C PRO B 9 3.17 4.94 -8.33
N ILE B 10 4.12 4.49 -9.14
CA ILE B 10 5.07 3.52 -8.66
C ILE B 10 6.26 4.17 -8.03
N HIS B 11 6.86 5.16 -8.71
CA HIS B 11 8.08 5.74 -8.23
C HIS B 11 7.91 7.07 -7.55
N GLY B 12 6.73 7.65 -7.52
CA GLY B 12 6.58 8.98 -6.84
C GLY B 12 7.10 10.08 -7.77
N HIS B 13 7.71 11.10 -7.22
CA HIS B 13 8.14 12.27 -8.03
C HIS B 13 9.45 12.03 -8.74
N ILE B 14 9.38 11.93 -10.07
CA ILE B 14 10.53 11.67 -10.91
C ILE B 14 10.94 12.98 -11.57
N GLU B 15 12.23 13.29 -11.60
CA GLU B 15 12.74 14.50 -12.24
C GLU B 15 13.24 14.17 -13.62
N LEU B 16 12.84 14.94 -14.60
CA LEU B 16 13.28 14.73 -15.94
C LEU B 16 14.08 15.91 -16.46
N HIS B 17 15.33 15.61 -16.80
CA HIS B 17 16.26 16.55 -17.44
C HIS B 17 15.64 17.08 -18.74
N PRO B 18 15.84 18.38 -19.06
CA PRO B 18 15.16 18.93 -20.25
C PRO B 18 15.44 18.19 -21.59
N LEU B 19 16.57 17.53 -21.75
CA LEU B 19 16.84 16.74 -22.92
C LEU B 19 15.91 15.55 -23.02
N LEU B 20 15.67 14.92 -21.87
CA LEU B 20 14.71 13.83 -21.79
C LEU B 20 13.30 14.29 -22.12
N VAL B 21 12.94 15.48 -21.61
CA VAL B 21 11.64 16.07 -21.93
C VAL B 21 11.49 16.23 -23.43
N ARG B 22 12.54 16.72 -24.06
CA ARG B 22 12.55 16.88 -25.54
C ARG B 22 12.37 15.58 -26.30
N ILE B 23 12.99 14.51 -25.83
CA ILE B 23 12.76 13.19 -26.46
C ILE B 23 11.34 12.66 -26.25
N ILE B 24 10.82 12.88 -25.06
CA ILE B 24 9.47 12.39 -24.68
C ILE B 24 8.38 13.09 -25.50
N ASP B 25 8.59 14.39 -25.76
CA ASP B 25 7.61 15.22 -26.42
C ASP B 25 7.71 15.16 -27.96
N THR B 26 7.58 13.94 -28.44
CA THR B 26 7.63 13.63 -29.87
C THR B 26 6.56 12.60 -30.20
N PRO B 27 6.01 12.64 -31.41
CA PRO B 27 5.03 11.63 -31.87
C PRO B 27 5.54 10.18 -31.70
N GLN B 28 6.83 10.00 -31.83
CA GLN B 28 7.41 8.65 -31.76
C GLN B 28 7.38 8.11 -30.35
N PHE B 29 7.53 8.99 -29.36
CA PHE B 29 7.51 8.55 -27.98
C PHE B 29 6.07 8.53 -27.42
N GLN B 30 5.31 9.58 -27.70
CA GLN B 30 3.94 9.68 -27.24
C GLN B 30 3.03 8.58 -27.76
N ARG B 31 3.38 8.02 -28.90
CA ARG B 31 2.77 6.82 -29.46
C ARG B 31 2.55 5.75 -28.44
N LEU B 32 3.48 5.61 -27.50
CA LEU B 32 3.42 4.55 -26.53
C LEU B 32 2.28 4.68 -25.55
N ARG B 33 1.61 5.85 -25.50
CA ARG B 33 0.39 6.00 -24.76
C ARG B 33 -0.72 5.15 -25.32
N TYR B 34 -0.58 4.64 -26.55
CA TYR B 34 -1.69 3.94 -27.21
C TYR B 34 -1.38 2.47 -27.39
N ILE B 35 -0.49 1.96 -26.56
CA ILE B 35 -0.13 0.54 -26.61
C ILE B 35 -0.14 -0.03 -25.21
N LYS B 36 -1.14 -0.87 -24.90
CA LYS B 36 -1.23 -1.50 -23.61
C LYS B 36 -0.04 -2.39 -23.33
N GLN B 37 0.49 -2.25 -22.12
CA GLN B 37 1.62 -3.05 -21.71
C GLN B 37 1.38 -4.56 -21.86
N LEU B 38 0.22 -5.01 -21.41
CA LEU B 38 -0.06 -6.40 -21.24
C LEU B 38 -0.97 -6.96 -22.31
N GLY B 39 -1.17 -6.19 -23.38
CA GLY B 39 -2.02 -6.63 -24.51
C GLY B 39 -3.42 -7.06 -24.08
N GLY B 40 -3.77 -8.29 -24.42
CA GLY B 40 -5.06 -8.89 -24.09
C GLY B 40 -5.31 -9.11 -22.62
N GLY B 41 -4.27 -8.99 -21.80
CA GLY B 41 -4.41 -9.13 -20.38
C GLY B 41 -5.38 -8.15 -19.74
N TYR B 42 -5.57 -6.98 -20.34
CA TYR B 42 -6.54 -6.03 -19.85
C TYR B 42 -7.95 -6.59 -19.93
N TYR B 43 -8.17 -7.53 -20.83
CA TYR B 43 -9.47 -8.14 -20.97
C TYR B 43 -9.75 -9.21 -19.89
N VAL B 44 -8.74 -9.49 -19.07
CA VAL B 44 -8.86 -10.44 -17.96
C VAL B 44 -8.65 -9.77 -16.58
N PHE B 45 -7.70 -8.84 -16.53
CA PHE B 45 -7.38 -8.10 -15.36
C PHE B 45 -7.71 -6.62 -15.63
N PRO B 46 -8.87 -6.18 -15.19
CA PRO B 46 -9.34 -4.83 -15.58
C PRO B 46 -8.55 -3.69 -15.07
N GLY B 47 -7.67 -3.92 -14.10
CA GLY B 47 -6.79 -2.88 -13.66
C GLY B 47 -5.61 -2.69 -14.60
N ALA B 48 -5.32 -3.69 -15.45
CA ALA B 48 -4.17 -3.59 -16.36
C ALA B 48 -4.45 -2.71 -17.60
N SER B 49 -4.82 -1.46 -17.35
CA SER B 49 -5.08 -0.49 -18.38
C SER B 49 -3.78 0.25 -18.76
N HIS B 50 -2.73 0.07 -17.98
CA HIS B 50 -1.46 0.79 -18.23
C HIS B 50 -0.80 0.49 -19.64
N ASN B 51 -0.11 1.52 -20.12
CA ASN B 51 0.45 1.52 -21.42
C ASN B 51 1.95 1.58 -21.36
N ARG B 52 2.57 1.34 -22.49
CA ARG B 52 4.03 1.31 -22.57
C ARG B 52 4.67 2.67 -22.26
N PHE B 53 3.96 3.77 -22.48
CA PHE B 53 4.49 5.10 -22.18
C PHE B 53 4.97 5.25 -20.75
N GLU B 54 4.09 4.96 -19.81
CA GLU B 54 4.41 5.17 -18.39
C GLU B 54 5.46 4.14 -17.93
N HIS B 55 5.45 2.90 -18.48
CA HIS B 55 6.48 1.96 -18.17
C HIS B 55 7.84 2.53 -18.62
N SER B 56 7.89 3.16 -19.77
CA SER B 56 9.12 3.72 -20.32
C SER B 56 9.70 4.83 -19.47
N LEU B 57 8.85 5.71 -18.96
CA LEU B 57 9.32 6.70 -18.01
C LEU B 57 9.94 6.03 -16.83
N GLY B 58 9.30 5.00 -16.31
CA GLY B 58 9.80 4.31 -15.14
C GLY B 58 11.14 3.63 -15.36
N VAL B 59 11.30 3.01 -16.53
CA VAL B 59 12.57 2.36 -16.88
C VAL B 59 13.69 3.41 -16.98
N GLY B 60 13.38 4.57 -17.54
CA GLY B 60 14.33 5.68 -17.61
C GLY B 60 14.71 6.23 -16.27
N TYR B 61 13.73 6.39 -15.40
CA TYR B 61 13.99 6.78 -14.01
C TYR B 61 14.86 5.77 -13.28
N LEU B 62 14.52 4.49 -13.34
CA LEU B 62 15.33 3.50 -12.62
C LEU B 62 16.76 3.33 -13.18
N ALA B 63 16.90 3.49 -14.47
CA ALA B 63 18.23 3.46 -15.08
C ALA B 63 19.10 4.58 -14.53
N GLY B 64 18.55 5.79 -14.42
CA GLY B 64 19.23 6.88 -13.70
C GLY B 64 19.55 6.61 -12.22
N CYS B 65 18.61 6.02 -11.48
CA CYS B 65 18.86 5.66 -10.10
C CYS B 65 20.04 4.73 -9.96
N LEU B 66 20.12 3.69 -10.79
CA LEU B 66 21.19 2.71 -10.61
C LEU B 66 22.56 3.33 -10.93
N VAL B 67 22.61 4.04 -12.03
CA VAL B 67 23.91 4.63 -12.50
C VAL B 67 24.37 5.70 -11.53
N HIS B 68 23.44 6.52 -11.03
CA HIS B 68 23.78 7.50 -10.04
C HIS B 68 24.28 6.86 -8.75
N ALA B 69 23.60 5.84 -8.26
CA ALA B 69 24.02 5.16 -7.02
C ALA B 69 25.44 4.57 -7.19
N LEU B 70 25.75 3.95 -8.33
CA LEU B 70 27.10 3.42 -8.52
C LEU B 70 28.17 4.55 -8.50
N GLY B 71 27.87 5.67 -9.15
CA GLY B 71 28.79 6.81 -9.24
C GLY B 71 29.06 7.41 -7.88
N GLU B 72 28.02 7.50 -7.07
CA GLU B 72 28.11 8.05 -5.71
C GLU B 72 28.93 7.19 -4.79
N LYS B 73 28.76 5.87 -4.82
CA LYS B 73 29.54 4.97 -4.00
C LYS B 73 30.98 4.83 -4.52
N GLN B 74 31.19 4.89 -5.83
CA GLN B 74 32.49 4.62 -6.45
C GLN B 74 32.90 5.72 -7.44
N PRO B 75 33.34 6.87 -6.91
CA PRO B 75 33.83 7.98 -7.75
C PRO B 75 34.93 7.57 -8.70
N GLU B 76 35.72 6.57 -8.32
CA GLU B 76 36.85 6.12 -9.14
C GLU B 76 36.42 5.53 -10.49
N LEU B 77 35.13 5.26 -10.66
CA LEU B 77 34.62 4.76 -11.95
C LEU B 77 34.54 5.87 -13.00
N GLN B 78 34.55 7.14 -12.56
CA GLN B 78 34.49 8.30 -13.47
C GLN B 78 33.23 8.33 -14.31
N ILE B 79 32.10 8.00 -13.69
CA ILE B 79 30.83 8.11 -14.38
C ILE B 79 30.55 9.59 -14.56
N SER B 80 30.32 10.04 -15.80
CA SER B 80 30.01 11.44 -16.10
C SER B 80 28.51 11.73 -16.22
N GLU B 81 28.13 13.01 -16.10
CA GLU B 81 26.76 13.51 -16.37
C GLU B 81 26.29 13.00 -17.75
N ARG B 82 27.21 12.99 -18.70
CA ARG B 82 26.96 12.48 -20.02
C ARG B 82 26.55 10.99 -20.01
N ASP B 83 27.30 10.18 -19.26
CA ASP B 83 27.00 8.75 -19.12
C ASP B 83 25.58 8.55 -18.54
N VAL B 84 25.26 9.32 -17.51
CA VAL B 84 23.97 9.26 -16.83
C VAL B 84 22.84 9.53 -17.83
N LEU B 85 22.98 10.60 -18.61
CA LEU B 85 21.96 10.95 -19.58
C LEU B 85 21.82 9.87 -20.64
N CYS B 86 22.93 9.33 -21.11
CA CYS B 86 22.83 8.28 -22.11
C CYS B 86 22.13 7.04 -21.59
N VAL B 87 22.35 6.72 -20.34
CA VAL B 87 21.76 5.52 -19.77
C VAL B 87 20.27 5.77 -19.56
N GLN B 88 19.92 6.97 -19.10
CA GLN B 88 18.50 7.35 -18.97
C GLN B 88 17.78 7.29 -20.30
N ILE B 89 18.40 7.80 -21.36
CA ILE B 89 17.77 7.81 -22.67
C ILE B 89 17.56 6.38 -23.19
N ALA B 90 18.55 5.52 -23.02
CA ALA B 90 18.37 4.14 -23.41
C ALA B 90 17.26 3.49 -22.63
N GLY B 91 17.15 3.83 -21.36
CA GLY B 91 16.08 3.33 -20.56
C GLY B 91 14.71 3.78 -21.02
N LEU B 92 14.60 5.09 -21.27
CA LEU B 92 13.37 5.69 -21.78
C LEU B 92 12.95 5.07 -23.10
N CYS B 93 13.93 4.73 -23.92
CA CYS B 93 13.66 4.39 -25.31
C CYS B 93 13.67 2.92 -25.64
N ARG B 94 13.95 2.05 -24.69
CA ARG B 94 13.99 0.65 -25.08
C ARG B 94 12.66 -0.03 -25.40
N ASN B 95 11.53 0.62 -25.12
CA ASN B 95 10.24 0.10 -25.52
C ASN B 95 9.62 0.74 -26.78
N LEU B 96 10.38 1.57 -27.47
CA LEU B 96 9.86 2.26 -28.65
C LEU B 96 9.36 1.37 -29.75
N GLY B 97 9.91 0.15 -29.87
CA GLY B 97 9.60 -0.69 -31.02
C GLY B 97 8.40 -1.61 -30.83
N HIS B 98 7.77 -1.55 -29.68
CA HIS B 98 6.56 -2.36 -29.50
C HIS B 98 5.43 -1.96 -30.45
N GLY B 99 4.65 -2.97 -30.81
CA GLY B 99 3.53 -2.77 -31.73
C GLY B 99 2.24 -2.94 -30.97
N PRO B 100 1.12 -2.85 -31.68
CA PRO B 100 -0.21 -3.00 -31.08
C PRO B 100 -0.33 -4.21 -30.15
N PHE B 101 -0.84 -3.98 -28.97
CA PHE B 101 -1.00 -5.02 -27.93
C PHE B 101 0.33 -5.69 -27.52
N SER B 102 1.41 -4.93 -27.61
CA SER B 102 2.71 -5.36 -27.17
C SER B 102 3.12 -6.78 -27.69
N HIS B 103 3.26 -7.76 -26.82
CA HIS B 103 3.80 -9.07 -27.21
C HIS B 103 2.91 -9.84 -28.16
N MET B 104 1.63 -9.52 -28.22
CA MET B 104 0.82 -10.06 -29.27
C MET B 104 1.46 -9.84 -30.66
N PHE B 105 1.95 -8.62 -30.90
CA PHE B 105 2.31 -8.17 -32.22
C PHE B 105 3.56 -8.90 -32.71
N ASP B 106 4.59 -8.93 -31.88
CA ASP B 106 5.83 -9.60 -32.32
C ASP B 106 5.87 -11.07 -31.94
N GLY B 107 5.02 -11.48 -31.00
CA GLY B 107 4.95 -12.88 -30.59
C GLY B 107 4.00 -13.71 -31.45
N ARG B 108 2.90 -13.12 -31.93
CA ARG B 108 1.92 -13.92 -32.67
C ARG B 108 1.71 -13.41 -34.06
N PHE B 109 1.46 -12.10 -34.19
CA PHE B 109 1.04 -11.56 -35.48
C PHE B 109 2.12 -11.54 -36.58
N ILE B 110 3.25 -10.92 -36.30
CA ILE B 110 4.29 -10.82 -37.32
C ILE B 110 4.83 -12.21 -37.74
N PRO B 111 5.03 -13.11 -36.78
CA PRO B 111 5.47 -14.44 -37.23
C PRO B 111 4.49 -15.12 -38.19
N LEU B 112 3.20 -14.87 -38.05
CA LEU B 112 2.22 -15.46 -38.98
C LEU B 112 2.05 -14.65 -40.25
N ALA B 113 2.06 -13.32 -40.14
CA ALA B 113 1.93 -12.47 -41.33
C ALA B 113 3.18 -12.41 -42.19
N ARG B 114 4.35 -12.40 -41.58
CA ARG B 114 5.63 -12.26 -42.30
C ARG B 114 6.56 -13.35 -41.86
N PRO B 115 6.23 -14.60 -42.19
CA PRO B 115 7.08 -15.70 -41.70
C PRO B 115 8.54 -15.61 -42.15
N GLU B 116 8.78 -14.99 -43.28
CA GLU B 116 10.13 -14.87 -43.84
C GLU B 116 11.00 -13.86 -43.10
N VAL B 117 10.40 -12.94 -42.35
CA VAL B 117 11.16 -11.85 -41.73
C VAL B 117 11.60 -12.23 -40.30
N LYS B 118 12.61 -11.54 -39.78
CA LYS B 118 13.08 -11.71 -38.39
C LYS B 118 12.94 -10.38 -37.66
N TRP B 119 11.82 -10.23 -36.98
CA TRP B 119 11.47 -8.95 -36.33
C TRP B 119 11.44 -9.11 -34.84
N THR B 120 12.02 -8.16 -34.12
CA THR B 120 11.91 -8.09 -32.68
C THR B 120 11.60 -6.66 -32.27
N HIS B 121 10.98 -6.48 -31.12
CA HIS B 121 10.71 -5.12 -30.62
C HIS B 121 12.02 -4.37 -30.33
N GLU B 122 13.08 -5.09 -29.99
CA GLU B 122 14.40 -4.50 -29.77
C GLU B 122 14.91 -3.79 -31.02
N GLN B 123 14.86 -4.50 -32.14
CA GLN B 123 15.25 -3.91 -33.42
C GLN B 123 14.35 -2.75 -33.70
N GLY B 124 13.06 -2.95 -33.51
CA GLY B 124 12.11 -1.90 -33.74
C GLY B 124 12.46 -0.69 -32.91
N SER B 125 12.90 -0.89 -31.68
CA SER B 125 13.25 0.25 -30.84
C SER B 125 14.42 1.06 -31.41
N VAL B 126 15.45 0.37 -31.92
CA VAL B 126 16.58 1.10 -32.51
C VAL B 126 16.17 1.92 -33.73
N MET B 127 15.35 1.32 -34.57
CA MET B 127 14.88 2.00 -35.77
C MET B 127 13.98 3.19 -35.40
N MET B 128 13.09 2.99 -34.44
CA MET B 128 12.20 4.04 -34.04
C MET B 128 12.98 5.17 -33.40
N PHE B 129 14.00 4.79 -32.62
CA PHE B 129 14.87 5.78 -31.98
C PHE B 129 15.61 6.70 -32.99
N GLU B 130 16.20 6.07 -33.98
CA GLU B 130 16.86 6.77 -35.07
C GLU B 130 15.87 7.75 -35.71
N HIS B 131 14.67 7.25 -35.98
CA HIS B 131 13.65 8.07 -36.61
C HIS B 131 13.23 9.24 -35.71
N LEU B 132 13.10 8.96 -34.42
CA LEU B 132 12.76 9.99 -33.47
C LEU B 132 13.79 11.13 -33.45
N ILE B 133 15.05 10.75 -33.37
CA ILE B 133 16.17 11.70 -33.37
C ILE B 133 16.20 12.57 -34.62
N ASN B 134 16.15 11.90 -35.77
CA ASN B 134 16.23 12.59 -37.03
C ASN B 134 15.02 13.45 -37.31
N SER B 135 13.82 12.94 -37.04
CA SER B 135 12.62 13.68 -37.34
C SER B 135 12.45 14.87 -36.43
N ASN B 136 13.11 14.95 -35.29
CA ASN B 136 12.77 16.01 -34.33
C ASN B 136 13.91 16.93 -33.97
N GLY B 137 15.01 16.86 -34.73
CA GLY B 137 16.15 17.75 -34.50
C GLY B 137 16.81 17.58 -33.15
N ILE B 138 16.95 16.34 -32.71
CA ILE B 138 17.45 16.07 -31.36
C ILE B 138 18.97 16.16 -31.25
N LYS B 139 19.69 15.90 -32.33
CA LYS B 139 21.18 15.98 -32.26
C LYS B 139 21.77 17.31 -31.74
N PRO B 140 21.28 18.45 -32.26
CA PRO B 140 21.71 19.75 -31.70
C PRO B 140 21.38 19.93 -30.23
N VAL B 141 20.21 19.41 -29.81
CA VAL B 141 19.84 19.51 -28.40
C VAL B 141 20.77 18.66 -27.55
N MET B 142 21.12 17.47 -28.03
CA MET B 142 22.09 16.63 -27.34
C MET B 142 23.44 17.37 -27.16
N GLU B 143 23.90 18.03 -28.22
CA GLU B 143 25.16 18.78 -28.17
C GLU B 143 25.07 19.90 -27.18
N GLN B 144 23.93 20.58 -27.15
CA GLN B 144 23.70 21.64 -26.21
C GLN B 144 23.86 21.21 -24.75
N TYR B 145 23.65 19.91 -24.45
CA TYR B 145 23.76 19.41 -23.08
C TYR B 145 24.96 18.50 -22.93
N GLY B 146 25.95 18.65 -23.79
CA GLY B 146 27.22 17.99 -23.60
C GLY B 146 27.37 16.57 -24.12
N LEU B 147 26.37 16.05 -24.81
CA LEU B 147 26.54 14.76 -25.46
C LEU B 147 27.26 14.90 -26.80
N ILE B 148 27.87 13.82 -27.23
CA ILE B 148 28.56 13.75 -28.51
C ILE B 148 27.81 12.74 -29.37
N PRO B 149 26.93 13.26 -30.23
CA PRO B 149 25.98 12.41 -30.94
C PRO B 149 26.49 11.15 -31.62
N GLU B 150 27.63 11.24 -32.28
CA GLU B 150 28.17 10.07 -32.98
C GLU B 150 28.30 8.89 -32.01
N GLU B 151 29.12 9.07 -30.98
CA GLU B 151 29.44 7.97 -30.06
C GLU B 151 28.28 7.66 -29.13
N ASP B 152 27.54 8.69 -28.69
CA ASP B 152 26.48 8.53 -27.72
C ASP B 152 25.21 7.90 -28.30
N ILE B 153 24.85 8.26 -29.52
CA ILE B 153 23.74 7.58 -30.20
C ILE B 153 24.06 6.11 -30.40
N CYS B 154 25.30 5.82 -30.78
CA CYS B 154 25.74 4.44 -30.90
C CYS B 154 25.62 3.70 -29.56
N PHE B 155 26.09 4.35 -28.50
CA PHE B 155 26.02 3.81 -27.17
C PHE B 155 24.57 3.46 -26.76
N ILE B 156 23.65 4.38 -27.03
CA ILE B 156 22.26 4.21 -26.64
C ILE B 156 21.66 3.03 -27.37
N LYS B 157 21.95 2.92 -28.65
CA LYS B 157 21.47 1.78 -29.43
C LYS B 157 22.06 0.48 -28.96
N GLU B 158 23.33 0.48 -28.63
CA GLU B 158 23.96 -0.72 -28.16
C GLU B 158 23.37 -1.19 -26.83
N GLN B 159 22.99 -0.24 -25.98
CA GLN B 159 22.33 -0.56 -24.72
C GLN B 159 21.00 -1.27 -24.95
N ILE B 160 20.34 -0.94 -26.03
CA ILE B 160 19.03 -1.51 -26.34
C ILE B 160 19.09 -2.86 -27.05
N VAL B 161 19.96 -2.98 -28.03
CA VAL B 161 19.95 -4.14 -28.91
C VAL B 161 21.21 -4.99 -28.79
N GLY B 162 22.21 -4.51 -28.04
CA GLY B 162 23.48 -5.20 -27.93
C GLY B 162 24.40 -4.77 -29.05
N PRO B 163 25.52 -5.50 -29.21
CA PRO B 163 26.51 -5.12 -30.23
C PRO B 163 25.89 -5.06 -31.61
N LEU B 164 26.19 -4.00 -32.35
CA LEU B 164 25.67 -3.81 -33.70
C LEU B 164 26.41 -4.62 -34.79
N GLU B 165 27.48 -5.35 -34.44
CA GLU B 165 28.36 -5.96 -35.42
C GLU B 165 28.05 -7.44 -35.53
N LEU B 172 37.31 -10.55 -27.47
CA LEU B 172 37.41 -9.23 -28.08
C LEU B 172 36.20 -8.29 -27.67
N TRP B 173 36.47 -7.02 -27.31
CA TRP B 173 35.45 -6.06 -26.85
C TRP B 173 34.54 -5.61 -28.00
N PRO B 174 33.26 -6.05 -28.00
CA PRO B 174 32.42 -5.87 -29.18
C PRO B 174 31.68 -4.52 -29.29
N TYR B 175 31.85 -3.63 -28.32
CA TYR B 175 31.06 -2.42 -28.27
C TYR B 175 31.90 -1.24 -28.64
N LYS B 176 31.26 -0.28 -29.31
CA LYS B 176 31.94 0.94 -29.76
C LYS B 176 31.51 2.19 -29.03
N GLY B 177 30.32 2.20 -28.42
CA GLY B 177 29.83 3.40 -27.77
C GLY B 177 30.59 3.72 -26.52
N ARG B 178 31.10 2.70 -25.83
CA ARG B 178 31.92 2.91 -24.65
C ARG B 178 32.99 1.82 -24.55
N PRO B 179 34.13 2.14 -23.91
CA PRO B 179 35.22 1.18 -23.75
C PRO B 179 35.01 0.28 -22.55
N GLU B 180 35.87 -0.73 -22.39
CA GLU B 180 35.74 -1.76 -21.35
C GLU B 180 35.73 -1.25 -19.94
N ASN B 181 36.42 -0.15 -19.71
CA ASN B 181 36.38 0.44 -18.38
C ASN B 181 35.00 0.96 -17.99
N LYS B 182 34.05 1.05 -18.94
CA LYS B 182 32.65 1.39 -18.62
C LYS B 182 31.66 0.24 -18.95
N SER B 183 32.17 -0.98 -19.03
CA SER B 183 31.39 -2.17 -19.36
C SER B 183 30.11 -2.30 -18.56
N PHE B 184 30.24 -2.04 -17.27
CA PHE B 184 29.12 -2.12 -16.35
C PHE B 184 27.90 -1.29 -16.77
N LEU B 185 28.11 -0.25 -17.59
CA LEU B 185 27.01 0.59 -18.01
C LEU B 185 26.08 -0.17 -18.92
N TYR B 186 26.60 -1.20 -19.58
CA TYR B 186 25.79 -2.03 -20.47
C TYR B 186 24.88 -3.03 -19.76
N GLU B 187 24.98 -3.11 -18.46
CA GLU B 187 24.21 -4.05 -17.66
C GLU B 187 23.00 -3.41 -16.99
N ILE B 188 22.76 -2.12 -17.21
CA ILE B 188 21.69 -1.42 -16.57
C ILE B 188 20.33 -1.57 -17.25
N VAL B 189 20.27 -1.25 -18.54
CA VAL B 189 19.01 -1.15 -19.24
C VAL B 189 18.51 -2.47 -19.82
N SER B 190 19.41 -3.20 -20.52
CA SER B 190 19.09 -4.56 -20.98
C SER B 190 20.28 -5.42 -20.81
N ASN B 191 20.22 -6.22 -19.77
CA ASN B 191 21.35 -6.99 -19.37
C ASN B 191 21.38 -8.30 -20.14
N LYS B 192 22.22 -8.34 -21.16
CA LYS B 192 22.32 -9.51 -22.03
C LYS B 192 23.01 -10.73 -21.36
N ARG B 193 23.80 -10.49 -20.34
CA ARG B 193 24.52 -11.54 -19.65
C ARG B 193 23.63 -12.42 -18.76
N ASN B 194 22.73 -11.81 -17.97
CA ASN B 194 21.90 -12.58 -17.05
C ASN B 194 20.46 -12.08 -16.84
N GLY B 195 20.05 -11.01 -17.54
CA GLY B 195 18.68 -10.56 -17.46
C GLY B 195 18.30 -9.70 -16.26
N ILE B 196 19.25 -9.36 -15.42
CA ILE B 196 18.97 -8.56 -14.27
C ILE B 196 19.14 -7.11 -14.69
N ASP B 197 18.01 -6.46 -15.01
CA ASP B 197 18.05 -5.08 -15.43
C ASP B 197 16.85 -4.27 -14.95
N VAL B 198 16.92 -2.98 -15.15
CA VAL B 198 15.94 -2.10 -14.57
C VAL B 198 14.59 -2.19 -15.25
N ASP B 199 14.56 -2.78 -16.43
CA ASP B 199 13.31 -2.93 -17.17
C ASP B 199 12.38 -3.88 -16.40
N LYS B 200 12.92 -5.00 -15.93
CA LYS B 200 12.16 -5.95 -15.11
C LYS B 200 11.70 -5.25 -13.84
N TRP B 201 12.58 -4.49 -13.23
CA TRP B 201 12.23 -3.92 -11.96
C TRP B 201 11.01 -2.99 -12.08
N ASP B 202 10.92 -2.23 -13.18
CA ASP B 202 9.76 -1.38 -13.36
C ASP B 202 8.54 -2.22 -13.63
N TYR B 203 8.66 -3.22 -14.52
CA TYR B 203 7.45 -3.94 -14.83
C TYR B 203 6.92 -4.81 -13.67
N PHE B 204 7.80 -5.36 -12.84
CA PHE B 204 7.33 -6.05 -11.67
C PHE B 204 6.42 -5.15 -10.80
N ALA B 205 6.95 -3.99 -10.46
CA ALA B 205 6.24 -3.06 -9.58
C ALA B 205 4.98 -2.51 -10.23
N ARG B 206 5.09 -2.12 -11.49
CA ARG B 206 3.98 -1.50 -12.19
C ARG B 206 2.91 -2.52 -12.56
N ASP B 207 3.32 -3.66 -13.12
CA ASP B 207 2.33 -4.66 -13.48
C ASP B 207 1.55 -5.14 -12.23
N CYS B 208 2.24 -5.39 -11.12
CA CYS B 208 1.61 -5.77 -9.90
C CYS B 208 0.60 -4.72 -9.33
N HIS B 209 1.02 -3.48 -9.31
CA HIS B 209 0.18 -2.35 -8.90
C HIS B 209 -1.15 -2.36 -9.66
N HIS B 210 -1.08 -2.66 -10.98
CA HIS B 210 -2.24 -2.64 -11.82
C HIS B 210 -3.05 -3.94 -11.88
N LEU B 211 -2.37 -5.07 -11.92
CA LEU B 211 -3.02 -6.36 -11.89
C LEU B 211 -3.77 -6.69 -10.63
N GLY B 212 -3.35 -6.09 -9.50
CA GLY B 212 -3.84 -6.42 -8.17
C GLY B 212 -3.18 -7.68 -7.60
N ILE B 213 -1.90 -7.87 -7.86
CA ILE B 213 -1.08 -8.96 -7.33
C ILE B 213 0.09 -8.28 -6.68
N GLN B 214 0.59 -8.85 -5.59
CA GLN B 214 1.66 -8.20 -4.85
C GLN B 214 3.08 -8.63 -5.38
N ASN B 215 3.93 -7.63 -5.52
CA ASN B 215 5.31 -7.82 -5.94
C ASN B 215 6.19 -8.09 -4.72
N ASN B 216 6.93 -9.18 -4.75
CA ASN B 216 7.85 -9.46 -3.62
C ASN B 216 9.34 -9.13 -3.87
N PHE B 217 9.72 -8.63 -5.04
CA PHE B 217 11.12 -8.21 -5.27
C PHE B 217 11.42 -6.72 -4.91
N ASP B 218 12.48 -6.48 -4.13
CA ASP B 218 12.87 -5.19 -3.66
C ASP B 218 14.10 -4.62 -4.41
N TYR B 219 13.84 -3.84 -5.45
CA TYR B 219 14.84 -3.32 -6.35
C TYR B 219 15.70 -2.26 -5.67
N LYS B 220 15.14 -1.50 -4.75
CA LYS B 220 15.94 -0.50 -4.02
C LYS B 220 16.97 -1.16 -3.14
N ARG B 221 16.61 -2.28 -2.54
CA ARG B 221 17.59 -3.03 -1.76
C ARG B 221 18.74 -3.45 -2.65
N PHE B 222 18.42 -4.00 -3.80
CA PHE B 222 19.42 -4.47 -4.72
C PHE B 222 20.40 -3.35 -5.09
N ILE B 223 19.84 -2.20 -5.43
CA ILE B 223 20.64 -1.03 -5.76
C ILE B 223 21.56 -0.62 -4.62
N LYS B 224 21.07 -0.59 -3.40
CA LYS B 224 21.92 -0.30 -2.28
C LYS B 224 23.09 -1.25 -2.14
N PHE B 225 22.96 -2.52 -2.53
CA PHE B 225 24.02 -3.49 -2.35
C PHE B 225 24.86 -3.70 -3.61
N ALA B 226 24.62 -2.93 -4.65
CA ALA B 226 25.31 -3.19 -5.88
C ALA B 226 26.64 -2.43 -5.91
N ARG B 227 27.64 -3.04 -6.52
CA ARG B 227 28.98 -2.48 -6.64
C ARG B 227 29.55 -2.87 -7.96
N VAL B 228 30.54 -2.12 -8.41
CA VAL B 228 31.28 -2.52 -9.59
C VAL B 228 32.60 -3.11 -9.17
N CYS B 229 32.90 -4.29 -9.72
CA CYS B 229 34.18 -4.98 -9.46
C CYS B 229 34.76 -5.49 -10.78
N GLU B 230 36.08 -5.71 -10.78
CA GLU B 230 36.72 -6.27 -11.93
C GLU B 230 36.45 -7.77 -12.04
N VAL B 231 35.95 -8.20 -13.19
CA VAL B 231 35.70 -9.61 -13.46
C VAL B 231 36.29 -9.88 -14.84
N ASP B 232 37.22 -10.84 -14.91
CA ASP B 232 37.96 -11.20 -16.14
C ASP B 232 38.30 -10.01 -17.01
N ASN B 233 38.94 -9.00 -16.40
CA ASN B 233 39.38 -7.78 -17.11
C ASN B 233 38.28 -6.85 -17.62
N GLU B 234 37.08 -7.00 -17.09
CA GLU B 234 35.98 -6.08 -17.34
C GLU B 234 35.51 -5.56 -15.99
N LEU B 235 35.12 -4.30 -15.95
CA LEU B 235 34.39 -3.78 -14.80
C LEU B 235 32.89 -4.13 -14.90
N ARG B 236 32.41 -5.00 -14.02
CA ARG B 236 30.99 -5.42 -14.01
C ARG B 236 30.28 -5.11 -12.69
N ILE B 237 28.97 -5.05 -12.79
CA ILE B 237 28.15 -4.87 -11.61
C ILE B 237 28.17 -6.20 -10.84
N CYS B 238 28.49 -6.13 -9.55
CA CYS B 238 28.37 -7.23 -8.64
C CYS B 238 27.37 -6.97 -7.49
N ALA B 239 26.68 -8.03 -7.09
CA ALA B 239 25.77 -8.00 -5.96
C ALA B 239 26.39 -8.59 -4.71
N ARG B 240 25.92 -8.12 -3.54
CA ARG B 240 26.45 -8.62 -2.29
C ARG B 240 26.07 -10.08 -2.21
N ASP B 241 27.01 -10.91 -1.76
CA ASP B 241 26.82 -12.37 -1.65
C ASP B 241 25.48 -12.77 -1.04
N LYS B 242 25.17 -12.19 0.13
CA LYS B 242 23.92 -12.28 0.91
C LYS B 242 22.65 -12.16 0.11
N GLU B 243 22.70 -11.35 -0.92
CA GLU B 243 21.56 -11.10 -1.74
C GLU B 243 21.24 -12.22 -2.74
N VAL B 244 22.02 -13.30 -2.78
CA VAL B 244 21.79 -14.35 -3.81
C VAL B 244 20.40 -15.00 -3.74
N GLY B 245 19.90 -15.23 -2.54
CA GLY B 245 18.51 -15.74 -2.36
C GLY B 245 17.48 -14.80 -2.94
N ASN B 246 17.65 -13.51 -2.72
CA ASN B 246 16.76 -12.51 -3.27
C ASN B 246 16.81 -12.49 -4.80
N LEU B 247 17.96 -12.83 -5.39
CA LEU B 247 18.01 -12.96 -6.86
C LEU B 247 17.28 -14.16 -7.39
N TYR B 248 17.43 -15.32 -6.76
CA TYR B 248 16.63 -16.48 -7.18
C TYR B 248 15.16 -16.10 -7.02
N ASP B 249 14.81 -15.43 -5.93
CA ASP B 249 13.40 -14.97 -5.73
C ASP B 249 12.91 -14.03 -6.83
N MET B 250 13.80 -13.17 -7.34
CA MET B 250 13.44 -12.30 -8.46
C MET B 250 12.95 -13.05 -9.69
N PHE B 251 13.66 -14.10 -10.06
CA PHE B 251 13.26 -14.90 -11.21
C PHE B 251 12.06 -15.75 -10.90
N HIS B 252 11.96 -16.23 -9.67
CA HIS B 252 10.76 -16.97 -9.27
C HIS B 252 9.51 -16.07 -9.41
N THR B 253 9.65 -14.80 -9.00
CA THR B 253 8.58 -13.83 -9.20
C THR B 253 8.23 -13.62 -10.65
N ARG B 254 9.24 -13.41 -11.47
CA ARG B 254 9.01 -13.32 -12.92
C ARG B 254 8.21 -14.54 -13.46
N ASN B 255 8.58 -15.74 -13.05
CA ASN B 255 7.86 -16.96 -13.52
C ASN B 255 6.41 -17.04 -13.00
N SER B 256 6.19 -16.61 -11.75
CA SER B 256 4.82 -16.48 -11.20
C SER B 256 3.95 -15.52 -11.96
N LEU B 257 4.51 -14.36 -12.30
CA LEU B 257 3.77 -13.38 -13.07
C LEU B 257 3.42 -13.88 -14.46
N HIS B 258 4.35 -14.62 -15.10
CA HIS B 258 4.01 -15.23 -16.37
C HIS B 258 2.85 -16.21 -16.20
N ARG B 259 2.94 -17.08 -15.20
CA ARG B 259 1.94 -18.11 -15.00
C ARG B 259 0.58 -17.52 -14.68
N ARG B 260 0.53 -16.55 -13.77
CA ARG B 260 -0.75 -16.05 -13.35
C ARG B 260 -1.35 -15.10 -14.37
N ALA B 261 -0.52 -14.29 -15.01
CA ALA B 261 -1.01 -13.10 -15.72
C ALA B 261 -0.61 -13.09 -17.17
N TYR B 262 0.70 -13.02 -17.41
CA TYR B 262 1.11 -12.78 -18.79
C TYR B 262 0.79 -13.98 -19.73
N GLN B 263 0.66 -15.19 -19.19
CA GLN B 263 0.28 -16.34 -20.03
C GLN B 263 -1.06 -16.86 -19.54
N HIS B 264 -1.90 -16.00 -19.03
CA HIS B 264 -3.19 -16.48 -18.59
C HIS B 264 -3.90 -17.09 -19.76
N LYS B 265 -4.56 -18.23 -19.56
CA LYS B 265 -5.11 -19.00 -20.73
C LYS B 265 -6.14 -18.19 -21.55
N VAL B 266 -6.92 -17.35 -20.88
CA VAL B 266 -7.89 -16.52 -21.56
C VAL B 266 -7.25 -15.24 -22.12
N GLY B 267 -6.31 -14.64 -21.42
CA GLY B 267 -5.57 -13.54 -22.03
C GLY B 267 -4.92 -13.98 -23.34
N ASN B 268 -4.31 -15.18 -23.35
CA ASN B 268 -3.67 -15.68 -24.58
C ASN B 268 -4.66 -15.94 -25.72
N ILE B 269 -5.84 -16.43 -25.41
CA ILE B 269 -6.79 -16.70 -26.45
C ILE B 269 -7.35 -15.39 -26.99
N ILE B 270 -7.50 -14.37 -26.15
CA ILE B 270 -7.89 -13.05 -26.64
C ILE B 270 -6.84 -12.39 -27.57
N ASP B 271 -5.58 -12.45 -27.18
CA ASP B 271 -4.45 -12.13 -28.10
C ASP B 271 -4.52 -12.91 -29.43
N THR B 272 -4.85 -14.20 -29.33
CA THR B 272 -4.93 -15.06 -30.54
C THR B 272 -6.10 -14.66 -31.43
N MET B 273 -7.23 -14.31 -30.83
CA MET B 273 -8.38 -13.85 -31.59
C MET B 273 -8.13 -12.47 -32.21
N ILE B 274 -7.49 -11.58 -31.48
CA ILE B 274 -7.14 -10.29 -32.05
C ILE B 274 -6.15 -10.44 -33.21
N THR B 275 -5.15 -11.30 -33.03
CA THR B 275 -4.21 -11.62 -34.13
C THR B 275 -4.99 -12.08 -35.38
N ASP B 276 -5.94 -12.96 -35.18
CA ASP B 276 -6.78 -13.51 -36.29
C ASP B 276 -7.54 -12.43 -37.03
N ALA B 277 -8.16 -11.51 -36.27
CA ALA B 277 -8.83 -10.35 -36.86
C ALA B 277 -7.84 -9.51 -37.65
N PHE B 278 -6.64 -9.26 -37.09
CA PHE B 278 -5.60 -8.47 -37.78
C PHE B 278 -5.22 -9.12 -39.11
N LEU B 279 -5.04 -10.43 -39.09
CA LEU B 279 -4.71 -11.18 -40.32
C LEU B 279 -5.76 -11.03 -41.41
N LYS B 280 -7.02 -11.11 -41.03
CA LYS B 280 -8.12 -10.94 -41.96
C LYS B 280 -8.30 -9.50 -42.42
N ALA B 281 -7.78 -8.55 -41.66
CA ALA B 281 -7.92 -7.15 -42.01
C ALA B 281 -6.71 -6.62 -42.76
N ASP B 282 -5.65 -7.39 -42.76
CA ASP B 282 -4.36 -6.94 -43.26
C ASP B 282 -4.35 -6.45 -44.73
N ASP B 283 -5.17 -7.04 -45.60
CA ASP B 283 -5.21 -6.57 -46.99
C ASP B 283 -5.93 -5.25 -47.15
N TYR B 284 -6.72 -4.84 -46.17
CA TYR B 284 -7.65 -3.72 -46.38
C TYR B 284 -7.32 -2.47 -45.61
N ILE B 285 -6.63 -2.59 -44.48
CA ILE B 285 -6.26 -1.41 -43.70
C ILE B 285 -5.03 -0.80 -44.35
N GLU B 286 -5.04 0.53 -44.47
CA GLU B 286 -3.96 1.25 -45.14
C GLU B 286 -3.38 2.26 -44.22
N ILE B 287 -2.05 2.26 -44.11
CA ILE B 287 -1.38 3.17 -43.23
C ILE B 287 -0.39 3.96 -44.06
N THR B 288 -0.50 5.28 -43.98
CA THR B 288 0.28 6.16 -44.79
C THR B 288 1.61 6.41 -44.14
N GLY B 289 2.68 6.15 -44.88
CA GLY B 289 4.04 6.34 -44.42
C GLY B 289 4.79 7.43 -45.17
N ALA B 290 6.10 7.28 -45.27
CA ALA B 290 6.97 8.29 -45.86
C ALA B 290 6.64 8.46 -47.36
N GLY B 291 6.60 9.73 -47.78
CA GLY B 291 6.29 10.11 -49.14
C GLY B 291 4.88 9.75 -49.56
N GLY B 292 3.96 9.65 -48.61
CA GLY B 292 2.58 9.27 -48.91
C GLY B 292 2.34 7.80 -49.25
N LYS B 293 3.40 6.98 -49.36
CA LYS B 293 3.20 5.54 -49.63
C LYS B 293 2.28 4.89 -48.60
N LYS B 294 1.52 3.91 -49.07
CA LYS B 294 0.59 3.18 -48.24
C LYS B 294 1.21 1.88 -47.76
N TYR B 295 1.00 1.55 -46.49
CA TYR B 295 1.48 0.31 -45.94
C TYR B 295 0.35 -0.41 -45.32
N ARG B 296 0.57 -1.69 -45.07
CA ARG B 296 -0.37 -2.51 -44.33
C ARG B 296 0.07 -2.71 -42.89
N ILE B 297 -0.81 -3.28 -42.08
CA ILE B 297 -0.48 -3.63 -40.70
C ILE B 297 0.81 -4.43 -40.71
N SER B 298 0.90 -5.44 -41.61
CA SER B 298 2.07 -6.30 -41.61
C SER B 298 3.30 -5.68 -42.22
N THR B 299 3.18 -4.58 -42.95
CA THR B 299 4.36 -3.96 -43.58
C THR B 299 4.76 -2.63 -42.97
N ALA B 300 3.96 -2.12 -42.02
CA ALA B 300 4.30 -0.85 -41.35
C ALA B 300 5.66 -0.90 -40.65
N ILE B 301 6.09 -2.11 -40.29
CA ILE B 301 7.45 -2.31 -39.73
C ILE B 301 8.60 -1.95 -40.67
N ASP B 302 8.31 -1.81 -41.97
CA ASP B 302 9.31 -1.42 -42.92
C ASP B 302 9.46 0.09 -43.07
N ASP B 303 8.57 0.88 -42.49
CA ASP B 303 8.65 2.33 -42.55
C ASP B 303 8.25 2.93 -41.21
N MET B 304 9.19 3.59 -40.55
CA MET B 304 8.98 4.12 -39.22
C MET B 304 7.89 5.19 -39.16
N GLU B 305 7.76 5.95 -40.23
CA GLU B 305 6.72 6.98 -40.28
C GLU B 305 5.32 6.33 -40.25
N ALA B 306 5.19 5.18 -40.90
CA ALA B 306 3.94 4.44 -40.84
C ALA B 306 3.81 3.74 -39.49
N TYR B 307 4.89 3.12 -39.04
CA TYR B 307 4.90 2.45 -37.76
C TYR B 307 4.53 3.38 -36.58
N THR B 308 4.99 4.62 -36.64
CA THR B 308 4.54 5.64 -35.70
C THR B 308 3.03 5.68 -35.50
N LYS B 309 2.28 5.40 -36.57
CA LYS B 309 0.81 5.45 -36.54
C LYS B 309 0.17 4.10 -36.33
N LEU B 310 0.96 3.10 -35.97
CA LEU B 310 0.44 1.76 -35.79
C LEU B 310 0.35 1.45 -34.26
N THR B 311 -0.86 1.51 -33.71
CA THR B 311 -1.10 1.32 -32.34
C THR B 311 -2.34 0.43 -32.09
N ASP B 312 -2.76 0.34 -30.82
CA ASP B 312 -4.02 -0.37 -30.42
C ASP B 312 -5.28 0.20 -31.13
N ASN B 313 -5.19 1.42 -31.64
CA ASN B 313 -6.25 2.00 -32.42
C ASN B 313 -6.72 1.14 -33.59
N ILE B 314 -5.80 0.36 -34.14
CA ILE B 314 -6.12 -0.56 -35.22
C ILE B 314 -7.29 -1.53 -34.80
N PHE B 315 -7.32 -2.01 -33.58
CA PHE B 315 -8.44 -2.80 -33.06
C PHE B 315 -9.79 -2.06 -33.24
N LEU B 316 -9.86 -0.80 -32.84
CA LEU B 316 -11.12 -0.03 -32.93
C LEU B 316 -11.50 0.38 -34.34
N GLU B 317 -10.52 0.70 -35.13
CA GLU B 317 -10.76 0.94 -36.51
C GLU B 317 -11.43 -0.27 -37.19
N ILE B 318 -10.96 -1.47 -36.90
CA ILE B 318 -11.64 -2.67 -37.35
C ILE B 318 -13.02 -2.82 -36.77
N LEU B 319 -13.14 -2.69 -35.47
CA LEU B 319 -14.41 -2.92 -34.80
C LEU B 319 -15.52 -1.93 -35.26
N TYR B 320 -15.14 -0.68 -35.47
CA TYR B 320 -16.07 0.34 -35.97
C TYR B 320 -16.29 0.40 -37.49
N SER B 321 -15.63 -0.47 -38.25
CA SER B 321 -15.67 -0.38 -39.71
C SER B 321 -17.03 -0.82 -40.22
N THR B 322 -17.40 -0.33 -41.40
CA THR B 322 -18.66 -0.72 -42.10
C THR B 322 -18.38 -1.38 -43.45
N ASP B 323 -17.15 -1.21 -43.96
CA ASP B 323 -16.71 -1.88 -45.18
C ASP B 323 -16.95 -3.41 -45.10
N PRO B 324 -17.73 -3.95 -46.02
CA PRO B 324 -17.92 -5.41 -46.12
C PRO B 324 -16.62 -6.22 -46.33
N LYS B 325 -15.56 -5.63 -46.88
CA LYS B 325 -14.27 -6.27 -46.90
C LYS B 325 -13.70 -6.60 -45.51
N LEU B 326 -14.07 -5.81 -44.51
CA LEU B 326 -13.59 -6.01 -43.13
C LEU B 326 -14.56 -6.80 -42.29
N LYS B 327 -15.59 -7.34 -42.91
CA LYS B 327 -16.64 -8.03 -42.20
C LYS B 327 -16.14 -9.20 -41.37
N ASP B 328 -15.28 -10.05 -41.93
CA ASP B 328 -14.80 -11.20 -41.18
C ASP B 328 -13.93 -10.79 -40.00
N ALA B 329 -13.05 -9.82 -40.22
CA ALA B 329 -12.21 -9.31 -39.17
C ALA B 329 -13.07 -8.71 -38.07
N ARG B 330 -14.03 -7.91 -38.47
CA ARG B 330 -14.92 -7.23 -37.55
C ARG B 330 -15.75 -8.21 -36.72
N GLU B 331 -16.16 -9.33 -37.32
CA GLU B 331 -16.93 -10.35 -36.62
C GLU B 331 -16.15 -10.99 -35.50
N ILE B 332 -14.86 -11.22 -35.73
CA ILE B 332 -14.03 -11.83 -34.70
C ILE B 332 -13.97 -10.90 -33.48
N LEU B 333 -13.68 -9.63 -33.71
CA LEU B 333 -13.67 -8.67 -32.61
C LEU B 333 -15.01 -8.54 -31.90
N LYS B 334 -16.11 -8.66 -32.63
CA LYS B 334 -17.42 -8.63 -32.03
C LYS B 334 -17.68 -9.82 -31.13
N GLN B 335 -17.15 -10.97 -31.48
CA GLN B 335 -17.23 -12.13 -30.62
C GLN B 335 -16.49 -11.91 -29.30
N ILE B 336 -15.40 -11.15 -29.35
CA ILE B 336 -14.68 -10.82 -28.15
C ILE B 336 -15.58 -9.95 -27.26
N GLU B 337 -16.28 -8.96 -27.82
CA GLU B 337 -17.16 -8.12 -27.00
C GLU B 337 -18.28 -8.86 -26.34
N TYR B 338 -18.82 -9.86 -27.06
CA TYR B 338 -19.88 -10.69 -26.50
C TYR B 338 -19.31 -11.79 -25.63
N ARG B 339 -18.00 -11.86 -25.50
CA ARG B 339 -17.34 -12.92 -24.77
C ARG B 339 -17.67 -14.32 -25.32
N ASN B 340 -17.84 -14.42 -26.61
CA ASN B 340 -17.96 -15.74 -27.30
C ASN B 340 -16.58 -16.12 -27.74
N LEU B 341 -15.75 -16.50 -26.79
CA LEU B 341 -14.35 -16.78 -27.09
C LEU B 341 -14.15 -18.26 -27.48
N PHE B 342 -13.06 -18.56 -28.18
CA PHE B 342 -12.65 -19.94 -28.36
C PHE B 342 -12.56 -20.56 -26.98
N LYS B 343 -12.91 -21.84 -26.85
CA LYS B 343 -13.05 -22.46 -25.52
C LYS B 343 -11.80 -23.21 -25.13
N TYR B 344 -11.37 -23.01 -23.88
CA TYR B 344 -10.23 -23.71 -23.33
C TYR B 344 -10.59 -25.17 -23.06
N VAL B 345 -9.77 -26.07 -23.51
CA VAL B 345 -10.01 -27.51 -23.36
C VAL B 345 -9.15 -28.06 -22.22
N GLY B 346 -7.86 -27.71 -22.22
CA GLY B 346 -7.00 -28.02 -21.11
C GLY B 346 -5.54 -27.76 -21.34
N GLU B 347 -4.75 -28.21 -20.38
CA GLU B 347 -3.30 -27.98 -20.37
C GLU B 347 -2.61 -29.30 -20.07
N THR B 348 -1.44 -29.48 -20.67
CA THR B 348 -0.60 -30.60 -20.33
C THR B 348 0.87 -30.18 -20.54
N GLN B 349 1.79 -31.07 -20.22
CA GLN B 349 3.21 -30.84 -20.44
C GLN B 349 3.83 -32.11 -20.99
N PRO B 350 4.88 -31.98 -21.80
CA PRO B 350 5.65 -33.13 -22.15
C PRO B 350 6.37 -33.71 -20.95
N THR B 351 6.77 -34.97 -21.03
CA THR B 351 7.51 -35.63 -19.94
C THR B 351 8.85 -36.10 -20.45
N GLY B 352 9.73 -36.40 -19.51
CA GLY B 352 11.05 -36.94 -19.83
C GLY B 352 11.91 -35.88 -20.50
N GLN B 353 12.55 -36.25 -21.59
CA GLN B 353 13.42 -35.34 -22.31
C GLN B 353 12.71 -34.83 -23.57
N ILE B 354 11.42 -35.12 -23.69
CA ILE B 354 10.61 -34.67 -24.84
C ILE B 354 10.57 -33.13 -24.86
N LYS B 355 10.94 -32.54 -26.00
CA LYS B 355 10.99 -31.09 -26.18
C LYS B 355 10.39 -30.77 -27.55
N ILE B 356 9.26 -30.06 -27.56
CA ILE B 356 8.57 -29.78 -28.83
C ILE B 356 9.23 -28.61 -29.54
N LYS B 357 9.59 -28.82 -30.81
CA LYS B 357 10.29 -27.82 -31.59
C LYS B 357 9.30 -26.94 -32.32
N ARG B 358 9.69 -25.69 -32.54
CA ARG B 358 8.87 -24.71 -33.25
C ARG B 358 8.34 -25.22 -34.61
N GLU B 359 9.14 -26.02 -35.30
CA GLU B 359 8.78 -26.52 -36.64
C GLU B 359 7.63 -27.52 -36.57
N ASP B 360 7.34 -28.04 -35.39
CA ASP B 360 6.28 -29.04 -35.21
C ASP B 360 4.98 -28.47 -34.68
N TYR B 361 4.95 -27.18 -34.34
CA TYR B 361 3.78 -26.53 -33.77
C TYR B 361 2.58 -26.67 -34.66
N GLU B 362 2.76 -26.48 -35.95
CA GLU B 362 1.62 -26.48 -36.86
C GLU B 362 0.99 -27.89 -37.04
N SER B 363 1.75 -28.95 -36.79
CA SER B 363 1.23 -30.30 -36.91
C SER B 363 0.41 -30.76 -35.70
N LEU B 364 0.38 -29.96 -34.63
CA LEU B 364 -0.25 -30.42 -33.39
C LEU B 364 -1.78 -30.49 -33.42
N PRO B 365 -2.46 -29.47 -33.98
CA PRO B 365 -3.91 -29.58 -34.10
C PRO B 365 -4.35 -30.83 -34.89
N LYS B 366 -3.57 -31.18 -35.90
CA LYS B 366 -3.80 -32.41 -36.67
C LYS B 366 -3.69 -33.65 -35.80
N GLU B 367 -2.67 -33.69 -34.96
CA GLU B 367 -2.51 -34.84 -34.09
C GLU B 367 -3.71 -34.96 -33.14
N VAL B 368 -4.16 -33.84 -32.61
CA VAL B 368 -5.26 -33.90 -31.66
C VAL B 368 -6.51 -34.47 -32.31
N ALA B 369 -6.81 -33.96 -33.50
CA ALA B 369 -7.99 -34.39 -34.25
C ALA B 369 -7.87 -35.87 -34.71
N SER B 370 -6.64 -36.41 -34.76
CA SER B 370 -6.38 -37.85 -35.16
C SER B 370 -6.47 -38.83 -34.03
N ALA B 371 -6.60 -38.33 -32.81
CA ALA B 371 -6.78 -39.22 -31.66
C ALA B 371 -8.11 -39.98 -31.73
N LYS B 372 -8.14 -41.18 -31.17
CA LYS B 372 -9.27 -42.09 -31.33
C LYS B 372 -9.81 -42.46 -29.96
N PRO B 373 -10.42 -41.47 -29.27
CA PRO B 373 -10.93 -41.77 -27.95
C PRO B 373 -12.07 -42.79 -28.12
N LYS B 374 -12.10 -43.86 -27.34
CA LYS B 374 -13.16 -44.88 -27.55
C LYS B 374 -14.41 -44.50 -26.77
N VAL B 375 -15.11 -43.48 -27.24
CA VAL B 375 -16.27 -42.90 -26.54
C VAL B 375 -17.27 -42.58 -27.64
N LEU B 376 -18.56 -42.63 -27.33
CA LEU B 376 -19.58 -42.28 -28.31
C LEU B 376 -19.66 -40.76 -28.42
N LEU B 377 -19.50 -40.26 -29.65
CA LEU B 377 -19.48 -38.82 -29.93
C LEU B 377 -20.53 -38.42 -30.95
N ASP B 378 -21.31 -37.40 -30.59
CA ASP B 378 -22.26 -36.75 -31.48
C ASP B 378 -21.65 -36.04 -32.68
N VAL B 379 -20.52 -35.39 -32.45
CA VAL B 379 -19.84 -34.59 -33.47
C VAL B 379 -18.44 -35.15 -33.67
N LYS B 380 -17.92 -34.97 -34.88
CA LYS B 380 -16.53 -35.25 -35.16
C LYS B 380 -15.84 -33.92 -35.40
N LEU B 381 -14.66 -33.75 -34.84
CA LEU B 381 -13.92 -32.50 -34.98
C LEU B 381 -12.75 -32.70 -35.93
N LYS B 382 -12.36 -31.61 -36.59
CA LYS B 382 -11.25 -31.62 -37.52
C LYS B 382 -10.12 -30.76 -36.99
N ALA B 383 -8.95 -30.89 -37.61
CA ALA B 383 -7.74 -30.14 -37.23
C ALA B 383 -8.01 -28.64 -37.05
N GLU B 384 -8.70 -28.04 -38.02
CA GLU B 384 -8.97 -26.60 -38.01
C GLU B 384 -9.84 -26.14 -36.82
N ASP B 385 -10.46 -27.08 -36.10
CA ASP B 385 -11.28 -26.77 -34.94
C ASP B 385 -10.46 -26.60 -33.66
N PHE B 386 -9.20 -27.00 -33.72
CA PHE B 386 -8.33 -26.97 -32.58
C PHE B 386 -7.23 -25.90 -32.71
N ILE B 387 -6.94 -25.24 -31.58
CA ILE B 387 -5.76 -24.42 -31.41
C ILE B 387 -4.88 -25.11 -30.36
N VAL B 388 -3.59 -25.16 -30.62
CA VAL B 388 -2.64 -25.74 -29.68
C VAL B 388 -1.55 -24.68 -29.46
N ASP B 389 -1.36 -24.23 -28.23
CA ASP B 389 -0.50 -23.09 -27.90
C ASP B 389 0.63 -23.71 -27.08
N VAL B 390 1.86 -23.59 -27.54
CA VAL B 390 2.99 -24.15 -26.81
C VAL B 390 3.78 -22.99 -26.21
N ILE B 391 3.98 -23.01 -24.92
CA ILE B 391 4.58 -21.88 -24.20
C ILE B 391 5.84 -22.33 -23.49
N ASN B 392 6.94 -21.67 -23.82
CA ASN B 392 8.22 -21.95 -23.19
C ASN B 392 8.46 -21.07 -21.97
N MET B 393 8.44 -21.68 -20.80
CA MET B 393 8.60 -20.97 -19.55
C MET B 393 10.03 -21.23 -19.08
N ASP B 394 10.74 -20.15 -18.73
CA ASP B 394 12.11 -20.29 -18.25
C ASP B 394 12.56 -19.07 -17.42
N TYR B 395 13.79 -19.12 -16.94
CA TYR B 395 14.42 -18.06 -16.17
C TYR B 395 15.21 -17.06 -17.03
N GLY B 396 14.82 -16.91 -18.28
CA GLY B 396 15.37 -15.91 -19.17
C GLY B 396 16.55 -16.34 -20.01
N MET B 397 17.04 -17.55 -19.81
CA MET B 397 18.24 -18.00 -20.47
C MET B 397 18.10 -19.48 -20.84
N GLN B 398 16.98 -19.84 -21.46
CA GLN B 398 16.75 -21.24 -21.89
C GLN B 398 16.90 -22.18 -20.70
N GLU B 399 17.70 -23.22 -20.85
CA GLU B 399 17.94 -24.21 -19.81
C GLU B 399 18.90 -23.75 -18.69
N LYS B 400 19.61 -22.64 -18.91
CA LYS B 400 20.62 -22.19 -17.96
C LYS B 400 20.05 -21.46 -16.70
N ASN B 401 20.80 -21.59 -15.62
CA ASN B 401 20.58 -20.86 -14.40
C ASN B 401 21.26 -19.49 -14.53
N PRO B 402 20.45 -18.38 -14.51
CA PRO B 402 21.08 -17.07 -14.70
C PRO B 402 22.00 -16.70 -13.58
N ILE B 403 21.80 -17.29 -12.40
CA ILE B 403 22.62 -16.93 -11.23
C ILE B 403 24.04 -17.44 -11.37
N ASP B 404 24.27 -18.44 -12.25
CA ASP B 404 25.61 -18.83 -12.61
C ASP B 404 26.33 -17.76 -13.41
N HIS B 405 25.61 -16.75 -13.88
CA HIS B 405 26.21 -15.65 -14.67
C HIS B 405 26.16 -14.31 -13.93
N VAL B 406 26.09 -14.39 -12.61
CA VAL B 406 26.08 -13.23 -11.75
C VAL B 406 27.36 -13.26 -10.95
N SER B 407 27.95 -12.10 -10.74
CA SER B 407 29.12 -11.95 -9.88
C SER B 407 28.71 -11.32 -8.58
N PHE B 408 29.32 -11.83 -7.50
CA PHE B 408 29.08 -11.32 -6.14
C PHE B 408 30.34 -10.83 -5.44
N TYR B 409 30.16 -10.12 -4.33
CA TYR B 409 31.25 -9.66 -3.48
C TYR B 409 30.87 -9.90 -2.05
N CYS B 410 31.87 -9.95 -1.19
CA CYS B 410 31.71 -10.25 0.22
C CYS B 410 32.11 -9.07 1.03
N LYS B 411 31.59 -9.02 2.24
CA LYS B 411 31.75 -7.86 3.10
C LYS B 411 33.24 -7.66 3.46
N THR B 412 33.98 -8.74 3.63
CA THR B 412 35.36 -8.63 4.01
C THR B 412 36.30 -8.12 2.88
N ALA B 413 35.91 -8.28 1.61
CA ALA B 413 36.72 -7.84 0.44
C ALA B 413 35.85 -7.28 -0.70
N PRO B 414 35.30 -6.06 -0.53
CA PRO B 414 34.24 -5.59 -1.41
C PRO B 414 34.67 -5.37 -2.85
N ASN B 415 35.97 -5.39 -3.11
CA ASN B 415 36.51 -5.26 -4.46
C ASN B 415 36.83 -6.57 -5.12
N ARG B 416 36.61 -7.69 -4.44
CA ARG B 416 36.90 -8.98 -5.02
C ARG B 416 35.64 -9.77 -5.42
N ALA B 417 35.47 -9.91 -6.73
CA ALA B 417 34.34 -10.63 -7.32
C ALA B 417 34.43 -12.13 -7.12
N ILE B 418 33.29 -12.77 -6.84
CA ILE B 418 33.23 -14.22 -6.64
C ILE B 418 32.00 -14.82 -7.30
N ARG B 419 31.99 -16.16 -7.39
CA ARG B 419 30.87 -16.92 -7.93
C ARG B 419 30.22 -17.71 -6.80
N ILE B 420 28.91 -17.94 -6.90
CA ILE B 420 28.15 -18.72 -5.92
C ILE B 420 27.30 -19.73 -6.70
N THR B 421 27.43 -21.01 -6.35
CA THR B 421 26.74 -22.12 -7.06
C THR B 421 25.43 -22.41 -6.34
N LYS B 422 24.56 -23.16 -7.01
CA LYS B 422 23.20 -23.41 -6.48
C LYS B 422 23.22 -24.14 -5.13
N ASN B 423 24.11 -25.13 -5.02
CA ASN B 423 24.32 -25.90 -3.81
C ASN B 423 24.86 -25.12 -2.63
N GLN B 424 25.52 -23.99 -2.90
CA GLN B 424 25.89 -23.09 -1.83
C GLN B 424 24.71 -22.27 -1.34
N VAL B 425 23.55 -22.36 -1.97
CA VAL B 425 22.43 -21.53 -1.53
C VAL B 425 21.38 -22.35 -0.83
N SER B 426 20.81 -23.33 -1.52
CA SER B 426 19.66 -24.05 -0.96
C SER B 426 19.33 -25.26 -1.81
N GLN B 427 18.93 -26.35 -1.15
CA GLN B 427 18.44 -27.54 -1.86
C GLN B 427 16.95 -27.39 -2.29
N LEU B 428 16.27 -26.34 -1.83
CA LEU B 428 14.86 -26.12 -2.12
C LEU B 428 14.60 -25.35 -3.42
N LEU B 429 15.66 -25.03 -4.14
CA LEU B 429 15.61 -24.29 -5.38
C LEU B 429 15.25 -25.22 -6.55
N PRO B 430 14.82 -24.65 -7.69
CA PRO B 430 14.46 -25.49 -8.86
C PRO B 430 15.62 -26.36 -9.37
N GLU B 431 15.33 -27.56 -9.87
CA GLU B 431 16.38 -28.41 -10.49
C GLU B 431 16.54 -28.17 -11.96
N LYS B 432 15.51 -27.59 -12.58
CA LYS B 432 15.54 -27.22 -13.98
C LYS B 432 15.07 -25.76 -14.06
N PHE B 433 15.43 -25.11 -15.16
CA PHE B 433 15.17 -23.68 -15.36
C PHE B 433 14.38 -23.41 -16.62
N ALA B 434 13.91 -24.47 -17.29
CA ALA B 434 13.03 -24.35 -18.47
C ALA B 434 12.02 -25.50 -18.54
N GLU B 435 10.83 -25.22 -19.04
CA GLU B 435 9.76 -26.22 -19.26
C GLU B 435 8.82 -25.71 -20.31
N GLN B 436 7.93 -26.58 -20.80
CA GLN B 436 6.93 -26.22 -21.80
C GLN B 436 5.53 -26.51 -21.30
N LEU B 437 4.61 -25.58 -21.53
CA LEU B 437 3.18 -25.83 -21.29
C LEU B 437 2.48 -25.89 -22.60
N ILE B 438 1.49 -26.77 -22.67
CA ILE B 438 0.74 -26.97 -23.89
C ILE B 438 -0.72 -26.70 -23.54
N ARG B 439 -1.32 -25.68 -24.16
CA ARG B 439 -2.73 -25.42 -23.99
C ARG B 439 -3.46 -25.76 -25.27
N VAL B 440 -4.66 -26.33 -25.10
CA VAL B 440 -5.50 -26.65 -26.23
C VAL B 440 -6.83 -25.94 -26.07
N TYR B 441 -7.32 -25.40 -27.19
CA TYR B 441 -8.61 -24.76 -27.22
C TYR B 441 -9.42 -25.27 -28.38
N CYS B 442 -10.73 -25.12 -28.27
CA CYS B 442 -11.64 -25.48 -29.37
C CYS B 442 -12.35 -24.26 -29.95
N LYS B 443 -12.33 -24.13 -31.29
CA LYS B 443 -13.05 -23.06 -31.98
C LYS B 443 -14.54 -23.28 -32.07
N LYS B 444 -15.00 -24.51 -31.87
CA LYS B 444 -16.42 -24.82 -31.78
C LYS B 444 -16.86 -24.78 -30.31
N VAL B 445 -17.76 -23.86 -29.99
CA VAL B 445 -18.03 -23.52 -28.61
C VAL B 445 -19.29 -24.13 -28.02
N ASP B 446 -20.05 -24.85 -28.82
CA ASP B 446 -21.23 -25.52 -28.31
C ASP B 446 -20.87 -26.67 -27.38
N ARG B 447 -21.85 -27.05 -26.57
CA ARG B 447 -21.67 -28.02 -25.52
C ARG B 447 -21.18 -29.40 -26.03
N LYS B 448 -21.70 -29.85 -27.16
CA LYS B 448 -21.33 -31.17 -27.68
C LYS B 448 -19.95 -31.19 -28.27
N SER B 449 -19.57 -30.12 -28.96
CA SER B 449 -18.21 -29.99 -29.50
C SER B 449 -17.19 -29.94 -28.40
N LEU B 450 -17.51 -29.22 -27.33
CA LEU B 450 -16.57 -29.07 -26.24
C LEU B 450 -16.37 -30.41 -25.52
N TYR B 451 -17.44 -31.14 -25.30
CA TYR B 451 -17.34 -32.48 -24.70
C TYR B 451 -16.44 -33.34 -25.55
N ALA B 452 -16.62 -33.27 -26.86
CA ALA B 452 -15.84 -34.11 -27.77
C ALA B 452 -14.38 -33.67 -27.78
N ALA B 453 -14.16 -32.36 -27.81
CA ALA B 453 -12.82 -31.77 -27.79
C ALA B 453 -12.03 -32.27 -26.58
N ARG B 454 -12.70 -32.35 -25.46
CA ARG B 454 -12.10 -32.90 -24.25
C ARG B 454 -11.68 -34.35 -24.37
N GLN B 455 -12.46 -35.15 -25.06
CA GLN B 455 -12.14 -36.59 -25.22
C GLN B 455 -10.92 -36.75 -26.11
N TYR B 456 -10.90 -36.03 -27.21
CA TYR B 456 -9.76 -36.07 -28.12
C TYR B 456 -8.51 -35.62 -27.41
N PHE B 457 -8.63 -34.51 -26.67
CA PHE B 457 -7.49 -33.89 -26.01
C PHE B 457 -6.84 -34.83 -25.02
N VAL B 458 -7.64 -35.39 -24.14
CA VAL B 458 -7.11 -36.28 -23.12
C VAL B 458 -6.58 -37.57 -23.74
N GLN B 459 -7.18 -38.03 -24.83
CA GLN B 459 -6.71 -39.26 -25.51
C GLN B 459 -5.33 -38.95 -26.11
N TRP B 460 -5.19 -37.74 -26.66
CA TRP B 460 -3.92 -37.32 -27.24
C TRP B 460 -2.83 -37.23 -26.19
N CYS B 461 -3.17 -36.72 -25.02
CA CYS B 461 -2.23 -36.66 -23.90
C CYS B 461 -1.74 -38.05 -23.54
N ALA B 462 -2.69 -38.99 -23.46
CA ALA B 462 -2.39 -40.41 -23.19
C ALA B 462 -1.47 -41.00 -24.26
N ASP B 463 -1.84 -40.83 -25.52
CA ASP B 463 -1.04 -41.32 -26.64
C ASP B 463 0.37 -40.76 -26.65
N ARG B 464 0.52 -39.49 -26.32
CA ARG B 464 1.84 -38.84 -26.40
C ARG B 464 2.64 -39.02 -25.11
N ASN B 465 2.03 -39.62 -24.08
CA ASN B 465 2.68 -39.72 -22.77
C ASN B 465 2.95 -38.37 -22.09
N PHE B 466 2.05 -37.40 -22.31
CA PHE B 466 2.12 -36.13 -21.58
C PHE B 466 1.55 -36.30 -20.19
N THR B 467 1.66 -35.28 -19.37
CA THR B 467 1.14 -35.33 -18.02
C THR B 467 -0.41 -35.33 -18.04
N LYS B 468 -0.99 -35.94 -17.03
CA LYS B 468 -2.42 -36.05 -16.95
C LYS B 468 -2.99 -34.69 -16.63
N PRO B 469 -3.90 -34.19 -17.44
CA PRO B 469 -4.51 -32.91 -17.08
C PRO B 469 -5.11 -32.95 -15.70
N GLN B 470 -5.08 -31.83 -15.02
CA GLN B 470 -5.53 -31.76 -13.63
C GLN B 470 -6.99 -32.21 -13.44
N ASP B 471 -7.83 -31.90 -14.41
CA ASP B 471 -9.26 -32.24 -14.33
C ASP B 471 -9.59 -33.43 -15.20
N GLY B 472 -8.56 -34.20 -15.59
CA GLY B 472 -8.72 -35.31 -16.52
C GLY B 472 -9.81 -36.29 -16.17
N ASP B 473 -9.83 -36.68 -14.90
CA ASP B 473 -10.81 -37.67 -14.44
C ASP B 473 -12.24 -37.16 -14.47
N VAL B 474 -12.42 -35.83 -14.33
CA VAL B 474 -13.71 -35.21 -14.42
C VAL B 474 -14.15 -34.96 -15.86
N ILE B 475 -13.27 -34.43 -16.69
CA ILE B 475 -13.67 -34.09 -18.07
C ILE B 475 -13.68 -35.28 -19.03
N ALA B 476 -12.91 -36.32 -18.70
CA ALA B 476 -12.84 -37.50 -19.60
C ALA B 476 -12.74 -38.80 -18.80
N PRO B 477 -13.80 -39.10 -18.04
CA PRO B 477 -13.73 -40.21 -17.08
C PRO B 477 -13.55 -41.56 -17.76
N LEU B 478 -14.00 -41.67 -19.01
CA LEU B 478 -13.88 -42.94 -19.71
C LEU B 478 -12.52 -43.12 -20.35
N ILE B 479 -11.74 -42.04 -20.44
CA ILE B 479 -10.44 -42.09 -21.12
C ILE B 479 -9.30 -42.34 -20.14
N THR B 480 -9.32 -41.70 -18.96
CA THR B 480 -8.16 -41.74 -18.05
C THR B 480 -7.83 -43.11 -17.44
N PRO B 481 -8.82 -44.01 -17.28
CA PRO B 481 -8.55 -45.37 -16.78
C PRO B 481 -7.57 -46.19 -17.62
N GLN B 482 -7.50 -45.94 -18.93
CA GLN B 482 -6.66 -46.74 -19.84
C GLN B 482 -5.17 -46.57 -19.57
N LYS B 483 -4.82 -45.50 -18.87
CA LYS B 483 -3.42 -45.11 -18.72
C LYS B 483 -2.97 -45.44 -17.30
N LYS B 484 -2.27 -46.57 -17.17
CA LYS B 484 -1.84 -47.08 -15.85
C LYS B 484 -0.90 -46.12 -15.16
N GLU B 485 -0.06 -45.43 -15.95
CA GLU B 485 0.85 -44.41 -15.42
C GLU B 485 0.10 -43.33 -14.67
N TRP B 486 -1.14 -43.03 -15.08
CA TRP B 486 -1.97 -42.06 -14.36
C TRP B 486 -2.74 -42.67 -13.19
N ASN B 487 -2.76 -44.00 -13.09
CA ASN B 487 -3.56 -44.69 -12.07
C ASN B 487 -2.78 -45.73 -11.32
N ASP C 1 -24.75 -20.86 -16.73
CA ASP C 1 -24.17 -19.59 -16.22
C ASP C 1 -24.01 -19.62 -14.71
N THR C 2 -22.78 -19.38 -14.27
CA THR C 2 -22.46 -19.26 -12.86
C THR C 2 -21.79 -17.90 -12.60
N MET C 3 -21.53 -17.64 -11.32
CA MET C 3 -20.87 -16.43 -10.91
C MET C 3 -19.41 -16.35 -11.40
N LYS C 4 -18.98 -15.18 -11.88
CA LYS C 4 -17.56 -14.96 -12.19
C LYS C 4 -16.87 -14.16 -11.13
N VAL C 5 -15.60 -14.42 -10.98
CA VAL C 5 -14.74 -13.64 -10.10
C VAL C 5 -13.84 -12.76 -10.98
N ILE C 6 -13.72 -11.47 -10.63
CA ILE C 6 -12.78 -10.57 -11.32
C ILE C 6 -11.86 -10.02 -10.24
N ASN C 7 -10.58 -9.96 -10.56
CA ASN C 7 -9.62 -9.36 -9.65
C ASN C 7 -9.39 -7.90 -10.00
N ASP C 8 -9.66 -7.04 -9.05
CA ASP C 8 -9.58 -5.58 -9.21
C ASP C 8 -8.47 -5.10 -8.27
N PRO C 9 -7.58 -4.19 -8.74
CA PRO C 9 -6.54 -3.74 -7.78
C PRO C 9 -7.07 -2.91 -6.64
N ILE C 10 -8.25 -2.35 -6.72
CA ILE C 10 -8.76 -1.54 -5.60
C ILE C 10 -9.52 -2.42 -4.63
N HIS C 11 -10.44 -3.21 -5.12
CA HIS C 11 -11.32 -3.97 -4.27
C HIS C 11 -10.94 -5.46 -4.17
N GLY C 12 -9.96 -5.96 -4.89
CA GLY C 12 -9.60 -7.39 -4.72
C GLY C 12 -10.55 -8.27 -5.53
N HIS C 13 -10.93 -9.41 -5.00
CA HIS C 13 -11.77 -10.35 -5.77
C HIS C 13 -13.22 -10.04 -5.65
N ILE C 14 -13.81 -9.60 -6.77
CA ILE C 14 -15.18 -9.19 -6.84
C ILE C 14 -16.00 -10.30 -7.53
N GLU C 15 -17.13 -10.67 -6.95
CA GLU C 15 -18.00 -11.72 -7.51
C GLU C 15 -19.09 -11.09 -8.33
N LEU C 16 -19.31 -11.59 -9.52
CA LEU C 16 -20.36 -11.09 -10.40
C LEU C 16 -21.38 -12.18 -10.71
N HIS C 17 -22.59 -11.91 -10.29
CA HIS C 17 -23.75 -12.72 -10.60
C HIS C 17 -23.92 -12.83 -12.11
N PRO C 18 -24.45 -13.98 -12.62
CA PRO C 18 -24.44 -14.20 -14.09
C PRO C 18 -25.24 -13.18 -14.87
N LEU C 19 -26.24 -12.58 -14.26
CA LEU C 19 -27.03 -11.54 -14.92
C LEU C 19 -26.17 -10.31 -15.17
N LEU C 20 -25.35 -9.98 -14.19
CA LEU C 20 -24.41 -8.87 -14.30
C LEU C 20 -23.40 -9.15 -15.42
N VAL C 21 -22.91 -10.38 -15.49
CA VAL C 21 -21.95 -10.78 -16.53
C VAL C 21 -22.56 -10.55 -17.89
N ARG C 22 -23.83 -10.91 -18.01
CA ARG C 22 -24.54 -10.75 -19.26
C ARG C 22 -24.64 -9.30 -19.67
N ILE C 23 -24.88 -8.40 -18.72
CA ILE C 23 -24.94 -6.98 -19.04
C ILE C 23 -23.58 -6.42 -19.43
N ILE C 24 -22.54 -6.90 -18.76
CA ILE C 24 -21.16 -6.45 -18.99
C ILE C 24 -20.66 -6.88 -20.37
N ASP C 25 -21.05 -8.06 -20.80
CA ASP C 25 -20.55 -8.63 -22.05
C ASP C 25 -21.36 -8.20 -23.28
N THR C 26 -21.44 -6.88 -23.45
CA THR C 26 -22.16 -6.26 -24.51
C THR C 26 -21.30 -5.12 -25.07
N PRO C 27 -21.47 -4.76 -26.34
CA PRO C 27 -20.75 -3.62 -26.96
C PRO C 27 -21.03 -2.31 -26.24
N GLN C 28 -22.20 -2.18 -25.67
CA GLN C 28 -22.58 -0.94 -24.99
C GLN C 28 -21.80 -0.77 -23.68
N PHE C 29 -21.53 -1.87 -22.99
CA PHE C 29 -20.77 -1.78 -21.76
C PHE C 29 -19.27 -1.79 -22.02
N GLN C 30 -18.83 -2.70 -22.90
CA GLN C 30 -17.41 -2.86 -23.16
C GLN C 30 -16.81 -1.61 -23.80
N ARG C 31 -17.64 -0.84 -24.46
CA ARG C 31 -17.28 0.52 -24.91
C ARG C 31 -16.51 1.32 -23.88
N LEU C 32 -16.88 1.18 -22.60
CA LEU C 32 -16.26 1.96 -21.55
C LEU C 32 -14.75 1.68 -21.35
N ARG C 33 -14.26 0.61 -21.91
CA ARG C 33 -12.81 0.35 -21.93
C ARG C 33 -12.07 1.39 -22.75
N TYR C 34 -12.76 2.17 -23.55
CA TYR C 34 -12.07 3.07 -24.48
C TYR C 34 -12.39 4.53 -24.12
N ILE C 35 -12.73 4.77 -22.86
CA ILE C 35 -12.98 6.09 -22.36
C ILE C 35 -12.21 6.30 -21.04
N LYS C 36 -11.18 7.14 -21.08
CA LYS C 36 -10.38 7.37 -19.91
C LYS C 36 -11.23 8.10 -18.86
N GLN C 37 -11.10 7.65 -17.61
CA GLN C 37 -11.80 8.21 -16.51
C GLN C 37 -11.52 9.71 -16.32
N LEU C 38 -10.25 10.09 -16.40
CA LEU C 38 -9.84 11.46 -16.09
C LEU C 38 -9.58 12.36 -17.32
N GLY C 39 -9.97 11.88 -18.49
CA GLY C 39 -9.76 12.58 -19.74
C GLY C 39 -8.32 12.98 -20.02
N GLY C 40 -8.12 14.28 -20.19
CA GLY C 40 -6.81 14.84 -20.39
C GLY C 40 -5.88 14.80 -19.20
N GLY C 41 -6.39 14.46 -18.01
CA GLY C 41 -5.55 14.19 -16.84
C GLY C 41 -4.43 13.17 -17.06
N TYR C 42 -4.61 12.20 -17.95
CA TYR C 42 -3.57 11.21 -18.25
C TYR C 42 -2.36 11.85 -18.90
N TYR C 43 -2.58 12.98 -19.55
CA TYR C 43 -1.48 13.74 -20.16
C TYR C 43 -0.71 14.61 -19.12
N VAL C 44 -1.10 14.55 -17.84
CA VAL C 44 -0.36 15.15 -16.76
C VAL C 44 0.11 14.15 -15.72
N PHE C 45 -0.75 13.20 -15.42
CA PHE C 45 -0.51 12.17 -14.46
C PHE C 45 -0.44 10.85 -15.26
N PRO C 46 0.75 10.38 -15.56
CA PRO C 46 0.87 9.18 -16.40
C PRO C 46 0.34 7.88 -15.86
N GLY C 47 0.13 7.80 -14.58
CA GLY C 47 -0.52 6.61 -14.02
C GLY C 47 -1.99 6.58 -14.28
N ALA C 48 -2.60 7.73 -14.61
CA ALA C 48 -4.06 7.81 -14.81
C ALA C 48 -4.50 7.29 -16.21
N SER C 49 -4.16 6.04 -16.45
CA SER C 49 -4.49 5.36 -17.68
C SER C 49 -5.86 4.65 -17.52
N HIS C 50 -6.41 4.62 -16.32
CA HIS C 50 -7.69 3.91 -16.08
C HIS C 50 -8.89 4.45 -16.85
N ASN C 51 -9.77 3.52 -17.21
CA ASN C 51 -10.91 3.81 -18.04
C ASN C 51 -12.18 3.65 -17.26
N ARG C 52 -13.27 4.11 -17.86
CA ARG C 52 -14.59 4.10 -17.17
C ARG C 52 -15.10 2.68 -16.93
N PHE C 53 -14.64 1.71 -17.75
CA PHE C 53 -15.04 0.31 -17.56
C PHE C 53 -14.77 -0.19 -16.15
N GLU C 54 -13.52 -0.09 -15.73
CA GLU C 54 -13.13 -0.69 -14.45
C GLU C 54 -13.70 0.13 -13.29
N HIS C 55 -13.85 1.43 -13.45
CA HIS C 55 -14.56 2.24 -12.43
C HIS C 55 -15.98 1.71 -12.23
N SER C 56 -16.66 1.35 -13.36
CA SER C 56 -18.02 0.91 -13.32
C SER C 56 -18.19 -0.41 -12.58
N LEU C 57 -17.27 -1.35 -12.84
CA LEU C 57 -17.26 -2.60 -12.05
C LEU C 57 -17.14 -2.31 -10.56
N GLY C 58 -16.28 -1.37 -10.20
CA GLY C 58 -16.09 -1.04 -8.79
C GLY C 58 -17.33 -0.39 -8.16
N VAL C 59 -18.01 0.47 -8.91
CA VAL C 59 -19.24 1.08 -8.39
C VAL C 59 -20.30 -0.01 -8.17
N GLY C 60 -20.39 -0.95 -9.08
CA GLY C 60 -21.34 -2.03 -8.94
C GLY C 60 -21.04 -2.90 -7.78
N TYR C 61 -19.76 -3.23 -7.61
CA TYR C 61 -19.33 -3.96 -6.43
C TYR C 61 -19.66 -3.22 -5.13
N LEU C 62 -19.32 -1.96 -5.03
CA LEU C 62 -19.63 -1.22 -3.77
C LEU C 62 -21.12 -1.04 -3.48
N ALA C 63 -21.91 -0.89 -4.52
CA ALA C 63 -23.35 -0.73 -4.37
C ALA C 63 -23.91 -2.02 -3.76
N GLY C 64 -23.43 -3.18 -4.24
CA GLY C 64 -23.75 -4.47 -3.63
C GLY C 64 -23.26 -4.64 -2.20
N CYS C 65 -22.04 -4.22 -1.92
CA CYS C 65 -21.56 -4.25 -0.53
C CYS C 65 -22.48 -3.46 0.41
N LEU C 66 -22.87 -2.23 0.05
CA LEU C 66 -23.61 -1.38 0.99
C LEU C 66 -25.02 -1.98 1.26
N VAL C 67 -25.70 -2.37 0.20
CA VAL C 67 -27.00 -2.90 0.27
C VAL C 67 -27.00 -4.23 1.04
N HIS C 68 -26.01 -5.11 0.79
CA HIS C 68 -25.85 -6.36 1.55
C HIS C 68 -25.61 -6.06 3.00
N ALA C 69 -24.69 -5.15 3.31
CA ALA C 69 -24.43 -4.87 4.71
C ALA C 69 -25.71 -4.34 5.44
N LEU C 70 -26.51 -3.48 4.80
CA LEU C 70 -27.71 -2.97 5.47
C LEU C 70 -28.67 -4.09 5.76
N GLY C 71 -28.81 -5.00 4.79
CA GLY C 71 -29.73 -6.13 4.88
C GLY C 71 -29.36 -7.06 5.98
N GLU C 72 -28.09 -7.31 6.14
CA GLU C 72 -27.56 -8.21 7.19
C GLU C 72 -27.75 -7.64 8.56
N LYS C 73 -27.47 -6.36 8.76
CA LYS C 73 -27.65 -5.73 10.07
C LYS C 73 -29.15 -5.53 10.37
N GLN C 74 -29.97 -5.24 9.37
CA GLN C 74 -31.40 -4.90 9.58
C GLN C 74 -32.33 -5.74 8.67
N PRO C 75 -32.54 -7.03 9.02
CA PRO C 75 -33.50 -7.89 8.29
C PRO C 75 -34.88 -7.29 8.18
N GLU C 76 -35.26 -6.47 9.15
CA GLU C 76 -36.61 -5.88 9.16
C GLU C 76 -36.86 -4.93 7.99
N LEU C 77 -35.79 -4.55 7.26
CA LEU C 77 -35.94 -3.74 6.07
C LEU C 77 -36.47 -4.54 4.87
N GLN C 78 -36.39 -5.87 4.93
CA GLN C 78 -36.92 -6.75 3.85
C GLN C 78 -36.22 -6.52 2.53
N ILE C 79 -34.93 -6.27 2.57
CA ILE C 79 -34.16 -6.17 1.33
C ILE C 79 -34.11 -7.56 0.65
N SER C 80 -34.60 -7.66 -0.60
CA SER C 80 -34.61 -8.92 -1.35
C SER C 80 -33.38 -9.08 -2.26
N GLU C 81 -33.11 -10.30 -2.67
CA GLU C 81 -32.09 -10.60 -3.66
C GLU C 81 -32.34 -9.80 -4.93
N ARG C 82 -33.61 -9.61 -5.26
CA ARG C 82 -34.02 -8.78 -6.38
C ARG C 82 -33.57 -7.30 -6.24
N ASP C 83 -33.77 -6.74 -5.05
CA ASP C 83 -33.30 -5.39 -4.72
C ASP C 83 -31.78 -5.29 -4.90
N VAL C 84 -31.06 -6.27 -4.40
CA VAL C 84 -29.59 -6.30 -4.45
C VAL C 84 -29.12 -6.28 -5.90
N LEU C 85 -29.73 -7.10 -6.75
CA LEU C 85 -29.36 -7.12 -8.13
C LEU C 85 -29.68 -5.78 -8.85
N CYS C 86 -30.83 -5.20 -8.55
CA CYS C 86 -31.18 -3.95 -9.17
C CYS C 86 -30.24 -2.82 -8.77
N VAL C 87 -29.78 -2.83 -7.54
CA VAL C 87 -28.88 -1.82 -7.08
C VAL C 87 -27.51 -2.03 -7.73
N GLN C 88 -27.07 -3.28 -7.82
CA GLN C 88 -25.80 -3.56 -8.50
C GLN C 88 -25.83 -3.10 -9.92
N ILE C 89 -26.94 -3.38 -10.62
CA ILE C 89 -27.03 -3.05 -12.04
C ILE C 89 -26.99 -1.54 -12.23
N ALA C 90 -27.73 -0.82 -11.40
CA ALA C 90 -27.65 0.64 -11.45
C ALA C 90 -26.20 1.11 -11.22
N GLY C 91 -25.51 0.50 -10.27
CA GLY C 91 -24.14 0.84 -9.99
C GLY C 91 -23.24 0.61 -11.16
N LEU C 92 -23.35 -0.59 -11.74
CA LEU C 92 -22.59 -0.94 -12.93
C LEU C 92 -22.85 0.00 -14.09
N CYS C 93 -24.11 0.45 -14.22
CA CYS C 93 -24.50 1.13 -15.42
C CYS C 93 -24.53 2.65 -15.33
N ARG C 94 -24.21 3.24 -14.18
CA ARG C 94 -24.39 4.70 -14.11
C ARG C 94 -23.37 5.51 -14.85
N ASN C 95 -22.31 4.89 -15.36
CA ASN C 95 -21.33 5.61 -16.20
C ASN C 95 -21.49 5.34 -17.75
N LEU C 96 -22.55 4.64 -18.17
CA LEU C 96 -22.70 4.26 -19.59
C LEU C 96 -22.77 5.42 -20.52
N GLY C 97 -23.26 6.58 -20.03
CA GLY C 97 -23.46 7.75 -20.90
C GLY C 97 -22.27 8.64 -21.12
N HIS C 98 -21.14 8.34 -20.49
CA HIS C 98 -19.94 9.17 -20.73
C HIS C 98 -19.42 9.05 -22.16
N GLY C 99 -18.86 10.18 -22.60
CA GLY C 99 -18.38 10.32 -23.97
C GLY C 99 -16.91 10.40 -23.95
N PRO C 100 -16.30 10.59 -25.11
CA PRO C 100 -14.82 10.64 -25.24
C PRO C 100 -14.18 11.57 -24.23
N PHE C 101 -13.18 11.07 -23.51
CA PHE C 101 -12.46 11.83 -22.46
C PHE C 101 -13.32 12.30 -21.30
N SER C 102 -14.35 11.53 -21.03
CA SER C 102 -15.26 11.73 -19.94
C SER C 102 -15.74 13.19 -19.81
N HIS C 103 -15.34 13.91 -18.77
CA HIS C 103 -15.90 15.25 -18.52
C HIS C 103 -15.54 16.31 -19.53
N MET C 104 -14.51 16.08 -20.32
CA MET C 104 -14.34 16.91 -21.46
C MET C 104 -15.56 17.01 -22.36
N PHE C 105 -16.18 15.88 -22.60
CA PHE C 105 -17.20 15.75 -23.61
C PHE C 105 -18.47 16.45 -23.20
N ASP C 106 -18.93 16.19 -21.99
CA ASP C 106 -20.17 16.83 -21.55
C ASP C 106 -19.93 18.14 -20.82
N GLY C 107 -18.70 18.38 -20.36
CA GLY C 107 -18.36 19.64 -19.73
C GLY C 107 -17.91 20.71 -20.71
N ARG C 108 -17.23 20.35 -21.81
CA ARG C 108 -16.72 21.38 -22.73
C ARG C 108 -17.26 21.26 -24.12
N PHE C 109 -17.23 20.05 -24.71
CA PHE C 109 -17.54 19.88 -26.11
C PHE C 109 -19.01 20.02 -26.47
N ILE C 110 -19.87 19.28 -25.82
CA ILE C 110 -21.29 19.37 -26.14
C ILE C 110 -21.89 20.78 -25.84
N PRO C 111 -21.50 21.40 -24.74
CA PRO C 111 -22.02 22.78 -24.53
C PRO C 111 -21.58 23.79 -25.59
N LEU C 112 -20.43 23.59 -26.22
CA LEU C 112 -20.03 24.45 -27.34
C LEU C 112 -20.59 24.02 -28.67
N ALA C 113 -20.64 22.73 -28.93
CA ALA C 113 -21.17 22.20 -30.20
C ALA C 113 -22.68 22.27 -30.29
N ARG C 114 -23.38 22.00 -29.20
CA ARG C 114 -24.84 21.95 -29.19
C ARG C 114 -25.34 22.84 -28.05
N PRO C 115 -25.11 24.15 -28.15
CA PRO C 115 -25.53 25.03 -27.06
C PRO C 115 -27.04 24.96 -26.72
N GLU C 116 -27.87 24.63 -27.69
CA GLU C 116 -29.31 24.57 -27.48
C GLU C 116 -29.76 23.34 -26.69
N VAL C 117 -28.92 22.30 -26.62
CA VAL C 117 -29.34 21.04 -26.06
C VAL C 117 -28.98 21.01 -24.59
N LYS C 118 -29.65 20.15 -23.82
CA LYS C 118 -29.36 20.00 -22.40
C LYS C 118 -28.96 18.55 -22.18
N TRP C 119 -27.68 18.27 -22.22
CA TRP C 119 -27.18 16.91 -22.22
C TRP C 119 -26.40 16.70 -20.94
N THR C 120 -26.61 15.56 -20.31
CA THR C 120 -25.80 15.13 -19.21
C THR C 120 -25.44 13.68 -19.40
N HIS C 121 -24.34 13.26 -18.80
CA HIS C 121 -23.94 11.85 -18.91
C HIS C 121 -24.98 10.95 -18.24
N GLU C 122 -25.66 11.46 -17.22
CA GLU C 122 -26.75 10.74 -16.51
C GLU C 122 -27.86 10.35 -17.48
N GLN C 123 -28.36 11.33 -18.25
CA GLN C 123 -29.34 11.07 -19.28
C GLN C 123 -28.78 10.11 -20.29
N GLY C 124 -27.56 10.35 -20.71
CA GLY C 124 -26.89 9.43 -21.63
C GLY C 124 -26.87 8.02 -21.08
N SER C 125 -26.65 7.87 -19.78
CA SER C 125 -26.57 6.55 -19.17
C SER C 125 -27.92 5.82 -19.23
N VAL C 126 -29.02 6.54 -18.98
CA VAL C 126 -30.35 5.94 -19.13
C VAL C 126 -30.65 5.48 -20.55
N MET C 127 -30.30 6.31 -21.52
CA MET C 127 -30.56 6.00 -22.94
C MET C 127 -29.67 4.81 -23.39
N MET C 128 -28.42 4.81 -22.97
CA MET C 128 -27.53 3.76 -23.33
C MET C 128 -28.01 2.44 -22.69
N PHE C 129 -28.47 2.54 -21.46
CA PHE C 129 -28.95 1.37 -20.73
C PHE C 129 -30.14 0.72 -21.43
N GLU C 130 -31.11 1.55 -21.79
CA GLU C 130 -32.28 1.10 -22.57
C GLU C 130 -31.81 0.38 -23.85
N HIS C 131 -30.88 1.00 -24.53
CA HIS C 131 -30.36 0.43 -25.77
C HIS C 131 -29.64 -0.90 -25.52
N LEU C 132 -28.90 -0.97 -24.42
CA LEU C 132 -28.19 -2.16 -24.06
C LEU C 132 -29.16 -3.32 -23.82
N ILE C 133 -30.19 -3.04 -23.05
CA ILE C 133 -31.20 -4.04 -22.72
C ILE C 133 -31.89 -4.55 -24.00
N ASN C 134 -32.37 -3.61 -24.82
CA ASN C 134 -33.14 -3.97 -26.00
C ASN C 134 -32.30 -4.62 -27.07
N SER C 135 -31.10 -4.14 -27.31
CA SER C 135 -30.25 -4.74 -28.30
C SER C 135 -29.75 -6.13 -27.93
N ASN C 136 -29.75 -6.51 -26.67
CA ASN C 136 -29.04 -7.72 -26.26
C ASN C 136 -29.95 -8.81 -25.64
N GLY C 137 -31.27 -8.62 -25.70
CA GLY C 137 -32.21 -9.57 -25.16
C GLY C 137 -32.10 -9.79 -23.66
N ILE C 138 -31.93 -8.70 -22.90
CA ILE C 138 -31.65 -8.82 -21.48
C ILE C 138 -32.92 -9.04 -20.66
N LYS C 139 -34.07 -8.55 -21.12
CA LYS C 139 -35.31 -8.73 -20.36
C LYS C 139 -35.64 -10.19 -19.96
N PRO C 140 -35.53 -11.14 -20.89
CA PRO C 140 -35.77 -12.56 -20.55
C PRO C 140 -34.77 -13.08 -19.56
N VAL C 141 -33.54 -12.60 -19.65
CA VAL C 141 -32.53 -13.03 -18.68
C VAL C 141 -32.89 -12.48 -17.30
N MET C 142 -33.34 -11.24 -17.23
CA MET C 142 -33.77 -10.66 -15.97
C MET C 142 -34.89 -11.47 -15.32
N GLU C 143 -35.85 -11.88 -16.14
CA GLU C 143 -36.96 -12.70 -15.67
C GLU C 143 -36.48 -14.02 -15.15
N GLN C 144 -35.54 -14.61 -15.87
CA GLN C 144 -34.96 -15.87 -15.49
C GLN C 144 -34.35 -15.83 -14.07
N TYR C 145 -33.90 -14.65 -13.60
CA TYR C 145 -33.31 -14.52 -12.28
C TYR C 145 -34.23 -13.78 -11.31
N GLY C 146 -35.53 -13.76 -11.59
CA GLY C 146 -36.50 -13.25 -10.65
C GLY C 146 -36.78 -11.77 -10.67
N LEU C 147 -36.20 -11.02 -11.60
CA LEU C 147 -36.55 -9.60 -11.71
C LEU C 147 -37.85 -9.46 -12.50
N ILE C 148 -38.52 -8.33 -12.28
CA ILE C 148 -39.73 -7.98 -13.00
C ILE C 148 -39.44 -6.75 -13.84
N PRO C 149 -39.09 -6.96 -15.13
CA PRO C 149 -38.55 -5.91 -15.97
C PRO C 149 -39.26 -4.55 -15.95
N GLU C 150 -40.57 -4.54 -15.96
CA GLU C 150 -41.33 -3.30 -16.00
C GLU C 150 -40.90 -2.41 -14.82
N GLU C 151 -41.11 -2.90 -13.60
CA GLU C 151 -40.75 -2.14 -12.39
C GLU C 151 -39.25 -1.94 -12.21
N ASP C 152 -38.50 -3.00 -12.43
CA ASP C 152 -37.10 -3.03 -12.08
C ASP C 152 -36.22 -2.21 -13.02
N ILE C 153 -36.52 -2.22 -14.31
CA ILE C 153 -35.87 -1.34 -15.25
C ILE C 153 -36.16 0.10 -14.88
N CYS C 154 -37.39 0.39 -14.48
CA CYS C 154 -37.76 1.73 -14.02
C CYS C 154 -36.96 2.13 -12.77
N PHE C 155 -36.90 1.23 -11.80
CA PHE C 155 -36.08 1.42 -10.62
C PHE C 155 -34.59 1.74 -10.94
N ILE C 156 -33.99 0.96 -11.83
CA ILE C 156 -32.63 1.12 -12.18
C ILE C 156 -32.39 2.52 -12.80
N LYS C 157 -33.25 2.91 -13.70
CA LYS C 157 -33.13 4.22 -14.32
C LYS C 157 -33.32 5.33 -13.31
N GLU C 158 -34.28 5.18 -12.39
CA GLU C 158 -34.51 6.18 -11.37
C GLU C 158 -33.31 6.33 -10.46
N GLN C 159 -32.65 5.23 -10.16
CA GLN C 159 -31.42 5.27 -9.37
C GLN C 159 -30.31 6.10 -10.05
N ILE C 160 -30.30 6.10 -11.38
CA ILE C 160 -29.26 6.77 -12.15
C ILE C 160 -29.58 8.23 -12.38
N VAL C 161 -30.81 8.54 -12.72
CA VAL C 161 -31.16 9.89 -13.13
C VAL C 161 -32.13 10.60 -12.19
N GLY C 162 -32.69 9.91 -11.21
CA GLY C 162 -33.71 10.44 -10.32
C GLY C 162 -35.11 10.21 -10.89
N PRO C 163 -36.13 10.82 -10.26
CA PRO C 163 -37.51 10.71 -10.74
C PRO C 163 -37.66 11.04 -12.21
N LEU C 164 -38.35 10.17 -12.93
CA LEU C 164 -38.56 10.35 -14.37
C LEU C 164 -39.64 11.40 -14.70
N GLU C 165 -40.14 12.13 -13.68
CA GLU C 165 -40.66 13.49 -13.91
C GLU C 165 -39.62 14.49 -13.44
N LEU C 172 -46.65 13.52 -3.38
CA LEU C 172 -45.48 13.51 -2.55
C LEU C 172 -44.39 12.51 -2.98
N TRP C 173 -44.53 11.18 -2.84
CA TRP C 173 -43.45 10.21 -3.21
C TRP C 173 -43.27 10.12 -4.75
N PRO C 174 -42.15 10.64 -5.28
CA PRO C 174 -42.01 10.81 -6.73
C PRO C 174 -41.51 9.58 -7.51
N TYR C 175 -41.23 8.48 -6.84
CA TYR C 175 -40.60 7.35 -7.51
C TYR C 175 -41.60 6.25 -7.72
N LYS C 176 -41.43 5.54 -8.83
CA LYS C 176 -42.31 4.44 -9.16
C LYS C 176 -41.66 3.06 -9.07
N GLY C 177 -40.34 2.96 -9.13
CA GLY C 177 -39.68 1.69 -9.12
C GLY C 177 -39.72 1.01 -7.77
N ARG C 178 -39.71 1.79 -6.69
CA ARG C 178 -39.85 1.25 -5.35
C ARG C 178 -40.64 2.20 -4.45
N PRO C 179 -41.32 1.67 -3.42
CA PRO C 179 -42.15 2.49 -2.52
C PRO C 179 -41.33 3.07 -1.39
N GLU C 180 -41.92 3.94 -0.60
CA GLU C 180 -41.19 4.71 0.42
C GLU C 180 -40.50 3.90 1.47
N ASN C 181 -41.06 2.72 1.73
CA ASN C 181 -40.40 1.82 2.69
C ASN C 181 -39.06 1.34 2.21
N LYS C 182 -38.72 1.56 0.93
CA LYS C 182 -37.37 1.25 0.39
C LYS C 182 -36.61 2.50 -0.09
N SER C 183 -37.02 3.66 0.39
N SER C 183 -37.02 3.67 0.40
CA SER C 183 -36.41 4.91 -0.05
CA SER C 183 -36.42 4.96 0.03
C SER C 183 -34.91 4.98 0.09
C SER C 183 -34.91 4.99 0.11
N PHE C 184 -34.38 4.39 1.16
CA PHE C 184 -32.95 4.31 1.37
C PHE C 184 -32.17 3.64 0.20
N LEU C 185 -32.83 2.83 -0.63
CA LEU C 185 -32.15 2.20 -1.77
C LEU C 185 -31.73 3.20 -2.79
N TYR C 186 -32.43 4.34 -2.83
CA TYR C 186 -32.12 5.40 -3.77
C TYR C 186 -30.91 6.26 -3.38
N GLU C 187 -30.39 6.02 -2.18
CA GLU C 187 -29.26 6.77 -1.66
C GLU C 187 -27.92 6.04 -1.88
N ILE C 188 -27.93 4.88 -2.52
CA ILE C 188 -26.70 4.08 -2.70
C ILE C 188 -25.86 4.52 -3.89
N VAL C 189 -26.48 4.59 -5.07
CA VAL C 189 -25.73 4.68 -6.31
C VAL C 189 -25.47 6.10 -6.72
N SER C 190 -26.52 6.90 -6.67
CA SER C 190 -26.38 8.28 -6.95
C SER C 190 -27.27 9.03 -5.98
N ASN C 191 -26.67 9.55 -4.91
CA ASN C 191 -27.41 10.15 -3.79
C ASN C 191 -27.72 11.62 -4.06
N LYS C 192 -28.91 11.86 -4.54
CA LYS C 192 -29.36 13.20 -4.88
C LYS C 192 -29.60 14.13 -3.67
N ARG C 193 -29.75 13.58 -2.47
CA ARG C 193 -29.98 14.37 -1.28
C ARG C 193 -28.72 15.07 -0.75
N ASN C 194 -27.61 14.34 -0.67
CA ASN C 194 -26.41 14.92 -0.12
C ASN C 194 -25.09 14.48 -0.76
N GLY C 195 -25.13 13.64 -1.81
CA GLY C 195 -23.96 13.32 -2.56
C GLY C 195 -23.09 12.20 -1.98
N ILE C 196 -23.52 11.63 -0.87
CA ILE C 196 -22.76 10.54 -0.26
C ILE C 196 -23.19 9.22 -0.89
N ASP C 197 -22.42 8.73 -1.86
CA ASP C 197 -22.75 7.55 -2.57
C ASP C 197 -21.54 6.73 -2.97
N VAL C 198 -21.80 5.53 -3.44
CA VAL C 198 -20.71 4.60 -3.69
C VAL C 198 -19.89 4.94 -4.91
N ASP C 199 -20.39 5.81 -5.76
CA ASP C 199 -19.66 6.22 -6.95
C ASP C 199 -18.43 7.01 -6.53
N LYS C 200 -18.60 7.97 -5.63
CA LYS C 200 -17.47 8.73 -5.07
C LYS C 200 -16.51 7.79 -4.38
N TRP C 201 -17.02 6.87 -3.61
CA TRP C 201 -16.10 5.98 -2.85
C TRP C 201 -15.19 5.17 -3.78
N ASP C 202 -15.69 4.72 -4.93
CA ASP C 202 -14.83 4.03 -5.86
C ASP C 202 -13.85 4.97 -6.53
N TYR C 203 -14.31 6.14 -6.94
CA TYR C 203 -13.33 7.00 -7.66
C TYR C 203 -12.29 7.55 -6.76
N PHE C 204 -12.60 7.82 -5.50
CA PHE C 204 -11.54 8.28 -4.56
C PHE C 204 -10.42 7.26 -4.50
N ALA C 205 -10.80 6.00 -4.29
CA ALA C 205 -9.84 4.95 -4.14
C ALA C 205 -9.07 4.65 -5.42
N ARG C 206 -9.80 4.58 -6.53
CA ARG C 206 -9.23 4.21 -7.81
C ARG C 206 -8.41 5.36 -8.40
N ASP C 207 -8.97 6.55 -8.40
CA ASP C 207 -8.21 7.67 -8.93
C ASP C 207 -6.90 7.83 -8.14
N CYS C 208 -6.94 7.79 -6.81
CA CYS C 208 -5.76 7.98 -5.98
C CYS C 208 -4.68 6.92 -6.27
N HIS C 209 -5.09 5.68 -6.34
CA HIS C 209 -4.21 4.57 -6.72
C HIS C 209 -3.44 4.86 -7.97
N HIS C 210 -4.11 5.44 -8.97
CA HIS C 210 -3.53 5.68 -10.26
C HIS C 210 -2.83 6.96 -10.43
N LEU C 211 -3.36 8.03 -9.79
CA LEU C 211 -2.71 9.31 -9.79
C LEU C 211 -1.42 9.35 -9.02
N GLY C 212 -1.30 8.52 -7.98
CA GLY C 212 -0.17 8.58 -6.99
C GLY C 212 -0.39 9.62 -5.90
N ILE C 213 -1.65 9.78 -5.46
CA ILE C 213 -2.01 10.68 -4.40
C ILE C 213 -2.77 9.82 -3.46
N GLN C 214 -2.68 10.09 -2.17
CA GLN C 214 -3.24 9.17 -1.18
C GLN C 214 -4.63 9.56 -0.77
N ASN C 215 -5.48 8.54 -0.71
CA ASN C 215 -6.89 8.73 -0.33
C ASN C 215 -7.03 8.65 1.17
N ASN C 216 -7.66 9.66 1.77
CA ASN C 216 -7.85 9.70 3.22
C ASN C 216 -9.26 9.26 3.70
N PHE C 217 -10.20 9.00 2.78
CA PHE C 217 -11.53 8.54 3.17
C PHE C 217 -11.70 7.01 3.25
N ASP C 218 -12.24 6.53 4.37
CA ASP C 218 -12.42 5.08 4.62
C ASP C 218 -13.89 4.65 4.48
N TYR C 219 -14.24 4.16 3.30
CA TYR C 219 -15.60 3.85 2.95
C TYR C 219 -16.07 2.61 3.70
N LYS C 220 -15.17 1.68 4.02
CA LYS C 220 -15.57 0.46 4.75
C LYS C 220 -15.98 0.84 6.14
N ARG C 221 -15.30 1.80 6.72
CA ARG C 221 -15.68 2.23 8.04
C ARG C 221 -17.10 2.80 7.99
N PHE C 222 -17.36 3.62 6.99
CA PHE C 222 -18.64 4.20 6.83
C PHE C 222 -19.74 3.15 6.73
N ILE C 223 -19.49 2.15 5.89
CA ILE C 223 -20.45 1.06 5.73
C ILE C 223 -20.72 0.38 7.03
N LYS C 224 -19.69 0.11 7.82
CA LYS C 224 -19.91 -0.53 9.10
C LYS C 224 -20.77 0.27 10.04
N PHE C 225 -20.73 1.60 9.98
CA PHE C 225 -21.49 2.44 10.85
C PHE C 225 -22.80 2.92 10.26
N ALA C 226 -23.18 2.45 9.10
CA ALA C 226 -24.37 2.96 8.47
C ALA C 226 -25.55 2.14 8.93
N ARG C 227 -26.68 2.83 9.08
CA ARG C 227 -27.96 2.21 9.49
C ARG C 227 -29.10 2.89 8.77
N VAL C 228 -30.23 2.22 8.69
CA VAL C 228 -31.42 2.83 8.15
C VAL C 228 -32.30 3.24 9.33
N CYS C 229 -32.77 4.49 9.29
CA CYS C 229 -33.69 5.07 10.33
C CYS C 229 -34.78 5.90 9.67
N GLU C 230 -35.90 6.01 10.37
CA GLU C 230 -37.02 6.75 9.89
C GLU C 230 -36.75 8.23 10.05
N VAL C 231 -36.87 8.96 8.95
CA VAL C 231 -36.68 10.40 8.96
C VAL C 231 -37.84 10.96 8.17
N ASP C 232 -38.62 11.81 8.85
CA ASP C 232 -39.84 12.43 8.28
C ASP C 232 -40.62 11.48 7.40
N ASN C 233 -40.94 10.32 7.95
CA ASN C 233 -41.76 9.32 7.27
C ASN C 233 -41.15 8.63 6.05
N GLU C 234 -39.83 8.71 5.95
CA GLU C 234 -39.06 7.93 4.98
C GLU C 234 -38.02 7.14 5.73
N LEU C 235 -37.74 5.93 5.26
CA LEU C 235 -36.59 5.19 5.72
C LEU C 235 -35.33 5.65 4.98
N ARG C 236 -34.40 6.31 5.68
CA ARG C 236 -33.14 6.79 5.08
C ARG C 236 -31.89 6.20 5.71
N ILE C 237 -30.81 6.23 4.94
CA ILE C 237 -29.50 5.82 5.47
C ILE C 237 -28.98 6.90 6.43
N CYS C 238 -28.62 6.48 7.65
CA CYS C 238 -28.05 7.34 8.66
C CYS C 238 -26.67 6.87 9.07
N ALA C 239 -25.81 7.82 9.36
CA ALA C 239 -24.48 7.57 9.87
C ALA C 239 -24.42 7.77 11.40
N ARG C 240 -23.46 7.08 12.02
CA ARG C 240 -23.22 7.25 13.42
C ARG C 240 -22.74 8.66 13.68
N ASP C 241 -23.26 9.28 14.75
CA ASP C 241 -22.94 10.69 15.10
C ASP C 241 -21.46 11.02 15.06
N LYS C 242 -20.65 10.20 15.74
CA LYS C 242 -19.16 10.16 15.73
C LYS C 242 -18.48 10.30 14.39
N GLU C 243 -19.10 9.78 13.36
CA GLU C 243 -18.55 9.85 12.06
C GLU C 243 -18.72 11.19 11.37
N VAL C 244 -19.34 12.22 12.03
CA VAL C 244 -19.63 13.48 11.31
C VAL C 244 -18.33 14.19 10.79
N GLY C 245 -17.27 14.14 11.57
CA GLY C 245 -15.96 14.65 11.17
C GLY C 245 -15.39 13.93 9.94
N ASN C 246 -15.53 12.63 9.89
CA ASN C 246 -15.12 11.87 8.72
C ASN C 246 -15.91 12.25 7.49
N LEU C 247 -17.16 12.69 7.66
CA LEU C 247 -17.93 13.09 6.48
C LEU C 247 -17.48 14.42 5.98
N TYR C 248 -17.25 15.37 6.87
CA TYR C 248 -16.68 16.66 6.42
C TYR C 248 -15.38 16.33 5.69
N ASP C 249 -14.58 15.45 6.25
CA ASP C 249 -13.31 15.04 5.59
C ASP C 249 -13.48 14.43 4.21
N MET C 250 -14.54 13.68 4.03
CA MET C 250 -14.84 13.14 2.72
C MET C 250 -14.98 14.21 1.63
N PHE C 251 -15.74 15.26 1.94
CA PHE C 251 -15.90 16.34 0.99
C PHE C 251 -14.63 17.20 0.87
N HIS C 252 -13.91 17.41 1.96
CA HIS C 252 -12.67 18.08 1.90
C HIS C 252 -11.71 17.29 0.91
N THR C 253 -11.70 15.97 1.00
CA THR C 253 -10.94 15.14 0.07
C THR C 253 -11.37 15.32 -1.36
N ARG C 254 -12.68 15.27 -1.59
CA ARG C 254 -13.19 15.54 -2.95
C ARG C 254 -12.68 16.89 -3.50
N ASN C 255 -12.75 17.94 -2.69
CA ASN C 255 -12.30 19.23 -3.13
C ASN C 255 -10.76 19.27 -3.41
N SER C 256 -9.98 18.60 -2.58
N SER C 256 -9.99 18.60 -2.56
CA SER C 256 -8.53 18.45 -2.79
CA SER C 256 -8.54 18.48 -2.76
C SER C 256 -8.20 17.75 -4.07
C SER C 256 -8.19 17.75 -4.04
N LEU C 257 -8.92 16.67 -4.35
CA LEU C 257 -8.72 15.92 -5.63
C LEU C 257 -9.10 16.78 -6.87
N HIS C 258 -10.15 17.59 -6.74
CA HIS C 258 -10.47 18.52 -7.80
C HIS C 258 -9.36 19.56 -7.99
N ARG C 259 -8.88 20.14 -6.90
CA ARG C 259 -7.81 21.12 -6.99
C ARG C 259 -6.51 20.55 -7.55
N ARG C 260 -6.08 19.42 -7.06
CA ARG C 260 -4.80 18.89 -7.46
C ARG C 260 -4.84 18.24 -8.81
N ALA C 261 -5.93 17.57 -9.14
CA ALA C 261 -5.94 16.62 -10.27
C ALA C 261 -7.02 16.96 -11.28
N TYR C 262 -8.29 16.91 -10.87
CA TYR C 262 -9.33 16.94 -11.87
C TYR C 262 -9.43 18.33 -12.55
N GLN C 263 -8.98 19.37 -11.87
CA GLN C 263 -8.97 20.73 -12.44
C GLN C 263 -7.56 21.19 -12.58
N HIS C 264 -6.63 20.26 -12.76
CA HIS C 264 -5.25 20.68 -12.93
C HIS C 264 -5.21 21.64 -14.13
N LYS C 265 -4.51 22.77 -14.00
CA LYS C 265 -4.53 23.80 -15.05
C LYS C 265 -4.10 23.30 -16.43
N VAL C 266 -3.14 22.39 -16.46
CA VAL C 266 -2.68 21.80 -17.74
C VAL C 266 -3.60 20.65 -18.22
N GLY C 267 -4.09 19.82 -17.31
CA GLY C 267 -5.08 18.85 -17.71
C GLY C 267 -6.27 19.54 -18.35
N ASN C 268 -6.72 20.66 -17.78
CA ASN C 268 -7.84 21.40 -18.36
C ASN C 268 -7.52 21.96 -19.72
N ILE C 269 -6.32 22.48 -19.90
CA ILE C 269 -6.01 23.07 -21.19
C ILE C 269 -5.84 22.00 -22.27
N ILE C 270 -5.40 20.82 -21.91
CA ILE C 270 -5.38 19.70 -22.87
C ILE C 270 -6.80 19.26 -23.26
N ASP C 271 -7.69 19.15 -22.30
CA ASP C 271 -9.13 18.96 -22.59
C ASP C 271 -9.69 20.03 -23.49
N THR C 272 -9.29 21.24 -23.26
CA THR C 272 -9.75 22.36 -24.10
C THR C 272 -9.20 22.25 -25.51
N MET C 273 -7.93 21.92 -25.65
CA MET C 273 -7.36 21.75 -27.01
C MET C 273 -7.99 20.56 -27.75
N ILE C 274 -8.26 19.49 -27.04
CA ILE C 274 -8.89 18.33 -27.70
C ILE C 274 -10.31 18.74 -28.13
N THR C 275 -11.00 19.45 -27.28
CA THR C 275 -12.34 19.98 -27.63
C THR C 275 -12.30 20.83 -28.90
N ASP C 276 -11.30 21.68 -29.00
CA ASP C 276 -11.06 22.50 -30.22
C ASP C 276 -10.85 21.68 -31.48
N ALA C 277 -9.98 20.67 -31.40
CA ALA C 277 -9.80 19.72 -32.49
C ALA C 277 -11.09 19.03 -32.87
N PHE C 278 -11.88 18.60 -31.87
CA PHE C 278 -13.17 17.94 -32.12
C PHE C 278 -14.13 18.87 -32.84
N LEU C 279 -14.18 20.13 -32.41
CA LEU C 279 -15.02 21.14 -33.09
C LEU C 279 -14.64 21.33 -34.57
N LYS C 280 -13.36 21.40 -34.86
CA LYS C 280 -12.88 21.52 -36.23
C LYS C 280 -13.03 20.26 -37.06
N ALA C 281 -13.13 19.11 -36.41
CA ALA C 281 -13.30 17.87 -37.14
C ALA C 281 -14.77 17.48 -37.29
N ASP C 282 -15.66 18.17 -36.57
CA ASP C 282 -17.05 17.78 -36.49
C ASP C 282 -17.79 17.70 -37.85
N ASP C 283 -17.41 18.54 -38.81
CA ASP C 283 -18.07 18.56 -40.11
C ASP C 283 -17.64 17.40 -40.98
N TYR C 284 -16.55 16.74 -40.65
CA TYR C 284 -15.97 15.74 -41.56
C TYR C 284 -15.98 14.30 -41.05
N ILE C 285 -16.00 14.06 -39.74
CA ILE C 285 -16.02 12.70 -39.21
C ILE C 285 -17.45 12.23 -39.29
N GLU C 286 -17.62 10.99 -39.73
CA GLU C 286 -18.95 10.38 -39.90
C GLU C 286 -19.06 9.09 -39.13
N ILE C 287 -20.13 8.95 -38.37
CA ILE C 287 -20.30 7.80 -37.54
C ILE C 287 -21.63 7.19 -37.93
N THR C 288 -21.58 5.92 -38.27
CA THR C 288 -22.74 5.21 -38.77
C THR C 288 -23.56 4.69 -37.62
N GLY C 289 -24.83 5.06 -37.61
CA GLY C 289 -25.76 4.66 -36.59
C GLY C 289 -26.84 3.73 -37.10
N ALA C 290 -28.03 3.83 -36.50
CA ALA C 290 -29.13 2.95 -36.83
C ALA C 290 -29.60 3.18 -38.28
N GLY C 291 -29.86 2.07 -38.95
CA GLY C 291 -30.33 2.10 -40.33
C GLY C 291 -29.32 2.65 -41.31
N GLY C 292 -28.03 2.58 -40.98
CA GLY C 292 -26.98 3.13 -41.82
C GLY C 292 -26.86 4.66 -41.84
N LYS C 293 -27.76 5.40 -41.17
CA LYS C 293 -27.63 6.86 -41.10
C LYS C 293 -26.29 7.30 -40.54
N LYS C 294 -25.82 8.44 -41.03
CA LYS C 294 -24.54 8.99 -40.63
C LYS C 294 -24.76 10.05 -39.58
N TYR C 295 -23.89 10.06 -38.58
CA TYR C 295 -23.93 11.07 -37.53
C TYR C 295 -22.57 11.70 -37.39
N ARG C 296 -22.57 12.85 -36.76
CA ARG C 296 -21.34 13.52 -36.43
C ARG C 296 -20.99 13.30 -34.97
N ILE C 297 -19.77 13.69 -34.61
CA ILE C 297 -19.33 13.66 -33.23
C ILE C 297 -20.40 14.37 -32.36
N SER C 298 -20.87 15.54 -32.81
CA SER C 298 -21.83 16.33 -31.99
C SER C 298 -23.24 15.78 -32.02
N THR C 299 -23.55 14.91 -32.97
CA THR C 299 -24.91 14.37 -33.06
C THR C 299 -25.03 12.90 -32.69
N ALA C 300 -23.92 12.23 -32.43
CA ALA C 300 -23.96 10.83 -32.03
C ALA C 300 -24.76 10.60 -30.77
N ILE C 301 -24.88 11.62 -29.95
CA ILE C 301 -25.75 11.57 -28.76
C ILE C 301 -27.25 11.39 -29.06
N ASP C 302 -27.64 11.61 -30.32
CA ASP C 302 -29.03 11.42 -30.71
C ASP C 302 -29.33 9.98 -31.17
N ASP C 303 -28.31 9.13 -31.35
CA ASP C 303 -28.53 7.75 -31.73
C ASP C 303 -27.58 6.83 -30.99
N MET C 304 -28.14 5.95 -30.16
CA MET C 304 -27.32 5.15 -29.26
C MET C 304 -26.41 4.17 -29.99
N GLU C 305 -26.87 3.70 -31.14
CA GLU C 305 -26.07 2.83 -31.96
C GLU C 305 -24.81 3.55 -32.45
N ALA C 306 -24.93 4.81 -32.80
CA ALA C 306 -23.76 5.61 -33.18
C ALA C 306 -22.93 5.96 -31.97
N TYR C 307 -23.58 6.38 -30.90
CA TYR C 307 -22.89 6.69 -29.66
C TYR C 307 -22.06 5.52 -29.09
N THR C 308 -22.58 4.30 -29.21
CA THR C 308 -21.79 3.10 -28.92
C THR C 308 -20.40 3.12 -29.54
N LYS C 309 -20.27 3.67 -30.74
CA LYS C 309 -18.97 3.73 -31.43
C LYS C 309 -18.24 5.03 -31.22
N LEU C 310 -18.69 5.88 -30.28
CA LEU C 310 -18.05 7.14 -30.03
C LEU C 310 -17.21 7.11 -28.73
N THR C 311 -15.90 6.98 -28.88
CA THR C 311 -14.95 6.80 -27.80
C THR C 311 -13.66 7.63 -28.01
N ASP C 312 -12.70 7.49 -27.10
CA ASP C 312 -11.38 8.15 -27.21
C ASP C 312 -10.69 7.86 -28.55
N ASN C 313 -11.06 6.77 -29.22
CA ASN C 313 -10.58 6.51 -30.60
C ASN C 313 -10.71 7.67 -31.60
N ILE C 314 -11.70 8.53 -31.41
CA ILE C 314 -11.87 9.69 -32.26
C ILE C 314 -10.60 10.55 -32.28
N PHE C 315 -9.95 10.71 -31.15
CA PHE C 315 -8.71 11.41 -31.08
C PHE C 315 -7.67 10.84 -32.06
N LEU C 316 -7.49 9.52 -32.10
CA LEU C 316 -6.52 8.88 -32.96
C LEU C 316 -6.92 8.87 -34.41
N GLU C 317 -8.21 8.73 -34.65
CA GLU C 317 -8.71 8.85 -36.00
C GLU C 317 -8.35 10.22 -36.57
N ILE C 318 -8.52 11.27 -35.79
CA ILE C 318 -8.14 12.59 -36.24
C ILE C 318 -6.64 12.71 -36.39
N LEU C 319 -5.90 12.28 -35.40
CA LEU C 319 -4.43 12.41 -35.43
C LEU C 319 -3.79 11.66 -36.64
N TYR C 320 -4.32 10.47 -36.95
CA TYR C 320 -3.80 9.65 -38.03
C TYR C 320 -4.41 9.95 -39.41
N SER C 321 -5.33 10.91 -39.49
CA SER C 321 -6.01 11.19 -40.75
C SER C 321 -5.05 11.79 -41.77
N THR C 322 -5.39 11.61 -43.04
CA THR C 322 -4.65 12.22 -44.17
C THR C 322 -5.52 13.16 -44.98
N ASP C 323 -6.83 13.08 -44.83
CA ASP C 323 -7.75 14.02 -45.47
C ASP C 323 -7.37 15.48 -45.18
N PRO C 324 -7.13 16.27 -46.22
CA PRO C 324 -6.86 17.72 -46.04
C PRO C 324 -7.99 18.49 -45.35
N LYS C 325 -9.21 18.00 -45.40
CA LYS C 325 -10.28 18.59 -44.64
C LYS C 325 -10.09 18.51 -43.13
N LEU C 326 -9.37 17.50 -42.65
CA LEU C 326 -9.08 17.34 -41.22
C LEU C 326 -7.77 17.96 -40.80
N LYS C 327 -7.15 18.71 -41.69
CA LYS C 327 -5.85 19.28 -41.42
C LYS C 327 -5.81 20.17 -40.18
N ASP C 328 -6.77 21.08 -40.01
CA ASP C 328 -6.75 22.02 -38.89
C ASP C 328 -6.96 21.30 -37.55
N ALA C 329 -7.90 20.35 -37.54
CA ALA C 329 -8.10 19.51 -36.38
C ALA C 329 -6.84 18.71 -36.03
N ARG C 330 -6.26 18.09 -37.04
CA ARG C 330 -5.09 17.25 -36.89
C ARG C 330 -3.91 18.05 -36.35
N GLU C 331 -3.77 19.31 -36.78
CA GLU C 331 -2.68 20.18 -36.34
C GLU C 331 -2.76 20.49 -34.85
N ILE C 332 -3.96 20.72 -34.36
CA ILE C 332 -4.12 20.97 -32.94
C ILE C 332 -3.64 19.76 -32.12
N LEU C 333 -4.06 18.56 -32.51
CA LEU C 333 -3.63 17.36 -31.81
C LEU C 333 -2.11 17.15 -31.91
N LYS C 334 -1.52 17.50 -33.03
CA LYS C 334 -0.07 17.41 -33.17
C LYS C 334 0.65 18.39 -32.24
N GLN C 335 0.09 19.55 -32.00
CA GLN C 335 0.66 20.46 -31.03
C GLN C 335 0.62 19.90 -29.61
N ILE C 336 -0.38 19.11 -29.30
CA ILE C 336 -0.44 18.43 -28.03
C ILE C 336 0.75 17.46 -27.96
N GLU C 337 1.00 16.65 -28.99
CA GLU C 337 2.14 15.69 -28.96
C GLU C 337 3.48 16.35 -28.77
N TYR C 338 3.68 17.52 -29.38
CA TYR C 338 4.94 18.27 -29.23
C TYR C 338 4.93 19.09 -27.94
N ARG C 339 3.81 19.09 -27.22
CA ARG C 339 3.68 19.88 -25.99
C ARG C 339 3.80 21.37 -26.27
N ASN C 340 3.31 21.80 -27.42
CA ASN C 340 3.15 23.22 -27.71
C ASN C 340 1.74 23.55 -27.30
N LEU C 341 1.51 23.67 -26.01
CA LEU C 341 0.18 23.89 -25.47
C LEU C 341 -0.12 25.39 -25.26
N PHE C 342 -1.40 25.77 -25.23
CA PHE C 342 -1.78 27.11 -24.84
C PHE C 342 -1.15 27.36 -23.47
N LYS C 343 -0.71 28.58 -23.20
CA LYS C 343 0.09 28.86 -22.01
C LYS C 343 -0.79 29.38 -20.90
N TYR C 344 -0.57 28.87 -19.69
CA TYR C 344 -1.21 29.33 -18.49
C TYR C 344 -0.68 30.71 -18.10
N VAL C 345 -1.58 31.63 -17.87
CA VAL C 345 -1.23 32.98 -17.46
C VAL C 345 -1.37 33.16 -15.96
N GLY C 346 -2.51 32.73 -15.41
CA GLY C 346 -2.66 32.76 -14.00
C GLY C 346 -4.06 32.47 -13.53
N GLU C 347 -4.24 32.60 -12.23
CA GLU C 347 -5.49 32.27 -11.55
C GLU C 347 -5.85 33.39 -10.57
N THR C 348 -7.14 33.63 -10.44
CA THR C 348 -7.65 34.60 -9.46
C THR C 348 -9.01 34.13 -9.03
N GLN C 349 -9.63 34.86 -8.13
CA GLN C 349 -10.98 34.58 -7.66
C GLN C 349 -11.74 35.88 -7.44
N PRO C 350 -13.06 35.83 -7.55
CA PRO C 350 -13.85 37.02 -7.25
C PRO C 350 -13.83 37.23 -5.75
N THR C 351 -14.12 38.44 -5.31
CA THR C 351 -14.18 38.79 -3.89
C THR C 351 -15.57 39.32 -3.54
N GLY C 352 -15.84 39.43 -2.23
CA GLY C 352 -17.10 39.94 -1.76
C GLY C 352 -18.21 38.98 -2.11
N GLN C 353 -19.30 39.51 -2.65
CA GLN C 353 -20.45 38.68 -3.01
C GLN C 353 -20.45 38.43 -4.49
N ILE C 354 -19.41 38.86 -5.19
CA ILE C 354 -19.37 38.76 -6.65
C ILE C 354 -19.43 37.27 -7.06
N LYS C 355 -20.35 36.96 -7.96
CA LYS C 355 -20.52 35.66 -8.50
C LYS C 355 -20.68 35.79 -9.99
N ILE C 356 -19.79 35.18 -10.75
CA ILE C 356 -19.84 35.28 -12.20
C ILE C 356 -20.86 34.30 -12.73
N LYS C 357 -21.78 34.80 -13.55
CA LYS C 357 -22.84 33.99 -14.10
C LYS C 357 -22.40 33.37 -15.41
N ARG C 358 -22.94 32.19 -15.70
CA ARG C 358 -22.67 31.50 -16.95
C ARG C 358 -22.86 32.36 -18.20
N GLU C 359 -23.83 33.27 -18.18
CA GLU C 359 -24.15 34.10 -19.35
C GLU C 359 -23.08 35.13 -19.63
N ASP C 360 -22.19 35.36 -18.67
CA ASP C 360 -21.12 36.32 -18.83
C ASP C 360 -19.78 35.70 -19.20
N TYR C 361 -19.69 34.38 -19.23
CA TYR C 361 -18.45 33.68 -19.52
C TYR C 361 -17.83 34.10 -20.83
N GLU C 362 -18.66 34.21 -21.86
CA GLU C 362 -18.15 34.48 -23.20
C GLU C 362 -17.58 35.91 -23.33
N SER C 363 -18.03 36.84 -22.49
CA SER C 363 -17.55 38.19 -22.53
C SER C 363 -16.19 38.39 -21.82
N LEU C 364 -15.69 37.37 -21.13
CA LEU C 364 -14.50 37.56 -20.29
C LEU C 364 -13.18 37.74 -21.06
N PRO C 365 -12.93 36.94 -22.12
CA PRO C 365 -11.71 37.17 -22.89
C PRO C 365 -11.65 38.60 -23.46
N LYS C 366 -12.82 39.13 -23.83
CA LYS C 366 -12.91 40.53 -24.31
C LYS C 366 -12.52 41.50 -23.22
N GLU C 367 -12.99 41.28 -22.00
CA GLU C 367 -12.61 42.16 -20.91
C GLU C 367 -11.11 42.13 -20.67
N VAL C 368 -10.52 40.94 -20.72
CA VAL C 368 -9.09 40.85 -20.47
C VAL C 368 -8.30 41.65 -21.50
N ALA C 369 -8.66 41.50 -22.77
CA ALA C 369 -7.99 42.17 -23.87
C ALA C 369 -8.23 43.69 -23.88
N SER C 370 -9.28 44.15 -23.20
CA SER C 370 -9.60 45.58 -23.05
C SER C 370 -8.91 46.26 -21.90
N ALA C 371 -8.24 45.50 -21.05
CA ALA C 371 -7.51 46.09 -19.94
C ALA C 371 -6.35 46.97 -20.48
N LYS C 372 -5.95 47.98 -19.70
CA LYS C 372 -4.94 48.96 -20.13
C LYS C 372 -3.81 49.00 -19.12
N PRO C 373 -2.99 47.95 -19.09
CA PRO C 373 -1.97 47.89 -18.06
C PRO C 373 -1.12 49.10 -17.64
N LYS C 374 -0.37 49.73 -18.49
CA LYS C 374 0.61 50.79 -18.00
C LYS C 374 1.98 50.12 -17.97
N VAL C 375 2.26 49.48 -19.08
CA VAL C 375 3.53 48.86 -19.29
C VAL C 375 3.78 48.87 -20.79
N LEU C 376 5.05 48.97 -21.17
CA LEU C 376 5.38 49.05 -22.58
C LEU C 376 5.34 47.65 -23.14
N LEU C 377 4.57 47.47 -24.19
CA LEU C 377 4.32 46.17 -24.77
C LEU C 377 4.67 46.12 -26.25
N ASP C 378 5.46 45.11 -26.59
CA ASP C 378 5.85 44.76 -27.96
C ASP C 378 4.71 44.31 -28.85
N VAL C 379 3.81 43.53 -28.27
CA VAL C 379 2.70 42.94 -28.98
C VAL C 379 1.42 43.41 -28.34
N LYS C 380 0.38 43.49 -29.13
CA LYS C 380 -0.97 43.74 -28.63
C LYS C 380 -1.76 42.46 -28.82
N LEU C 381 -2.52 42.10 -27.81
CA LEU C 381 -3.30 40.88 -27.86
C LEU C 381 -4.76 41.22 -28.03
N LYS C 382 -5.48 40.30 -28.66
CA LYS C 382 -6.93 40.44 -28.89
C LYS C 382 -7.69 39.41 -28.06
N ALA C 383 -9.01 39.61 -27.97
CA ALA C 383 -9.90 38.74 -27.27
C ALA C 383 -9.70 37.27 -27.59
N GLU C 384 -9.59 36.96 -28.88
CA GLU C 384 -9.43 35.55 -29.34
C GLU C 384 -8.13 34.89 -28.89
N ASP C 385 -7.17 35.68 -28.41
CA ASP C 385 -5.91 35.14 -27.95
C ASP C 385 -6.02 34.60 -26.54
N PHE C 386 -7.12 34.92 -25.85
CA PHE C 386 -7.27 34.55 -24.48
C PHE C 386 -8.34 33.49 -24.33
N ILE C 387 -8.07 32.55 -23.42
CA ILE C 387 -9.07 31.65 -22.88
C ILE C 387 -9.30 32.01 -21.40
N VAL C 388 -10.54 32.06 -20.97
CA VAL C 388 -10.88 32.31 -19.59
C VAL C 388 -11.73 31.13 -19.14
N ASP C 389 -11.29 30.39 -18.13
CA ASP C 389 -11.94 29.17 -17.68
C ASP C 389 -12.46 29.54 -16.28
N VAL C 390 -13.77 29.48 -16.08
CA VAL C 390 -14.35 29.71 -14.77
C VAL C 390 -14.84 28.39 -14.17
N ILE C 391 -14.29 28.05 -13.01
CA ILE C 391 -14.48 26.75 -12.39
C ILE C 391 -15.17 26.92 -11.05
N ASN C 392 -16.36 26.32 -10.94
CA ASN C 392 -17.14 26.33 -9.72
C ASN C 392 -16.77 25.18 -8.83
N MET C 393 -16.10 25.48 -7.71
CA MET C 393 -15.67 24.50 -6.74
C MET C 393 -16.65 24.57 -5.57
N ASP C 394 -17.19 23.43 -5.20
CA ASP C 394 -18.12 23.38 -4.08
C ASP C 394 -18.16 21.98 -3.47
N TYR C 395 -18.98 21.82 -2.43
CA TYR C 395 -19.18 20.54 -1.77
C TYR C 395 -20.34 19.72 -2.35
N GLY C 396 -20.65 19.95 -3.62
CA GLY C 396 -21.65 19.15 -4.35
C GLY C 396 -23.05 19.68 -4.36
N MET C 397 -23.32 20.77 -3.62
CA MET C 397 -24.68 21.29 -3.47
C MET C 397 -24.67 22.80 -3.48
N GLN C 398 -23.93 23.39 -4.43
CA GLN C 398 -23.89 24.85 -4.57
C GLN C 398 -23.36 25.47 -3.26
N GLU C 399 -24.06 26.44 -2.71
CA GLU C 399 -23.70 27.13 -1.47
C GLU C 399 -24.00 26.32 -0.20
N LYS C 400 -24.77 25.26 -0.31
CA LYS C 400 -25.21 24.49 0.87
C LYS C 400 -24.15 23.51 1.42
N ASN C 401 -24.24 23.33 2.73
CA ASN C 401 -23.44 22.38 3.45
C ASN C 401 -24.13 21.02 3.38
N PRO C 402 -23.54 20.05 2.68
CA PRO C 402 -24.25 18.76 2.53
C PRO C 402 -24.45 18.05 3.81
N ILE C 403 -23.66 18.36 4.84
CA ILE C 403 -23.82 17.70 6.14
C ILE C 403 -25.09 18.14 6.88
N ASP C 404 -25.66 19.28 6.50
CA ASP C 404 -27.01 19.66 6.95
C ASP C 404 -28.10 18.80 6.36
N HIS C 405 -27.76 17.96 5.37
CA HIS C 405 -28.73 17.06 4.74
C HIS C 405 -28.40 15.60 5.00
N VAL C 406 -27.68 15.36 6.10
CA VAL C 406 -27.31 14.03 6.53
C VAL C 406 -27.99 13.82 7.86
N SER C 407 -28.48 12.60 8.06
CA SER C 407 -29.08 12.18 9.29
C SER C 407 -28.12 11.25 9.99
N PHE C 408 -28.04 11.45 11.32
CA PHE C 408 -27.22 10.65 12.20
C PHE C 408 -28.02 9.91 13.28
N TYR C 409 -27.35 8.95 13.92
CA TYR C 409 -27.91 8.24 15.05
C TYR C 409 -26.83 8.14 16.14
N CYS C 410 -27.26 7.89 17.37
CA CYS C 410 -26.40 7.83 18.53
C CYS C 410 -26.42 6.43 19.05
N LYS C 411 -25.37 6.11 19.79
CA LYS C 411 -25.16 4.77 20.31
C LYS C 411 -26.28 4.38 21.27
N THR C 412 -26.76 5.32 22.07
CA THR C 412 -27.80 5.02 23.05
C THR C 412 -29.20 4.76 22.43
N ALA C 413 -29.45 5.25 21.21
CA ALA C 413 -30.76 5.04 20.54
C ALA C 413 -30.59 4.87 19.02
N PRO C 414 -30.12 3.70 18.59
CA PRO C 414 -29.69 3.56 17.21
C PRO C 414 -30.78 3.69 16.16
N ASN C 415 -32.04 3.67 16.58
CA ASN C 415 -33.15 3.85 15.66
C ASN C 415 -33.71 5.24 15.64
N ARG C 416 -33.13 6.16 16.42
CA ARG C 416 -33.57 7.53 16.40
C ARG C 416 -32.61 8.47 15.63
N ALA C 417 -33.10 8.97 14.50
CA ALA C 417 -32.39 9.90 13.67
C ALA C 417 -32.28 11.27 14.30
N ILE C 418 -31.14 11.92 14.12
CA ILE C 418 -30.91 13.29 14.62
C ILE C 418 -30.15 14.11 13.59
N ARG C 419 -30.07 15.41 13.85
CA ARG C 419 -29.32 16.36 13.04
C ARG C 419 -28.15 16.90 13.85
N ILE C 420 -27.05 17.24 13.18
CA ILE C 420 -25.87 17.79 13.81
C ILE C 420 -25.49 19.01 12.97
N THR C 421 -25.33 20.17 13.63
CA THR C 421 -24.98 21.43 12.99
C THR C 421 -23.45 21.59 12.96
N LYS C 422 -22.97 22.54 12.13
CA LYS C 422 -21.54 22.76 11.97
C LYS C 422 -20.85 23.14 13.29
N ASN C 423 -21.53 23.99 14.06
CA ASN C 423 -21.03 24.44 15.35
C ASN C 423 -20.96 23.38 16.41
N GLN C 424 -21.75 22.34 16.27
CA GLN C 424 -21.58 21.16 17.14
C GLN C 424 -20.36 20.31 16.75
N VAL C 425 -19.67 20.62 15.67
CA VAL C 425 -18.52 19.77 15.26
C VAL C 425 -17.20 20.48 15.53
N SER C 426 -17.00 21.62 14.90
CA SER C 426 -15.70 22.26 14.98
C SER C 426 -15.76 23.68 14.42
N GLN C 427 -15.02 24.58 15.02
CA GLN C 427 -14.85 25.93 14.49
C GLN C 427 -13.78 26.01 13.41
N LEU C 428 -13.03 24.92 13.21
CA LEU C 428 -11.98 24.88 12.20
C LEU C 428 -12.44 24.45 10.80
N LEU C 429 -13.74 24.27 10.62
CA LEU C 429 -14.36 23.83 9.34
C LEU C 429 -14.56 25.02 8.41
N PRO C 430 -14.83 24.78 7.12
CA PRO C 430 -15.05 25.90 6.18
C PRO C 430 -16.22 26.79 6.54
N GLU C 431 -16.14 28.08 6.27
CA GLU C 431 -17.28 28.97 6.51
C GLU C 431 -18.20 29.08 5.32
N LYS C 432 -17.68 28.71 4.14
CA LYS C 432 -18.43 28.71 2.89
C LYS C 432 -18.13 27.40 2.17
N PHE C 433 -19.05 27.04 1.31
CA PHE C 433 -19.08 25.74 0.67
C PHE C 433 -19.06 25.82 -0.84
N ALA C 434 -18.91 27.05 -1.36
CA ALA C 434 -18.77 27.26 -2.78
C ALA C 434 -17.85 28.47 -3.05
N GLU C 435 -17.12 28.39 -4.15
CA GLU C 435 -16.26 29.42 -4.62
C GLU C 435 -16.01 29.22 -6.09
N GLN C 436 -15.44 30.26 -6.72
CA GLN C 436 -15.09 30.21 -8.15
C GLN C 436 -13.62 30.47 -8.34
N LEU C 437 -12.99 29.66 -9.21
CA LEU C 437 -11.62 29.94 -9.66
C LEU C 437 -11.67 30.36 -11.09
N ILE C 438 -10.81 31.32 -11.43
CA ILE C 438 -10.77 31.84 -12.76
C ILE C 438 -9.37 31.62 -13.27
N ARG C 439 -9.21 30.84 -14.33
CA ARG C 439 -7.93 30.63 -14.96
C ARG C 439 -7.92 31.30 -16.29
N VAL C 440 -6.79 31.94 -16.60
CA VAL C 440 -6.61 32.55 -17.87
C VAL C 440 -5.43 31.88 -18.57
N TYR C 441 -5.61 31.65 -19.86
CA TYR C 441 -4.51 31.15 -20.70
C TYR C 441 -4.36 32.03 -21.95
N CYS C 442 -3.18 31.96 -22.56
CA CYS C 442 -2.92 32.64 -23.81
C CYS C 442 -2.66 31.64 -24.94
N LYS C 443 -3.34 31.82 -26.07
CA LYS C 443 -3.10 31.02 -27.25
C LYS C 443 -1.84 31.35 -28.01
N LYS C 444 -1.28 32.52 -27.76
CA LYS C 444 0.04 32.88 -28.31
C LYS C 444 1.12 32.51 -27.31
N VAL C 445 2.04 31.63 -27.71
CA VAL C 445 2.95 30.99 -26.77
C VAL C 445 4.36 31.53 -26.73
N ASP C 446 4.67 32.48 -27.60
CA ASP C 446 5.98 33.09 -27.57
C ASP C 446 6.18 33.93 -26.31
N ARG C 447 7.45 34.17 -26.00
CA ARG C 447 7.84 34.85 -24.78
C ARG C 447 7.22 36.26 -24.63
N LYS C 448 7.15 37.02 -25.71
CA LYS C 448 6.67 38.38 -25.63
C LYS C 448 5.17 38.42 -25.47
N SER C 449 4.45 37.51 -26.14
CA SER C 449 2.98 37.41 -25.97
C SER C 449 2.61 36.99 -24.57
N LEU C 450 3.36 36.06 -24.02
CA LEU C 450 3.12 35.63 -22.66
C LEU C 450 3.36 36.73 -21.60
N TYR C 451 4.43 37.48 -21.76
CA TYR C 451 4.73 38.59 -20.88
C TYR C 451 3.55 39.59 -20.93
N ALA C 452 3.06 39.84 -22.14
CA ALA C 452 2.01 40.82 -22.35
C ALA C 452 0.70 40.31 -21.75
N ALA C 453 0.42 39.03 -21.99
CA ALA C 453 -0.76 38.37 -21.46
C ALA C 453 -0.84 38.50 -19.95
N ARG C 454 0.30 38.36 -19.31
CA ARG C 454 0.38 38.55 -17.87
C ARG C 454 0.04 39.94 -17.40
N GLN C 455 0.43 40.95 -18.16
CA GLN C 455 0.16 42.31 -17.76
C GLN C 455 -1.32 42.60 -17.88
N TYR C 456 -1.90 42.21 -18.99
CA TYR C 456 -3.34 42.37 -19.18
C TYR C 456 -4.13 41.67 -18.08
N PHE C 457 -3.72 40.41 -17.80
CA PHE C 457 -4.41 39.57 -16.83
C PHE C 457 -4.43 40.20 -15.47
N VAL C 458 -3.27 40.59 -14.99
CA VAL C 458 -3.19 41.16 -13.66
C VAL C 458 -3.92 42.54 -13.60
N GLN C 459 -3.92 43.28 -14.69
CA GLN C 459 -4.56 44.58 -14.71
C GLN C 459 -6.07 44.35 -14.62
N TRP C 460 -6.51 43.31 -15.34
CA TRP C 460 -7.91 42.94 -15.29
C TRP C 460 -8.37 42.50 -13.89
N CYS C 461 -7.53 41.75 -13.19
CA CYS C 461 -7.81 41.41 -11.81
C CYS C 461 -8.02 42.67 -10.96
N ALA C 462 -7.12 43.62 -11.11
CA ALA C 462 -7.15 44.88 -10.39
C ALA C 462 -8.43 45.66 -10.70
N ASP C 463 -8.76 45.80 -11.98
CA ASP C 463 -9.96 46.50 -12.39
C ASP C 463 -11.22 45.88 -11.86
N ARG C 464 -11.26 44.54 -11.81
CA ARG C 464 -12.46 43.83 -11.37
C ARG C 464 -12.51 43.63 -9.85
N ASN C 465 -11.44 44.00 -9.16
CA ASN C 465 -11.35 43.72 -7.75
C ASN C 465 -11.33 42.24 -7.37
N PHE C 466 -10.69 41.45 -8.23
CA PHE C 466 -10.43 40.03 -7.92
C PHE C 466 -9.23 39.93 -6.98
N THR C 467 -8.93 38.72 -6.51
CA THR C 467 -7.86 38.54 -5.58
C THR C 467 -6.55 38.71 -6.34
N LYS C 468 -5.51 39.06 -5.62
CA LYS C 468 -4.23 39.20 -6.22
C LYS C 468 -3.65 37.82 -6.55
N PRO C 469 -3.29 37.58 -7.81
CA PRO C 469 -2.66 36.30 -8.13
C PRO C 469 -1.46 36.06 -7.24
N GLN C 470 -1.22 34.81 -6.92
CA GLN C 470 -0.16 34.45 -6.00
C GLN C 470 1.21 34.91 -6.45
N ASP C 471 1.45 34.93 -7.74
CA ASP C 471 2.74 35.33 -8.29
C ASP C 471 2.65 36.73 -8.92
N GLY C 472 1.63 37.50 -8.53
CA GLY C 472 1.37 38.80 -9.09
C GLY C 472 2.54 39.76 -9.07
N ASP C 473 3.20 39.85 -7.93
CA ASP C 473 4.34 40.74 -7.76
C ASP C 473 5.53 40.35 -8.60
N VAL C 474 5.66 39.07 -8.92
CA VAL C 474 6.72 38.59 -9.79
C VAL C 474 6.37 38.73 -11.26
N ILE C 475 5.18 38.29 -11.68
CA ILE C 475 4.86 38.29 -13.10
C ILE C 475 4.43 39.69 -13.61
N ALA C 476 3.98 40.58 -12.71
CA ALA C 476 3.55 41.91 -13.11
C ALA C 476 3.92 42.93 -12.04
N PRO C 477 5.23 43.10 -11.83
CA PRO C 477 5.69 44.01 -10.79
C PRO C 477 5.26 45.46 -10.97
N LEU C 478 5.02 45.88 -12.20
CA LEU C 478 4.68 47.28 -12.41
C LEU C 478 3.20 47.54 -12.23
N ILE C 479 2.41 46.45 -12.18
CA ILE C 479 0.95 46.55 -12.11
C ILE C 479 0.41 46.45 -10.70
N THR C 480 0.97 45.56 -9.88
CA THR C 480 0.43 45.30 -8.53
C THR C 480 0.52 46.47 -7.50
N PRO C 481 1.52 47.36 -7.62
CA PRO C 481 1.60 48.53 -6.73
C PRO C 481 0.40 49.46 -6.74
N GLN C 482 -0.29 49.58 -7.86
CA GLN C 482 -1.39 50.53 -7.98
C GLN C 482 -2.58 50.17 -7.08
N LYS C 483 -2.61 48.92 -6.61
CA LYS C 483 -3.79 48.40 -5.94
C LYS C 483 -3.49 48.34 -4.45
N LYS C 484 -3.99 49.35 -3.74
CA LYS C 484 -3.73 49.51 -2.32
C LYS C 484 -4.25 48.34 -1.50
N GLU C 485 -5.39 47.80 -1.92
CA GLU C 485 -5.99 46.61 -1.28
C GLU C 485 -5.04 45.43 -1.29
N TRP C 486 -4.16 45.33 -2.29
CA TRP C 486 -3.14 44.29 -2.34
C TRP C 486 -1.89 44.65 -1.56
N ASN C 487 -1.77 45.90 -1.13
CA ASN C 487 -0.58 46.41 -0.45
C ASN C 487 -0.88 47.21 0.82
N ASP D 1 -22.40 -7.04 26.14
CA ASP D 1 -23.45 -6.10 25.66
C ASP D 1 -23.68 -6.15 24.12
N THR D 2 -22.96 -5.34 23.31
CA THR D 2 -23.09 -5.38 21.84
C THR D 2 -21.73 -5.59 21.13
N MET D 3 -21.76 -5.71 19.81
CA MET D 3 -20.52 -5.92 19.05
C MET D 3 -19.59 -4.72 19.27
N LYS D 4 -18.30 -4.97 19.20
CA LYS D 4 -17.34 -3.90 19.01
C LYS D 4 -16.68 -3.97 17.65
N VAL D 5 -16.33 -2.81 17.14
CA VAL D 5 -15.50 -2.68 15.95
C VAL D 5 -14.10 -2.27 16.38
N ILE D 6 -13.10 -2.97 15.84
CA ILE D 6 -11.73 -2.63 16.06
C ILE D 6 -11.10 -2.37 14.70
N ASN D 7 -10.29 -1.31 14.62
CA ASN D 7 -9.57 -1.03 13.37
C ASN D 7 -8.20 -1.64 13.40
N ASP D 8 -7.93 -2.50 12.44
CA ASP D 8 -6.65 -3.21 12.35
C ASP D 8 -5.94 -2.75 11.05
N PRO D 9 -4.63 -2.48 11.07
CA PRO D 9 -4.04 -1.99 9.82
C PRO D 9 -3.97 -3.06 8.73
N ILE D 10 -4.04 -4.33 9.07
CA ILE D 10 -4.00 -5.37 8.06
C ILE D 10 -5.38 -5.68 7.50
N HIS D 11 -6.35 -5.91 8.37
CA HIS D 11 -7.67 -6.30 7.93
C HIS D 11 -8.71 -5.19 7.91
N GLY D 12 -8.38 -3.97 8.36
CA GLY D 12 -9.42 -2.89 8.39
C GLY D 12 -10.37 -3.05 9.59
N HIS D 13 -11.64 -2.74 9.39
CA HIS D 13 -12.62 -2.80 10.49
C HIS D 13 -13.12 -4.17 10.77
N ILE D 14 -12.75 -4.71 11.95
CA ILE D 14 -13.10 -6.07 12.35
C ILE D 14 -14.18 -6.01 13.41
N GLU D 15 -15.22 -6.81 13.26
CA GLU D 15 -16.33 -6.85 14.22
C GLU D 15 -16.11 -7.96 15.20
N LEU D 16 -16.24 -7.65 16.49
CA LEU D 16 -16.13 -8.65 17.53
C LEU D 16 -17.45 -8.80 18.27
N HIS D 17 -17.94 -10.02 18.22
CA HIS D 17 -19.08 -10.47 19.03
C HIS D 17 -18.81 -10.26 20.52
N PRO D 18 -19.85 -9.92 21.32
CA PRO D 18 -19.59 -9.59 22.74
C PRO D 18 -18.95 -10.69 23.57
N LEU D 19 -19.13 -11.95 23.20
CA LEU D 19 -18.49 -13.06 23.90
C LEU D 19 -16.99 -13.03 23.69
N LEU D 20 -16.58 -12.74 22.46
CA LEU D 20 -15.17 -12.58 22.12
C LEU D 20 -14.56 -11.38 22.86
N VAL D 21 -15.30 -10.26 22.95
CA VAL D 21 -14.88 -9.09 23.74
C VAL D 21 -14.60 -9.48 25.19
N ARG D 22 -15.51 -10.28 25.76
CA ARG D 22 -15.34 -10.76 27.12
C ARG D 22 -14.10 -11.63 27.29
N ILE D 23 -13.80 -12.49 26.32
CA ILE D 23 -12.57 -13.26 26.40
C ILE D 23 -11.31 -12.38 26.27
N ILE D 24 -11.38 -11.38 25.43
CA ILE D 24 -10.25 -10.47 25.17
C ILE D 24 -9.93 -9.61 26.38
N ASP D 25 -10.98 -9.18 27.09
CA ASP D 25 -10.81 -8.27 28.20
C ASP D 25 -10.51 -8.97 29.55
N THR D 26 -9.43 -9.76 29.50
CA THR D 26 -8.96 -10.52 30.61
C THR D 26 -7.43 -10.37 30.69
N PRO D 27 -6.87 -10.44 31.92
CA PRO D 27 -5.39 -10.44 32.08
C PRO D 27 -4.65 -11.52 31.23
N GLN D 28 -5.30 -12.66 31.02
CA GLN D 28 -4.68 -13.79 30.33
C GLN D 28 -4.55 -13.49 28.84
N PHE D 29 -5.51 -12.74 28.28
CA PHE D 29 -5.42 -12.39 26.88
C PHE D 29 -4.59 -11.13 26.71
N GLN D 30 -4.83 -10.11 27.54
CA GLN D 30 -4.18 -8.81 27.38
C GLN D 30 -2.69 -8.91 27.59
N ARG D 31 -2.28 -9.94 28.32
CA ARG D 31 -0.87 -10.37 28.41
C ARG D 31 -0.12 -10.37 27.11
N LEU D 32 -0.81 -10.73 26.04
CA LEU D 32 -0.18 -10.84 24.71
C LEU D 32 0.27 -9.51 24.11
N ARG D 33 -0.22 -8.39 24.68
CA ARG D 33 0.29 -7.05 24.31
C ARG D 33 1.75 -6.85 24.73
N TYR D 34 2.29 -7.72 25.57
CA TYR D 34 3.65 -7.56 26.06
C TYR D 34 4.57 -8.72 25.59
N ILE D 35 4.22 -9.35 24.48
CA ILE D 35 5.08 -10.37 23.87
C ILE D 35 5.24 -10.09 22.40
N LYS D 36 6.45 -9.68 21.98
CA LYS D 36 6.73 -9.40 20.57
C LYS D 36 6.54 -10.64 19.73
N GLN D 37 5.83 -10.48 18.61
CA GLN D 37 5.64 -11.56 17.63
C GLN D 37 6.95 -12.19 17.17
N LEU D 38 7.93 -11.37 16.84
CA LEU D 38 9.15 -11.84 16.19
C LEU D 38 10.36 -11.90 17.12
N GLY D 39 10.13 -11.78 18.43
CA GLY D 39 11.22 -11.82 19.41
C GLY D 39 12.33 -10.83 19.17
N GLY D 40 13.55 -11.35 19.06
CA GLY D 40 14.76 -10.57 18.77
C GLY D 40 14.80 -9.93 17.38
N GLY D 41 13.88 -10.32 16.49
CA GLY D 41 13.77 -9.68 15.18
C GLY D 41 13.57 -8.17 15.24
N TYR D 42 12.94 -7.65 16.29
CA TYR D 42 12.75 -6.20 16.43
C TYR D 42 14.08 -5.47 16.54
N TYR D 43 15.11 -6.18 17.01
CA TYR D 43 16.43 -5.62 17.16
C TYR D 43 17.20 -5.64 15.81
N VAL D 44 16.58 -6.15 14.76
CA VAL D 44 17.14 -6.07 13.39
C VAL D 44 16.24 -5.28 12.44
N PHE D 45 14.92 -5.49 12.56
CA PHE D 45 13.94 -4.86 11.75
C PHE D 45 13.12 -3.94 12.64
N PRO D 46 13.40 -2.64 12.62
CA PRO D 46 12.79 -1.77 13.63
C PRO D 46 11.32 -1.52 13.51
N GLY D 47 10.75 -1.87 12.39
CA GLY D 47 9.30 -1.83 12.29
C GLY D 47 8.59 -3.00 12.96
N ALA D 48 9.32 -4.10 13.23
CA ALA D 48 8.72 -5.30 13.84
C ALA D 48 8.50 -5.13 15.37
N SER D 49 7.71 -4.10 15.73
CA SER D 49 7.37 -3.82 17.09
C SER D 49 6.10 -4.62 17.47
N HIS D 50 5.41 -5.16 16.51
CA HIS D 50 4.08 -5.79 16.77
C HIS D 50 4.17 -6.99 17.75
N ASN D 51 3.09 -7.16 18.47
CA ASN D 51 2.99 -8.12 19.55
C ASN D 51 1.96 -9.20 19.22
N ARG D 52 1.94 -10.26 20.02
CA ARG D 52 1.05 -11.38 19.79
C ARG D 52 -0.41 -11.04 19.94
N PHE D 53 -0.76 -10.01 20.71
CA PHE D 53 -2.15 -9.56 20.89
C PHE D 53 -2.86 -9.24 19.61
N GLU D 54 -2.27 -8.34 18.83
CA GLU D 54 -2.87 -7.96 17.55
C GLU D 54 -2.87 -9.10 16.53
N HIS D 55 -1.85 -9.95 16.52
CA HIS D 55 -1.84 -11.12 15.59
C HIS D 55 -2.99 -12.04 15.95
N SER D 56 -3.25 -12.21 17.23
CA SER D 56 -4.35 -13.08 17.71
C SER D 56 -5.72 -12.58 17.23
N LEU D 57 -5.96 -11.26 17.34
CA LEU D 57 -7.19 -10.68 16.83
C LEU D 57 -7.33 -11.00 15.38
N GLY D 58 -6.24 -10.90 14.63
CA GLY D 58 -6.29 -11.15 13.21
C GLY D 58 -6.62 -12.59 12.86
N VAL D 59 -6.05 -13.51 13.62
CA VAL D 59 -6.34 -14.94 13.42
C VAL D 59 -7.78 -15.24 13.72
N GLY D 60 -8.31 -14.65 14.79
CA GLY D 60 -9.74 -14.80 15.12
C GLY D 60 -10.67 -14.24 14.06
N TYR D 61 -10.32 -13.08 13.54
CA TYR D 61 -11.05 -12.52 12.44
C TYR D 61 -11.02 -13.43 11.18
N LEU D 62 -9.84 -13.89 10.78
CA LEU D 62 -9.76 -14.69 9.53
C LEU D 62 -10.43 -16.03 9.70
N ALA D 63 -10.39 -16.57 10.89
CA ALA D 63 -11.08 -17.84 11.16
C ALA D 63 -12.56 -17.68 10.91
N GLY D 64 -13.12 -16.57 11.39
CA GLY D 64 -14.51 -16.22 11.12
C GLY D 64 -14.82 -15.98 9.67
N CYS D 65 -13.94 -15.28 8.97
CA CYS D 65 -14.11 -15.08 7.53
C CYS D 65 -14.21 -16.42 6.78
N LEU D 66 -13.34 -17.36 7.06
CA LEU D 66 -13.30 -18.61 6.26
C LEU D 66 -14.55 -19.44 6.56
N VAL D 67 -14.89 -19.58 7.84
CA VAL D 67 -16.04 -20.39 8.23
C VAL D 67 -17.35 -19.78 7.69
N HIS D 68 -17.47 -18.47 7.78
N HIS D 68 -17.49 -18.46 7.80
CA HIS D 68 -18.62 -17.78 7.25
CA HIS D 68 -18.65 -17.76 7.25
C HIS D 68 -18.72 -17.97 5.75
C HIS D 68 -18.74 -17.91 5.73
N ALA D 69 -17.61 -17.80 5.02
CA ALA D 69 -17.62 -17.99 3.56
C ALA D 69 -18.07 -19.39 3.17
N LEU D 70 -17.60 -20.42 3.88
CA LEU D 70 -18.03 -21.79 3.58
C LEU D 70 -19.54 -21.99 3.80
N GLY D 71 -20.05 -21.46 4.90
CA GLY D 71 -21.47 -21.54 5.26
C GLY D 71 -22.40 -20.84 4.28
N GLU D 72 -21.98 -19.69 3.80
CA GLU D 72 -22.70 -18.95 2.78
C GLU D 72 -22.74 -19.63 1.42
N LYS D 73 -21.64 -20.21 0.96
CA LYS D 73 -21.62 -20.93 -0.30
C LYS D 73 -22.31 -22.28 -0.19
N GLN D 74 -22.25 -22.94 0.97
CA GLN D 74 -22.77 -24.34 1.14
C GLN D 74 -23.66 -24.49 2.40
N PRO D 75 -24.89 -23.98 2.33
CA PRO D 75 -25.86 -24.11 3.43
C PRO D 75 -26.08 -25.53 3.88
N GLU D 76 -25.91 -26.48 2.97
CA GLU D 76 -26.11 -27.88 3.29
C GLU D 76 -25.14 -28.42 4.34
N LEU D 77 -24.07 -27.69 4.64
CA LEU D 77 -23.10 -28.10 5.67
C LEU D 77 -23.64 -27.88 7.08
N GLN D 78 -24.67 -27.04 7.21
CA GLN D 78 -25.31 -26.78 8.50
C GLN D 78 -24.35 -26.17 9.53
N ILE D 79 -23.52 -25.23 9.07
CA ILE D 79 -22.65 -24.52 9.98
C ILE D 79 -23.54 -23.59 10.83
N SER D 80 -23.46 -23.70 12.15
CA SER D 80 -24.28 -22.87 13.07
C SER D 80 -23.51 -21.66 13.59
N GLU D 81 -24.25 -20.68 14.12
CA GLU D 81 -23.66 -19.51 14.79
C GLU D 81 -22.73 -19.98 15.90
N ARG D 82 -23.12 -21.05 16.55
CA ARG D 82 -22.33 -21.68 17.57
C ARG D 82 -20.95 -22.17 17.04
N ASP D 83 -20.96 -22.83 15.87
CA ASP D 83 -19.74 -23.29 15.23
C ASP D 83 -18.84 -22.10 14.90
N VAL D 84 -19.43 -21.05 14.37
CA VAL D 84 -18.68 -19.85 13.99
C VAL D 84 -17.96 -19.29 15.23
N LEU D 85 -18.68 -19.19 16.35
CA LEU D 85 -18.11 -18.58 17.53
C LEU D 85 -17.01 -19.45 18.08
N CYS D 86 -17.19 -20.75 18.03
CA CYS D 86 -16.15 -21.65 18.50
C CYS D 86 -14.90 -21.58 17.68
N VAL D 87 -15.04 -21.41 16.40
CA VAL D 87 -13.89 -21.34 15.51
C VAL D 87 -13.18 -19.98 15.70
N GLN D 88 -13.95 -18.92 15.84
CA GLN D 88 -13.36 -17.59 16.17
C GLN D 88 -12.59 -17.63 17.49
N ILE D 89 -13.16 -18.27 18.50
CA ILE D 89 -12.51 -18.33 19.79
C ILE D 89 -11.19 -19.14 19.71
N ALA D 90 -11.22 -20.26 19.01
CA ALA D 90 -9.99 -21.01 18.83
C ALA D 90 -8.96 -20.17 18.09
N GLY D 91 -9.39 -19.41 17.12
CA GLY D 91 -8.49 -18.52 16.40
C GLY D 91 -7.88 -17.48 17.29
N LEU D 92 -8.74 -16.82 18.07
CA LEU D 92 -8.29 -15.79 19.02
C LEU D 92 -7.31 -16.31 20.03
N CYS D 93 -7.51 -17.56 20.43
CA CYS D 93 -6.82 -18.11 21.57
C CYS D 93 -5.67 -19.06 21.23
N ARG D 94 -5.38 -19.32 19.98
CA ARG D 94 -4.28 -20.24 19.71
C ARG D 94 -2.86 -19.72 19.98
N ASN D 95 -2.69 -18.44 20.24
CA ASN D 95 -1.35 -17.90 20.65
C ASN D 95 -1.19 -17.63 22.18
N LEU D 96 -2.16 -18.03 22.99
CA LEU D 96 -2.15 -17.71 24.40
C LEU D 96 -0.96 -18.28 25.14
N GLY D 97 -0.39 -19.37 24.63
CA GLY D 97 0.71 -20.04 25.33
C GLY D 97 2.10 -19.52 25.06
N HIS D 98 2.24 -18.52 24.19
CA HIS D 98 3.59 -18.00 23.92
C HIS D 98 4.19 -17.29 25.11
N GLY D 99 5.51 -17.38 25.17
CA GLY D 99 6.29 -16.86 26.30
C GLY D 99 7.09 -15.68 25.82
N PRO D 100 7.91 -15.13 26.68
CA PRO D 100 8.69 -13.98 26.37
C PRO D 100 9.47 -14.16 25.08
N PHE D 101 9.39 -13.15 24.22
CA PHE D 101 10.10 -13.18 22.90
C PHE D 101 9.67 -14.36 22.01
N SER D 102 8.43 -14.78 22.19
CA SER D 102 7.80 -15.80 21.38
C SER D 102 8.70 -17.01 21.16
N HIS D 103 9.20 -17.25 19.95
CA HIS D 103 9.88 -18.55 19.66
C HIS D 103 11.22 -18.71 20.32
N MET D 104 11.80 -17.60 20.77
CA MET D 104 12.94 -17.71 21.66
C MET D 104 12.65 -18.61 22.87
N PHE D 105 11.50 -18.42 23.49
CA PHE D 105 11.19 -19.01 24.76
C PHE D 105 11.01 -20.51 24.64
N ASP D 106 10.22 -20.95 23.68
CA ASP D 106 10.00 -22.38 23.54
C ASP D 106 10.98 -23.05 22.57
N GLY D 107 11.63 -22.27 21.73
CA GLY D 107 12.65 -22.79 20.82
C GLY D 107 14.04 -22.86 21.40
N ARG D 108 14.41 -21.94 22.29
CA ARG D 108 15.77 -21.95 22.86
C ARG D 108 15.81 -22.11 24.36
N PHE D 109 15.03 -21.30 25.07
CA PHE D 109 15.17 -21.21 26.53
C PHE D 109 14.66 -22.43 27.29
N ILE D 110 13.42 -22.84 27.06
CA ILE D 110 12.88 -23.99 27.78
C ILE D 110 13.63 -25.31 27.45
N PRO D 111 13.98 -25.54 26.20
CA PRO D 111 14.79 -26.72 25.95
C PRO D 111 16.14 -26.74 26.68
N LEU D 112 16.77 -25.60 26.91
CA LEU D 112 18.01 -25.57 27.71
C LEU D 112 17.79 -25.55 29.25
N ALA D 113 16.77 -24.84 29.71
CA ALA D 113 16.46 -24.79 31.13
C ALA D 113 15.80 -26.05 31.66
N ARG D 114 14.91 -26.66 30.89
CA ARG D 114 14.13 -27.83 31.34
C ARG D 114 14.27 -28.92 30.28
N PRO D 115 15.49 -29.43 30.10
CA PRO D 115 15.68 -30.46 29.05
C PRO D 115 14.79 -31.73 29.21
N GLU D 116 14.42 -32.05 30.44
CA GLU D 116 13.56 -33.20 30.71
C GLU D 116 12.09 -33.00 30.28
N VAL D 117 11.63 -31.75 30.10
CA VAL D 117 10.21 -31.48 29.87
C VAL D 117 9.94 -31.44 28.37
N LYS D 118 8.68 -31.62 27.98
CA LYS D 118 8.26 -31.46 26.58
C LYS D 118 7.19 -30.37 26.50
N TRP D 119 7.64 -29.16 26.21
CA TRP D 119 6.76 -27.98 26.26
C TRP D 119 6.58 -27.44 24.89
N THR D 120 5.34 -27.09 24.53
CA THR D 120 5.05 -26.35 23.29
C THR D 120 4.12 -25.21 23.60
N HIS D 121 4.17 -24.15 22.78
CA HIS D 121 3.24 -23.06 22.95
C HIS D 121 1.79 -23.52 22.79
N GLU D 122 1.58 -24.54 21.98
CA GLU D 122 0.24 -25.13 21.76
C GLU D 122 -0.36 -25.65 23.07
N GLN D 123 0.41 -26.48 23.76
CA GLN D 123 0.01 -26.99 25.05
C GLN D 123 -0.20 -25.82 25.97
N GLY D 124 0.73 -24.88 25.94
CA GLY D 124 0.58 -23.66 26.75
C GLY D 124 -0.73 -22.91 26.47
N SER D 125 -1.11 -22.87 25.20
CA SER D 125 -2.35 -22.19 24.82
C SER D 125 -3.60 -22.88 25.40
N VAL D 126 -3.62 -24.21 25.39
CA VAL D 126 -4.73 -24.95 26.04
C VAL D 126 -4.83 -24.67 27.54
N MET D 127 -3.70 -24.69 28.22
CA MET D 127 -3.68 -24.50 29.65
C MET D 127 -4.07 -23.06 29.99
N MET D 128 -3.57 -22.10 29.22
CA MET D 128 -3.87 -20.72 29.47
C MET D 128 -5.33 -20.45 29.22
N PHE D 129 -5.86 -21.11 28.19
CA PHE D 129 -7.26 -20.96 27.86
C PHE D 129 -8.17 -21.41 29.00
N GLU D 130 -7.89 -22.62 29.52
CA GLU D 130 -8.63 -23.19 30.64
C GLU D 130 -8.58 -22.22 31.80
N HIS D 131 -7.39 -21.71 32.08
CA HIS D 131 -7.20 -20.76 33.18
C HIS D 131 -8.00 -19.47 32.93
N LEU D 132 -8.02 -19.01 31.69
CA LEU D 132 -8.74 -17.78 31.32
C LEU D 132 -10.24 -17.94 31.55
N ILE D 133 -10.76 -19.07 31.10
CA ILE D 133 -12.18 -19.41 31.26
C ILE D 133 -12.56 -19.45 32.74
N ASN D 134 -11.79 -20.22 33.49
CA ASN D 134 -12.13 -20.46 34.90
C ASN D 134 -11.95 -19.25 35.74
N SER D 135 -10.85 -18.52 35.54
CA SER D 135 -10.61 -17.31 36.33
C SER D 135 -11.59 -16.19 36.06
N ASN D 136 -12.29 -16.18 34.93
CA ASN D 136 -13.05 -14.97 34.56
C ASN D 136 -14.54 -15.20 34.39
N GLY D 137 -15.03 -16.36 34.81
CA GLY D 137 -16.46 -16.65 34.75
C GLY D 137 -17.02 -16.69 33.35
N ILE D 138 -16.26 -17.28 32.42
CA ILE D 138 -16.67 -17.24 31.02
C ILE D 138 -17.75 -18.28 30.67
N LYS D 139 -17.81 -19.39 31.38
CA LYS D 139 -18.80 -20.43 31.04
C LYS D 139 -20.25 -19.94 30.99
N PRO D 140 -20.69 -19.16 32.00
CA PRO D 140 -22.06 -18.62 31.97
C PRO D 140 -22.30 -17.67 30.82
N VAL D 141 -21.26 -16.90 30.46
CA VAL D 141 -21.35 -16.02 29.30
C VAL D 141 -21.47 -16.84 28.00
N MET D 142 -20.72 -17.93 27.90
CA MET D 142 -20.85 -18.83 26.76
C MET D 142 -22.27 -19.38 26.63
N GLU D 143 -22.84 -19.79 27.75
CA GLU D 143 -24.20 -20.31 27.76
C GLU D 143 -25.19 -19.24 27.32
N GLN D 144 -24.98 -18.03 27.78
CA GLN D 144 -25.81 -16.92 27.44
C GLN D 144 -25.90 -16.68 25.94
N TYR D 145 -24.86 -17.05 25.20
CA TYR D 145 -24.84 -16.88 23.75
C TYR D 145 -24.96 -18.22 23.02
N GLY D 146 -25.52 -19.22 23.66
CA GLY D 146 -25.91 -20.46 22.98
C GLY D 146 -24.84 -21.54 22.86
N LEU D 147 -23.69 -21.34 23.46
CA LEU D 147 -22.68 -22.40 23.46
C LEU D 147 -23.00 -23.40 24.55
N ILE D 148 -22.51 -24.63 24.36
CA ILE D 148 -22.61 -25.70 25.34
C ILE D 148 -21.21 -26.03 25.86
N PRO D 149 -20.83 -25.44 27.00
CA PRO D 149 -19.44 -25.43 27.44
C PRO D 149 -18.71 -26.75 27.41
N GLU D 150 -19.35 -27.83 27.81
CA GLU D 150 -18.67 -29.12 27.85
C GLU D 150 -18.09 -29.46 26.49
N GLU D 151 -18.96 -29.60 25.50
CA GLU D 151 -18.55 -30.01 24.16
C GLU D 151 -17.78 -28.91 23.39
N ASP D 152 -18.17 -27.66 23.59
CA ASP D 152 -17.56 -26.54 22.87
C ASP D 152 -16.15 -26.17 23.37
N ILE D 153 -15.93 -26.19 24.69
CA ILE D 153 -14.61 -25.99 25.25
C ILE D 153 -13.68 -27.08 24.76
N CYS D 154 -14.18 -28.30 24.70
CA CYS D 154 -13.42 -29.40 24.15
C CYS D 154 -13.05 -29.16 22.68
N PHE D 155 -14.03 -28.73 21.90
CA PHE D 155 -13.85 -28.41 20.50
C PHE D 155 -12.76 -27.35 20.28
N ILE D 156 -12.81 -26.29 21.07
CA ILE D 156 -11.87 -25.21 20.95
C ILE D 156 -10.47 -25.72 21.21
N LYS D 157 -10.29 -26.49 22.27
CA LYS D 157 -8.98 -27.02 22.62
C LYS D 157 -8.47 -27.97 21.55
N GLU D 158 -9.34 -28.80 21.01
CA GLU D 158 -8.96 -29.71 19.95
C GLU D 158 -8.51 -28.95 18.72
N GLN D 159 -9.15 -27.82 18.45
CA GLN D 159 -8.75 -26.99 17.29
C GLN D 159 -7.34 -26.44 17.46
N ILE D 160 -6.94 -26.20 18.70
CA ILE D 160 -5.64 -25.63 18.98
C ILE D 160 -4.52 -26.68 19.04
N VAL D 161 -4.79 -27.80 19.69
CA VAL D 161 -3.73 -28.75 19.98
C VAL D 161 -3.91 -30.10 19.26
N GLY D 162 -5.04 -30.31 18.60
CA GLY D 162 -5.37 -31.60 18.03
C GLY D 162 -6.07 -32.53 19.03
N PRO D 163 -6.20 -33.82 18.67
CA PRO D 163 -6.91 -34.76 19.53
C PRO D 163 -6.29 -34.84 20.91
N LEU D 164 -7.13 -34.78 21.92
CA LEU D 164 -6.66 -34.81 23.30
C LEU D 164 -6.28 -36.24 23.79
N GLU D 165 -6.43 -37.27 22.96
CA GLU D 165 -6.12 -38.66 23.34
C GLU D 165 -5.23 -39.31 22.24
N SER D 166 -4.59 -40.45 22.56
CA SER D 166 -3.89 -41.27 21.57
C SER D 166 -4.87 -42.22 20.90
N PRO D 167 -5.00 -42.16 19.57
CA PRO D 167 -6.06 -42.97 18.96
C PRO D 167 -5.58 -44.33 18.39
N VAL D 168 -4.26 -44.61 18.39
CA VAL D 168 -3.69 -45.68 17.53
C VAL D 168 -4.33 -47.06 17.69
N LEU D 172 -10.41 -44.50 12.61
CA LEU D 172 -11.38 -44.09 13.61
C LEU D 172 -11.29 -42.57 13.92
N TRP D 173 -12.46 -41.95 14.09
CA TRP D 173 -12.58 -40.47 14.27
C TRP D 173 -12.10 -40.05 15.68
N PRO D 174 -10.95 -39.35 15.75
CA PRO D 174 -10.31 -39.10 17.05
C PRO D 174 -10.82 -37.88 17.85
N TYR D 175 -11.79 -37.13 17.31
CA TYR D 175 -12.21 -35.91 17.94
C TYR D 175 -13.54 -36.07 18.61
N LYS D 176 -13.71 -35.38 19.72
CA LYS D 176 -14.94 -35.42 20.48
C LYS D 176 -15.77 -34.15 20.42
N GLY D 177 -15.17 -33.00 20.08
CA GLY D 177 -15.89 -31.74 20.10
C GLY D 177 -16.86 -31.62 18.96
N ARG D 178 -16.53 -32.22 17.81
CA ARG D 178 -17.44 -32.24 16.65
C ARG D 178 -17.29 -33.54 15.87
N PRO D 179 -18.39 -33.99 15.22
CA PRO D 179 -18.40 -35.25 14.49
C PRO D 179 -17.84 -35.08 13.10
N GLU D 180 -17.66 -36.18 12.38
CA GLU D 180 -17.04 -36.19 11.06
C GLU D 180 -17.69 -35.33 10.00
N ASN D 181 -18.99 -35.18 10.11
CA ASN D 181 -19.69 -34.30 9.18
C ASN D 181 -19.26 -32.84 9.32
N LYS D 182 -18.54 -32.47 10.39
CA LYS D 182 -17.99 -31.12 10.55
C LYS D 182 -16.45 -31.09 10.52
N SER D 183 -15.84 -32.15 9.99
CA SER D 183 -14.38 -32.30 10.05
C SER D 183 -13.62 -31.13 9.50
N PHE D 184 -14.16 -30.54 8.44
CA PHE D 184 -13.57 -29.37 7.81
C PHE D 184 -13.35 -28.21 8.77
N LEU D 185 -14.10 -28.14 9.86
CA LEU D 185 -13.93 -27.10 10.85
C LEU D 185 -12.60 -27.16 11.56
N TYR D 186 -12.02 -28.35 11.61
CA TYR D 186 -10.70 -28.54 12.23
C TYR D 186 -9.52 -28.11 11.37
N GLU D 187 -9.81 -27.71 10.14
CA GLU D 187 -8.77 -27.32 9.17
C GLU D 187 -8.61 -25.80 9.06
N ILE D 188 -9.35 -25.03 9.86
CA ILE D 188 -9.34 -23.57 9.78
C ILE D 188 -8.23 -22.91 10.60
N VAL D 189 -8.16 -23.23 11.89
CA VAL D 189 -7.31 -22.52 12.81
C VAL D 189 -5.91 -23.06 12.86
N SER D 190 -5.81 -24.38 12.96
CA SER D 190 -4.51 -25.02 12.98
C SER D 190 -4.61 -26.34 12.23
N ASN D 191 -4.17 -26.33 11.00
CA ASN D 191 -4.42 -27.41 10.08
C ASN D 191 -3.30 -28.42 10.17
N LYS D 192 -3.56 -29.47 10.92
CA LYS D 192 -2.57 -30.52 11.16
C LYS D 192 -2.30 -31.43 9.93
N ARG D 193 -3.21 -31.46 8.97
CA ARG D 193 -3.05 -32.29 7.77
C ARG D 193 -2.02 -31.72 6.79
N ASN D 194 -2.08 -30.42 6.52
CA ASN D 194 -1.15 -29.82 5.56
C ASN D 194 -0.61 -28.40 5.88
N GLY D 195 -0.98 -27.84 7.02
CA GLY D 195 -0.48 -26.53 7.44
C GLY D 195 -1.15 -25.27 6.84
N ILE D 196 -2.18 -25.47 6.01
CA ILE D 196 -2.81 -24.35 5.35
C ILE D 196 -3.89 -23.86 6.24
N ASP D 197 -3.61 -22.81 7.00
CA ASP D 197 -4.57 -22.32 7.94
C ASP D 197 -4.50 -20.81 8.07
N VAL D 198 -5.48 -20.26 8.78
CA VAL D 198 -5.61 -18.82 8.87
C VAL D 198 -4.54 -18.15 9.72
N ASP D 199 -3.84 -18.92 10.54
CA ASP D 199 -2.75 -18.38 11.37
C ASP D 199 -1.61 -17.89 10.48
N LYS D 200 -1.22 -18.70 9.50
CA LYS D 200 -0.22 -18.28 8.52
C LYS D 200 -0.67 -17.06 7.78
N TRP D 201 -1.92 -17.04 7.38
CA TRP D 201 -2.36 -15.97 6.53
C TRP D 201 -2.27 -14.63 7.25
N ASP D 202 -2.56 -14.61 8.55
CA ASP D 202 -2.41 -13.38 9.27
C ASP D 202 -0.95 -13.01 9.38
N TYR D 203 -0.11 -13.98 9.74
CA TYR D 203 1.26 -13.55 10.00
C TYR D 203 2.02 -13.14 8.74
N PHE D 204 1.73 -13.76 7.60
CA PHE D 204 2.31 -13.28 6.34
C PHE D 204 2.03 -11.78 6.12
N ALA D 205 0.76 -11.41 6.21
CA ALA D 205 0.34 -10.06 5.96
C ALA D 205 0.88 -9.12 6.99
N ARG D 206 0.73 -9.49 8.27
CA ARG D 206 1.14 -8.64 9.35
C ARG D 206 2.64 -8.50 9.46
N ASP D 207 3.34 -9.61 9.43
CA ASP D 207 4.79 -9.53 9.50
C ASP D 207 5.35 -8.70 8.38
N CYS D 208 4.87 -8.91 7.16
CA CYS D 208 5.33 -8.13 5.98
C CYS D 208 5.11 -6.60 6.12
N HIS D 209 3.91 -6.25 6.51
CA HIS D 209 3.55 -4.87 6.81
C HIS D 209 4.53 -4.21 7.77
N HIS D 210 4.98 -4.95 8.80
CA HIS D 210 5.88 -4.40 9.79
C HIS D 210 7.34 -4.48 9.47
N LEU D 211 7.75 -5.59 8.84
CA LEU D 211 9.11 -5.77 8.47
C LEU D 211 9.56 -4.82 7.41
N GLY D 212 8.63 -4.44 6.55
CA GLY D 212 8.93 -3.75 5.28
C GLY D 212 9.36 -4.69 4.15
N ILE D 213 8.75 -5.85 4.07
CA ILE D 213 8.96 -6.82 2.98
C ILE D 213 7.57 -7.07 2.45
N GLN D 214 7.44 -7.31 1.15
CA GLN D 214 6.12 -7.43 0.55
C GLN D 214 5.61 -8.89 0.52
N ASN D 215 4.34 -9.06 0.88
CA ASN D 215 3.71 -10.38 0.91
C ASN D 215 3.14 -10.74 -0.45
N ASN D 216 3.48 -11.90 -0.96
CA ASN D 216 3.07 -12.42 -2.26
C ASN D 216 1.81 -13.35 -2.22
N PHE D 217 1.34 -13.75 -1.04
CA PHE D 217 0.18 -14.66 -0.95
C PHE D 217 -1.17 -13.97 -0.68
N ASP D 218 -2.16 -14.29 -1.49
CA ASP D 218 -3.47 -13.70 -1.48
C ASP D 218 -4.53 -14.68 -0.84
N TYR D 219 -4.73 -14.53 0.44
CA TYR D 219 -5.58 -15.40 1.23
C TYR D 219 -7.06 -15.15 0.86
N LYS D 220 -7.44 -13.92 0.46
CA LYS D 220 -8.83 -13.67 0.10
C LYS D 220 -9.19 -14.43 -1.15
N ARG D 221 -8.25 -14.53 -2.07
CA ARG D 221 -8.46 -15.32 -3.26
C ARG D 221 -8.70 -16.77 -2.89
N PHE D 222 -7.90 -17.29 -1.99
CA PHE D 222 -8.02 -18.65 -1.56
C PHE D 222 -9.39 -18.92 -0.96
N ILE D 223 -9.81 -18.04 -0.06
CA ILE D 223 -11.12 -18.15 0.54
C ILE D 223 -12.23 -18.14 -0.47
N LYS D 224 -12.16 -17.26 -1.46
CA LYS D 224 -13.17 -17.26 -2.53
C LYS D 224 -13.25 -18.55 -3.30
N PHE D 225 -12.14 -19.28 -3.44
CA PHE D 225 -12.14 -20.50 -4.20
C PHE D 225 -12.29 -21.74 -3.33
N ALA D 226 -12.50 -21.58 -2.03
CA ALA D 226 -12.50 -22.76 -1.17
C ALA D 226 -13.91 -23.34 -1.10
N ARG D 227 -13.97 -24.67 -1.01
CA ARG D 227 -15.22 -25.42 -0.94
C ARG D 227 -15.03 -26.62 -0.04
N VAL D 228 -16.13 -27.17 0.46
CA VAL D 228 -16.05 -28.42 1.22
C VAL D 228 -16.54 -29.54 0.34
N CYS D 229 -15.76 -30.62 0.27
CA CYS D 229 -16.11 -31.82 -0.51
C CYS D 229 -15.85 -33.06 0.30
N GLU D 230 -16.52 -34.14 -0.06
CA GLU D 230 -16.28 -35.41 0.60
C GLU D 230 -14.98 -36.04 0.11
N VAL D 231 -14.10 -36.37 1.04
CA VAL D 231 -12.84 -37.03 0.73
C VAL D 231 -12.70 -38.19 1.71
N ASP D 232 -12.59 -39.40 1.17
CA ASP D 232 -12.52 -40.67 1.95
C ASP D 232 -13.44 -40.66 3.16
N ASN D 233 -14.71 -40.37 2.94
CA ASN D 233 -15.74 -40.33 4.01
C ASN D 233 -15.62 -39.26 5.09
N GLU D 234 -14.87 -38.21 4.79
CA GLU D 234 -14.82 -37.01 5.60
C GLU D 234 -15.19 -35.84 4.73
N LEU D 235 -15.87 -34.86 5.29
CA LEU D 235 -16.03 -33.56 4.64
C LEU D 235 -14.80 -32.68 4.90
N ARG D 236 -14.00 -32.43 3.85
CA ARG D 236 -12.81 -31.58 3.95
C ARG D 236 -12.85 -30.31 3.08
N ILE D 237 -12.05 -29.33 3.47
CA ILE D 237 -11.88 -28.12 2.66
C ILE D 237 -11.05 -28.45 1.44
N CYS D 238 -11.57 -28.10 0.26
CA CYS D 238 -10.89 -28.27 -0.98
C CYS D 238 -10.67 -26.92 -1.68
N ALA D 239 -9.53 -26.78 -2.33
CA ALA D 239 -9.21 -25.62 -3.14
C ALA D 239 -9.47 -25.92 -4.62
N ARG D 240 -9.75 -24.85 -5.38
CA ARG D 240 -9.92 -24.99 -6.82
C ARG D 240 -8.58 -25.46 -7.42
N ASP D 241 -8.67 -26.42 -8.36
CA ASP D 241 -7.49 -27.02 -9.02
C ASP D 241 -6.45 -26.01 -9.43
N LYS D 242 -6.87 -25.03 -10.20
CA LYS D 242 -5.95 -24.08 -10.78
C LYS D 242 -5.28 -23.14 -9.73
N GLU D 243 -5.71 -23.14 -8.48
CA GLU D 243 -5.00 -22.46 -7.44
C GLU D 243 -3.77 -23.19 -6.92
N VAL D 244 -3.45 -24.37 -7.48
CA VAL D 244 -2.38 -25.18 -6.90
C VAL D 244 -1.04 -24.48 -6.92
N GLY D 245 -0.78 -23.73 -7.97
CA GLY D 245 0.45 -22.95 -8.09
C GLY D 245 0.56 -21.91 -6.99
N ASN D 246 -0.56 -21.25 -6.70
CA ASN D 246 -0.59 -20.30 -5.62
C ASN D 246 -0.27 -21.00 -4.29
N LEU D 247 -0.65 -22.28 -4.14
CA LEU D 247 -0.36 -22.97 -2.87
C LEU D 247 1.09 -23.30 -2.71
N TYR D 248 1.71 -23.79 -3.79
CA TYR D 248 3.17 -23.91 -3.77
C TYR D 248 3.83 -22.57 -3.43
N ASP D 249 3.32 -21.50 -4.02
CA ASP D 249 3.86 -20.19 -3.72
C ASP D 249 3.72 -19.78 -2.27
N MET D 250 2.60 -20.16 -1.65
CA MET D 250 2.42 -19.86 -0.25
C MET D 250 3.55 -20.39 0.62
N PHE D 251 3.94 -21.65 0.38
CA PHE D 251 4.97 -22.25 1.18
C PHE D 251 6.34 -21.68 0.79
N HIS D 252 6.52 -21.34 -0.48
CA HIS D 252 7.75 -20.67 -0.90
C HIS D 252 7.89 -19.33 -0.14
N THR D 253 6.79 -18.61 -0.03
CA THR D 253 6.78 -17.34 0.76
C THR D 253 7.12 -17.56 2.23
N ARG D 254 6.49 -18.54 2.84
CA ARG D 254 6.88 -18.89 4.21
C ARG D 254 8.37 -19.17 4.38
N ASN D 255 8.95 -19.92 3.46
CA ASN D 255 10.35 -20.17 3.50
C ASN D 255 11.22 -18.90 3.33
N SER D 256 10.83 -18.03 2.43
CA SER D 256 11.54 -16.76 2.19
C SER D 256 11.52 -15.87 3.40
N LEU D 257 10.36 -15.81 4.08
CA LEU D 257 10.27 -15.07 5.29
C LEU D 257 11.17 -15.64 6.41
N HIS D 258 11.20 -16.96 6.53
CA HIS D 258 12.12 -17.57 7.45
C HIS D 258 13.60 -17.22 7.10
N ARG D 259 13.99 -17.36 5.84
CA ARG D 259 15.36 -17.01 5.42
C ARG D 259 15.71 -15.54 5.64
N ARG D 260 14.83 -14.61 5.27
CA ARG D 260 15.19 -13.22 5.33
C ARG D 260 15.05 -12.66 6.72
N ALA D 261 14.04 -13.10 7.45
CA ALA D 261 13.64 -12.40 8.67
C ALA D 261 13.69 -13.32 9.91
N TYR D 262 12.90 -14.37 9.91
CA TYR D 262 12.70 -15.09 11.17
C TYR D 262 13.95 -15.85 11.58
N GLN D 263 14.80 -16.21 10.64
CA GLN D 263 16.09 -16.80 10.94
C GLN D 263 17.23 -15.89 10.51
N HIS D 264 17.01 -14.59 10.56
CA HIS D 264 18.11 -13.67 10.28
C HIS D 264 19.28 -13.99 11.25
N LYS D 265 20.52 -14.06 10.74
CA LYS D 265 21.66 -14.49 11.57
C LYS D 265 21.89 -13.64 12.83
N VAL D 266 21.59 -12.34 12.75
CA VAL D 266 21.73 -11.48 13.88
C VAL D 266 20.47 -11.52 14.78
N GLY D 267 19.28 -11.57 14.21
CA GLY D 267 18.09 -11.81 15.05
C GLY D 267 18.23 -13.07 15.88
N ASN D 268 18.78 -14.13 15.31
CA ASN D 268 19.01 -15.34 16.07
C ASN D 268 20.07 -15.22 17.17
N ILE D 269 21.16 -14.50 16.90
CA ILE D 269 22.18 -14.34 17.90
C ILE D 269 21.67 -13.44 19.02
N ILE D 270 20.79 -12.50 18.74
CA ILE D 270 20.19 -11.70 19.82
C ILE D 270 19.29 -12.56 20.72
N ASP D 271 18.46 -13.40 20.10
CA ASP D 271 17.64 -14.40 20.82
C ASP D 271 18.51 -15.29 21.70
N THR D 272 19.67 -15.67 21.15
CA THR D 272 20.60 -16.52 21.88
C THR D 272 21.15 -15.77 23.10
N MET D 273 21.56 -14.53 22.91
CA MET D 273 22.12 -13.75 24.01
C MET D 273 21.04 -13.47 25.07
N ILE D 274 19.81 -13.18 24.64
CA ILE D 274 18.74 -13.01 25.62
C ILE D 274 18.47 -14.31 26.40
N THR D 275 18.45 -15.45 25.68
CA THR D 275 18.30 -16.74 26.34
C THR D 275 19.40 -16.98 27.42
N ASP D 276 20.64 -16.67 27.07
CA ASP D 276 21.78 -16.74 28.00
C ASP D 276 21.56 -15.90 29.25
N ALA D 277 21.11 -14.67 29.06
CA ALA D 277 20.79 -13.80 30.21
C ALA D 277 19.71 -14.42 31.08
N PHE D 278 18.68 -14.96 30.46
CA PHE D 278 17.57 -15.58 31.18
C PHE D 278 18.06 -16.76 31.98
N LEU D 279 18.94 -17.57 31.39
CA LEU D 279 19.53 -18.72 32.10
C LEU D 279 20.30 -18.29 33.35
N LYS D 280 21.09 -17.24 33.22
CA LYS D 280 21.85 -16.71 34.34
C LYS D 280 20.96 -16.02 35.39
N ALA D 281 19.77 -15.59 35.01
CA ALA D 281 18.88 -14.91 35.93
C ALA D 281 17.91 -15.86 36.58
N ASP D 282 17.83 -17.08 36.05
CA ASP D 282 16.76 -18.00 36.43
C ASP D 282 16.70 -18.35 37.92
N ASP D 283 17.87 -18.39 38.59
CA ASP D 283 17.89 -18.74 40.01
C ASP D 283 17.41 -17.59 40.88
N TYR D 284 17.34 -16.37 40.34
CA TYR D 284 17.10 -15.19 41.16
C TYR D 284 15.80 -14.45 40.92
N ILE D 285 15.21 -14.53 39.73
CA ILE D 285 13.93 -13.86 39.50
C ILE D 285 12.84 -14.72 40.07
N GLU D 286 11.88 -14.09 40.72
CA GLU D 286 10.78 -14.79 41.36
C GLU D 286 9.47 -14.28 40.82
N ILE D 287 8.59 -15.21 40.45
CA ILE D 287 7.31 -14.85 39.94
C ILE D 287 6.25 -15.51 40.80
N THR D 288 5.34 -14.69 41.31
CA THR D 288 4.34 -15.14 42.26
C THR D 288 3.18 -15.72 41.53
N GLY D 289 2.83 -16.96 41.86
CA GLY D 289 1.73 -17.66 41.25
C GLY D 289 0.59 -17.94 42.20
N ALA D 290 -0.10 -19.04 41.97
CA ALA D 290 -1.29 -19.38 42.74
C ALA D 290 -0.91 -19.61 44.20
N GLY D 291 -1.75 -19.10 45.10
CA GLY D 291 -1.57 -19.27 46.54
C GLY D 291 -0.33 -18.57 47.07
N GLY D 292 0.16 -17.55 46.37
CA GLY D 292 1.40 -16.88 46.73
C GLY D 292 2.72 -17.62 46.47
N LYS D 293 2.67 -18.89 46.02
CA LYS D 293 3.90 -19.63 45.70
C LYS D 293 4.77 -18.89 44.71
N LYS D 294 6.08 -19.05 44.85
CA LYS D 294 7.04 -18.40 44.00
C LYS D 294 7.50 -19.36 42.92
N TYR D 295 7.65 -18.85 41.71
CA TYR D 295 8.15 -19.62 40.60
C TYR D 295 9.30 -18.90 39.96
N ARG D 296 10.06 -19.64 39.15
CA ARG D 296 11.12 -19.08 38.37
C ARG D 296 10.69 -18.93 36.91
N ILE D 297 11.53 -18.24 36.15
CA ILE D 297 11.29 -18.08 34.72
C ILE D 297 11.07 -19.48 34.13
N SER D 298 11.92 -20.43 34.49
CA SER D 298 11.83 -21.76 33.89
C SER D 298 10.71 -22.60 34.43
N THR D 299 10.12 -22.22 35.57
CA THR D 299 9.02 -23.02 36.14
C THR D 299 7.65 -22.37 36.06
N ALA D 300 7.58 -21.12 35.56
CA ALA D 300 6.29 -20.43 35.45
C ALA D 300 5.31 -21.16 34.54
N ILE D 301 5.86 -21.97 33.63
CA ILE D 301 5.05 -22.83 32.77
C ILE D 301 4.23 -23.87 33.52
N ASP D 302 4.55 -24.10 34.78
CA ASP D 302 3.81 -25.06 35.58
C ASP D 302 2.63 -24.43 36.33
N ASP D 303 2.51 -23.11 36.32
CA ASP D 303 1.38 -22.43 36.98
C ASP D 303 0.92 -21.24 36.13
N MET D 304 -0.31 -21.34 35.65
CA MET D 304 -0.83 -20.36 34.71
C MET D 304 -0.95 -18.97 35.31
N GLU D 305 -1.24 -18.90 36.61
CA GLU D 305 -1.30 -17.62 37.29
C GLU D 305 0.07 -16.93 37.28
N ALA D 306 1.15 -17.70 37.43
CA ALA D 306 2.49 -17.14 37.30
C ALA D 306 2.84 -16.85 35.84
N TYR D 307 2.54 -17.80 34.96
CA TYR D 307 2.76 -17.60 33.53
C TYR D 307 2.05 -16.33 32.95
N THR D 308 0.84 -16.03 33.38
CA THR D 308 0.17 -14.79 33.06
C THR D 308 1.07 -13.58 33.24
N LYS D 309 1.93 -13.57 34.26
CA LYS D 309 2.81 -12.45 34.54
C LYS D 309 4.20 -12.63 33.89
N LEU D 310 4.41 -13.65 33.03
CA LEU D 310 5.69 -13.86 32.40
C LEU D 310 5.69 -13.35 30.94
N THR D 311 6.28 -12.16 30.73
CA THR D 311 6.28 -11.48 29.43
C THR D 311 7.64 -10.90 29.14
N ASP D 312 7.75 -10.15 28.07
CA ASP D 312 9.01 -9.49 27.67
C ASP D 312 9.53 -8.59 28.79
N ASN D 313 8.66 -8.18 29.69
CA ASN D 313 9.06 -7.40 30.86
C ASN D 313 10.23 -7.98 31.66
N ILE D 314 10.35 -9.30 31.63
CA ILE D 314 11.50 -9.95 32.23
C ILE D 314 12.84 -9.36 31.73
N PHE D 315 12.95 -9.09 30.45
CA PHE D 315 14.14 -8.48 29.85
C PHE D 315 14.48 -7.19 30.56
N LEU D 316 13.50 -6.32 30.75
CA LEU D 316 13.73 -4.99 31.41
C LEU D 316 13.94 -5.08 32.92
N GLU D 317 13.23 -5.99 33.57
CA GLU D 317 13.48 -6.27 34.96
C GLU D 317 14.95 -6.69 35.17
N ILE D 318 15.49 -7.57 34.32
CA ILE D 318 16.90 -7.87 34.37
C ILE D 318 17.78 -6.66 34.08
N LEU D 319 17.50 -5.95 33.01
CA LEU D 319 18.36 -4.84 32.58
C LEU D 319 18.41 -3.71 33.60
N TYR D 320 17.28 -3.44 34.24
CA TYR D 320 17.20 -2.40 35.27
C TYR D 320 17.60 -2.84 36.70
N SER D 321 17.92 -4.11 36.91
CA SER D 321 18.15 -4.62 38.24
C SER D 321 19.44 -3.99 38.86
N THR D 322 19.50 -3.97 40.21
CA THR D 322 20.69 -3.58 40.94
C THR D 322 21.27 -4.71 41.77
N ASP D 323 20.48 -5.75 42.02
CA ASP D 323 20.98 -6.94 42.74
C ASP D 323 22.27 -7.49 42.11
N PRO D 324 23.35 -7.60 42.89
CA PRO D 324 24.61 -8.20 42.40
C PRO D 324 24.46 -9.64 41.93
N LYS D 325 23.46 -10.38 42.42
CA LYS D 325 23.19 -11.71 41.93
C LYS D 325 22.78 -11.74 40.46
N LEU D 326 22.19 -10.64 39.97
CA LEU D 326 21.79 -10.51 38.57
C LEU D 326 22.83 -9.83 37.71
N LYS D 327 24.01 -9.61 38.24
CA LYS D 327 25.04 -8.89 37.53
C LYS D 327 25.43 -9.55 36.22
N ASP D 328 25.63 -10.87 36.19
CA ASP D 328 26.07 -11.53 34.95
C ASP D 328 25.00 -11.51 33.89
N ALA D 329 23.77 -11.75 34.29
CA ALA D 329 22.64 -11.65 33.38
C ALA D 329 22.54 -10.24 32.83
N ARG D 330 22.59 -9.26 33.72
CA ARG D 330 22.42 -7.84 33.37
C ARG D 330 23.50 -7.39 32.40
N GLU D 331 24.71 -7.91 32.58
CA GLU D 331 25.85 -7.56 31.73
C GLU D 331 25.70 -8.09 30.28
N ILE D 332 25.10 -9.26 30.12
CA ILE D 332 24.81 -9.75 28.77
C ILE D 332 23.81 -8.81 28.04
N LEU D 333 22.74 -8.43 28.72
CA LEU D 333 21.76 -7.51 28.12
C LEU D 333 22.36 -6.13 27.82
N LYS D 334 23.28 -5.68 28.66
CA LYS D 334 23.96 -4.43 28.38
C LYS D 334 24.84 -4.51 27.15
N GLN D 335 25.44 -5.66 26.89
CA GLN D 335 26.20 -5.82 25.67
C GLN D 335 25.30 -5.72 24.43
N ILE D 336 24.06 -6.16 24.57
CA ILE D 336 23.11 -6.06 23.47
C ILE D 336 22.85 -4.58 23.20
N GLU D 337 22.63 -3.76 24.23
CA GLU D 337 22.40 -2.32 24.03
C GLU D 337 23.56 -1.60 23.39
N TYR D 338 24.77 -1.99 23.73
CA TYR D 338 25.97 -1.42 23.08
C TYR D 338 26.25 -2.06 21.71
N ARG D 339 25.46 -3.05 21.35
CA ARG D 339 25.69 -3.80 20.10
C ARG D 339 27.06 -4.50 20.09
N ASN D 340 27.48 -4.98 21.23
CA ASN D 340 28.69 -5.79 21.31
C ASN D 340 28.22 -7.25 21.28
N LEU D 341 27.83 -7.69 20.09
CA LEU D 341 27.21 -9.01 19.95
C LEU D 341 28.24 -10.04 19.52
N PHE D 342 27.92 -11.31 19.80
CA PHE D 342 28.74 -12.40 19.30
C PHE D 342 28.85 -12.23 17.79
N LYS D 343 29.98 -12.61 17.20
CA LYS D 343 30.24 -12.34 15.77
C LYS D 343 29.89 -13.53 14.92
N TYR D 344 29.24 -13.27 13.80
CA TYR D 344 28.91 -14.26 12.81
C TYR D 344 30.15 -14.67 12.02
N VAL D 345 30.39 -15.97 11.92
CA VAL D 345 31.56 -16.49 11.23
C VAL D 345 31.17 -16.95 9.85
N GLY D 346 30.07 -17.71 9.78
CA GLY D 346 29.55 -18.12 8.49
C GLY D 346 28.47 -19.17 8.54
N GLU D 347 28.10 -19.63 7.36
CA GLU D 347 27.00 -20.57 7.19
C GLU D 347 27.39 -21.67 6.23
N THR D 348 26.90 -22.87 6.47
CA THR D 348 27.12 -24.02 5.59
C THR D 348 25.90 -24.93 5.67
N GLN D 349 25.89 -25.99 4.88
CA GLN D 349 24.87 -27.01 4.94
C GLN D 349 25.48 -28.40 4.81
N PRO D 350 24.81 -29.40 5.37
CA PRO D 350 25.26 -30.77 5.15
C PRO D 350 24.96 -31.15 3.72
N THR D 351 25.61 -32.18 3.24
CA THR D 351 25.42 -32.72 1.89
C THR D 351 25.06 -34.21 1.96
N GLY D 352 24.60 -34.75 0.82
CA GLY D 352 24.33 -36.19 0.73
C GLY D 352 23.11 -36.58 1.55
N GLN D 353 23.24 -37.63 2.35
CA GLN D 353 22.13 -38.05 3.24
C GLN D 353 22.37 -37.55 4.69
N ILE D 354 23.42 -36.76 4.90
CA ILE D 354 23.78 -36.35 6.24
C ILE D 354 22.67 -35.47 6.84
N LYS D 355 22.24 -35.83 8.05
CA LYS D 355 21.21 -35.15 8.73
C LYS D 355 21.59 -35.03 10.20
N ILE D 356 21.77 -33.82 10.69
CA ILE D 356 22.25 -33.63 12.05
C ILE D 356 21.09 -33.71 13.04
N LYS D 357 21.24 -34.57 14.05
CA LYS D 357 20.19 -34.81 15.01
C LYS D 357 20.35 -33.88 16.20
N ARG D 358 19.23 -33.56 16.83
CA ARG D 358 19.21 -32.71 18.02
C ARG D 358 20.19 -33.14 19.13
N GLU D 359 20.38 -34.44 19.28
CA GLU D 359 21.24 -34.98 20.34
C GLU D 359 22.71 -34.67 20.08
N ASP D 360 23.04 -34.28 18.85
CA ASP D 360 24.43 -34.00 18.48
C ASP D 360 24.78 -32.51 18.47
N TYR D 361 23.78 -31.66 18.69
CA TYR D 361 23.97 -30.20 18.64
C TYR D 361 25.06 -29.74 19.61
N GLU D 362 25.06 -30.29 20.81
CA GLU D 362 25.99 -29.84 21.84
C GLU D 362 27.46 -30.19 21.52
N SER D 363 27.67 -31.22 20.70
CA SER D 363 29.00 -31.63 20.34
C SER D 363 29.62 -30.81 19.20
N LEU D 364 28.84 -29.94 18.57
CA LEU D 364 29.35 -29.25 17.39
C LEU D 364 30.41 -28.14 17.63
N PRO D 365 30.23 -27.30 18.66
CA PRO D 365 31.30 -26.35 18.98
C PRO D 365 32.64 -27.03 19.27
N LYS D 366 32.59 -28.20 19.92
CA LYS D 366 33.80 -29.02 20.18
C LYS D 366 34.44 -29.45 18.89
N GLU D 367 33.65 -29.90 17.94
CA GLU D 367 34.22 -30.30 16.68
C GLU D 367 34.87 -29.11 15.96
N VAL D 368 34.23 -27.94 16.00
CA VAL D 368 34.81 -26.80 15.32
C VAL D 368 36.18 -26.44 15.90
N ALA D 369 36.26 -26.41 17.23
CA ALA D 369 37.49 -26.07 17.92
C ALA D 369 38.57 -27.13 17.73
N SER D 370 38.18 -28.35 17.37
CA SER D 370 39.11 -29.47 17.12
C SER D 370 39.69 -29.52 15.74
N ALA D 371 39.16 -28.68 14.85
CA ALA D 371 39.67 -28.63 13.49
C ALA D 371 41.11 -28.10 13.48
N LYS D 372 41.88 -28.54 12.49
CA LYS D 372 43.31 -28.24 12.43
C LYS D 372 43.63 -27.56 11.11
N PRO D 373 43.19 -26.30 10.98
CA PRO D 373 43.46 -25.58 9.75
C PRO D 373 44.97 -25.40 9.63
N LYS D 374 45.58 -25.68 8.49
CA LYS D 374 47.02 -25.52 8.38
C LYS D 374 47.41 -24.06 8.07
N VAL D 375 47.28 -23.19 9.05
CA VAL D 375 47.50 -21.77 8.88
C VAL D 375 48.15 -21.28 10.17
N LEU D 376 48.97 -20.24 10.09
CA LEU D 376 49.57 -19.67 11.29
C LEU D 376 48.54 -18.80 12.03
N LEU D 377 48.32 -19.11 13.31
CA LEU D 377 47.31 -18.41 14.12
C LEU D 377 47.88 -17.80 15.38
N ASP D 378 47.59 -16.53 15.59
CA ASP D 378 48.05 -15.83 16.81
C ASP D 378 47.28 -16.22 18.07
N VAL D 379 46.02 -16.59 17.94
CA VAL D 379 45.21 -17.04 19.06
C VAL D 379 44.71 -18.46 18.79
N LYS D 380 44.50 -19.20 19.86
CA LYS D 380 43.85 -20.49 19.77
C LYS D 380 42.47 -20.34 20.41
N LEU D 381 41.46 -20.91 19.79
CA LEU D 381 40.11 -20.84 20.30
C LEU D 381 39.67 -22.18 20.85
N LYS D 382 38.77 -22.12 21.83
CA LYS D 382 38.26 -23.31 22.49
C LYS D 382 36.79 -23.49 22.15
N ALA D 383 36.26 -24.68 22.45
CA ALA D 383 34.85 -25.00 22.23
C ALA D 383 33.90 -23.92 22.72
N GLU D 384 34.12 -23.45 23.95
CA GLU D 384 33.24 -22.43 24.56
C GLU D 384 33.21 -21.08 23.82
N ASP D 385 34.16 -20.86 22.92
CA ASP D 385 34.23 -19.63 22.16
C ASP D 385 33.31 -19.65 20.94
N PHE D 386 32.80 -20.84 20.61
CA PHE D 386 31.95 -21.02 19.45
C PHE D 386 30.52 -21.27 19.84
N ILE D 387 29.61 -20.69 19.04
CA ILE D 387 28.21 -21.08 19.00
C ILE D 387 27.89 -21.68 17.62
N VAL D 388 27.17 -22.80 17.62
CA VAL D 388 26.77 -23.45 16.37
C VAL D 388 25.25 -23.53 16.46
N ASP D 389 24.58 -22.94 15.49
CA ASP D 389 23.12 -22.89 15.44
C ASP D 389 22.69 -23.73 14.25
N VAL D 390 21.88 -24.76 14.49
CA VAL D 390 21.40 -25.61 13.40
C VAL D 390 19.92 -25.27 13.21
N ILE D 391 19.56 -24.93 11.98
CA ILE D 391 18.21 -24.57 11.63
C ILE D 391 17.59 -25.50 10.58
N ASN D 392 16.46 -26.09 10.94
CA ASN D 392 15.71 -26.95 10.06
C ASN D 392 14.68 -26.15 9.25
N MET D 393 14.91 -26.03 7.95
CA MET D 393 14.03 -25.31 7.05
C MET D 393 13.23 -26.34 6.24
N ASP D 394 11.90 -26.20 6.25
CA ASP D 394 11.05 -27.11 5.50
C ASP D 394 9.69 -26.49 5.21
N TYR D 395 8.84 -27.24 4.50
CA TYR D 395 7.53 -26.82 4.11
C TYR D 395 6.46 -27.26 5.11
N GLY D 396 6.84 -27.41 6.35
CA GLY D 396 5.91 -27.65 7.44
C GLY D 396 5.64 -29.06 7.78
N MET D 397 6.19 -30.00 6.98
CA MET D 397 5.88 -31.41 7.18
C MET D 397 7.14 -32.26 6.94
N GLN D 398 8.25 -31.87 7.55
CA GLN D 398 9.51 -32.60 7.44
C GLN D 398 9.88 -32.70 5.95
N GLU D 399 10.18 -33.92 5.48
CA GLU D 399 10.58 -34.19 4.11
C GLU D 399 9.39 -34.20 3.13
N LYS D 400 8.16 -34.20 3.63
CA LYS D 400 6.97 -34.31 2.78
C LYS D 400 6.55 -32.99 2.08
N ASN D 401 5.97 -33.16 0.89
CA ASN D 401 5.32 -32.12 0.12
C ASN D 401 3.92 -31.94 0.65
N PRO D 402 3.63 -30.74 1.27
CA PRO D 402 2.29 -30.61 1.84
C PRO D 402 1.19 -30.63 0.81
N ILE D 403 1.51 -30.29 -0.44
CA ILE D 403 0.50 -30.22 -1.49
C ILE D 403 -0.02 -31.63 -1.86
N ASP D 404 0.74 -32.68 -1.53
CA ASP D 404 0.25 -34.05 -1.68
C ASP D 404 -0.85 -34.37 -0.67
N HIS D 405 -1.05 -33.50 0.30
CA HIS D 405 -2.08 -33.68 1.33
C HIS D 405 -3.18 -32.61 1.24
N VAL D 406 -3.33 -32.06 0.03
CA VAL D 406 -4.39 -31.08 -0.26
C VAL D 406 -5.34 -31.72 -1.26
N SER D 407 -6.63 -31.49 -1.07
CA SER D 407 -7.67 -31.89 -1.99
C SER D 407 -8.16 -30.70 -2.80
N PHE D 408 -8.41 -30.96 -4.07
CA PHE D 408 -8.88 -29.95 -5.02
C PHE D 408 -10.21 -30.32 -5.65
N TYR D 409 -10.84 -29.35 -6.31
CA TYR D 409 -12.01 -29.58 -7.14
C TYR D 409 -11.84 -28.84 -8.45
N CYS D 410 -12.60 -29.25 -9.45
CA CYS D 410 -12.57 -28.72 -10.82
C CYS D 410 -13.86 -28.00 -11.10
N LYS D 411 -13.78 -27.08 -12.05
CA LYS D 411 -14.91 -26.22 -12.38
C LYS D 411 -16.09 -27.04 -12.92
N THR D 412 -15.81 -28.11 -13.66
CA THR D 412 -16.89 -28.92 -14.24
C THR D 412 -17.65 -29.78 -13.21
N ALA D 413 -17.02 -30.10 -12.06
CA ALA D 413 -17.63 -30.94 -11.01
C ALA D 413 -17.22 -30.49 -9.61
N PRO D 414 -17.80 -29.36 -9.16
CA PRO D 414 -17.31 -28.73 -7.93
C PRO D 414 -17.45 -29.55 -6.65
N ASN D 415 -18.22 -30.62 -6.69
CA ASN D 415 -18.37 -31.49 -5.55
C ASN D 415 -17.52 -32.71 -5.58
N ARG D 416 -16.69 -32.85 -6.61
CA ARG D 416 -15.81 -34.00 -6.69
C ARG D 416 -14.37 -33.63 -6.40
N ALA D 417 -13.89 -34.12 -5.27
CA ALA D 417 -12.52 -33.96 -4.83
C ALA D 417 -11.52 -34.75 -5.68
N ILE D 418 -10.37 -34.15 -5.96
CA ILE D 418 -9.29 -34.82 -6.70
C ILE D 418 -7.95 -34.49 -6.08
N ARG D 419 -6.93 -35.20 -6.54
CA ARG D 419 -5.55 -35.01 -6.14
C ARG D 419 -4.77 -34.48 -7.31
N ILE D 420 -3.72 -33.71 -7.03
CA ILE D 420 -2.83 -33.15 -8.04
C ILE D 420 -1.41 -33.41 -7.58
N THR D 421 -0.58 -33.98 -8.43
CA THR D 421 0.80 -34.27 -8.10
C THR D 421 1.71 -33.14 -8.57
N LYS D 422 2.96 -33.15 -8.10
CA LYS D 422 3.94 -32.09 -8.44
C LYS D 422 4.18 -31.97 -9.96
N ASN D 423 4.32 -33.12 -10.63
CA ASN D 423 4.53 -33.19 -12.06
C ASN D 423 3.38 -32.69 -12.89
N GLN D 424 2.17 -32.70 -12.32
CA GLN D 424 1.04 -32.07 -12.98
C GLN D 424 1.04 -30.56 -12.84
N VAL D 425 2.01 -29.99 -12.11
CA VAL D 425 2.06 -28.54 -11.95
C VAL D 425 3.22 -27.91 -12.70
N SER D 426 4.45 -28.32 -12.40
CA SER D 426 5.63 -27.65 -12.96
C SER D 426 6.90 -28.44 -12.65
N GLN D 427 7.85 -28.42 -13.58
CA GLN D 427 9.23 -28.90 -13.33
C GLN D 427 10.11 -27.87 -12.60
N LEU D 428 9.64 -26.65 -12.47
CA LEU D 428 10.45 -25.56 -11.83
C LEU D 428 10.30 -25.50 -10.29
N LEU D 429 9.54 -26.43 -9.72
CA LEU D 429 9.27 -26.52 -8.31
C LEU D 429 10.41 -27.22 -7.58
N PRO D 430 10.48 -27.07 -6.25
CA PRO D 430 11.58 -27.70 -5.48
C PRO D 430 11.61 -29.22 -5.63
N GLU D 431 12.79 -29.83 -5.66
CA GLU D 431 12.90 -31.30 -5.68
C GLU D 431 12.94 -31.89 -4.26
N LYS D 432 13.25 -31.06 -3.25
CA LYS D 432 13.22 -31.47 -1.86
C LYS D 432 12.47 -30.40 -1.06
N PHE D 433 11.95 -30.80 0.10
CA PHE D 433 11.09 -30.00 0.94
C PHE D 433 11.61 -29.77 2.33
N ALA D 434 12.83 -30.27 2.60
CA ALA D 434 13.52 -30.01 3.86
C ALA D 434 15.03 -29.88 3.66
N GLU D 435 15.65 -29.07 4.49
CA GLU D 435 17.10 -28.87 4.51
C GLU D 435 17.51 -28.30 5.85
N GLN D 436 18.82 -28.28 6.10
CA GLN D 436 19.38 -27.74 7.34
C GLN D 436 20.41 -26.69 7.02
N LEU D 437 20.36 -25.59 7.77
CA LEU D 437 21.41 -24.56 7.73
C LEU D 437 22.17 -24.58 9.01
N ILE D 438 23.47 -24.37 8.90
CA ILE D 438 24.33 -24.38 10.05
C ILE D 438 25.03 -23.03 10.10
N ARG D 439 24.78 -22.27 11.15
CA ARG D 439 25.46 -20.99 11.37
C ARG D 439 26.45 -21.13 12.52
N VAL D 440 27.63 -20.53 12.35
CA VAL D 440 28.63 -20.50 13.39
C VAL D 440 28.99 -19.07 13.76
N TYR D 441 29.14 -18.85 15.06
CA TYR D 441 29.48 -17.54 15.58
C TYR D 441 30.63 -17.69 16.56
N CYS D 442 31.36 -16.58 16.75
CA CYS D 442 32.43 -16.54 17.74
C CYS D 442 32.12 -15.58 18.88
N LYS D 443 32.29 -16.03 20.12
CA LYS D 443 32.08 -15.16 21.30
C LYS D 443 33.23 -14.18 21.53
N LYS D 444 34.37 -14.43 20.91
CA LYS D 444 35.51 -13.52 20.94
C LYS D 444 35.47 -12.64 19.70
N VAL D 445 35.34 -11.33 19.93
CA VAL D 445 34.97 -10.42 18.87
C VAL D 445 36.12 -9.63 18.28
N ASP D 446 37.31 -9.77 18.84
CA ASP D 446 38.47 -9.05 18.33
C ASP D 446 38.91 -9.61 16.97
N ARG D 447 39.68 -8.80 16.27
CA ARG D 447 40.05 -9.05 14.90
C ARG D 447 40.82 -10.36 14.72
N LYS D 448 41.73 -10.65 15.63
CA LYS D 448 42.55 -11.84 15.50
C LYS D 448 41.78 -13.12 15.80
N SER D 449 40.89 -13.06 16.80
CA SER D 449 40.02 -14.19 17.11
C SER D 449 39.09 -14.51 15.93
N LEU D 450 38.54 -13.46 15.33
CA LEU D 450 37.59 -13.65 14.25
C LEU D 450 38.28 -14.27 13.02
N TYR D 451 39.48 -13.81 12.70
CA TYR D 451 40.27 -14.40 11.62
C TYR D 451 40.51 -15.90 11.88
N ALA D 452 40.84 -16.22 13.13
CA ALA D 452 41.10 -17.58 13.49
C ALA D 452 39.82 -18.41 13.41
N ALA D 453 38.73 -17.85 13.95
CA ALA D 453 37.42 -18.52 13.94
C ALA D 453 37.05 -18.92 12.52
N ARG D 454 37.34 -18.04 11.58
CA ARG D 454 37.07 -18.33 10.18
C ARG D 454 37.86 -19.52 9.63
N GLN D 455 39.11 -19.66 10.08
CA GLN D 455 39.96 -20.75 9.58
C GLN D 455 39.47 -22.08 10.12
N TYR D 456 39.18 -22.10 11.42
CA TYR D 456 38.62 -23.30 12.05
C TYR D 456 37.31 -23.71 11.38
N PHE D 457 36.44 -22.72 11.17
CA PHE D 457 35.12 -22.96 10.62
C PHE D 457 35.18 -23.61 9.25
N VAL D 458 35.94 -22.99 8.37
CA VAL D 458 36.02 -23.49 7.02
C VAL D 458 36.74 -24.84 6.96
N GLN D 459 37.69 -25.05 7.85
CA GLN D 459 38.40 -26.34 7.90
C GLN D 459 37.39 -27.41 8.32
N TRP D 460 36.54 -27.04 9.28
CA TRP D 460 35.50 -27.96 9.77
C TRP D 460 34.49 -28.31 8.70
N CYS D 461 34.09 -27.32 7.91
CA CYS D 461 33.24 -27.57 6.75
C CYS D 461 33.90 -28.61 5.79
N ALA D 462 35.17 -28.41 5.50
CA ALA D 462 35.96 -29.31 4.65
C ALA D 462 36.01 -30.75 5.24
N ASP D 463 36.37 -30.85 6.51
CA ASP D 463 36.45 -32.15 7.18
C ASP D 463 35.13 -32.88 7.17
N ARG D 464 34.01 -32.15 7.34
CA ARG D 464 32.72 -32.80 7.48
C ARG D 464 32.06 -32.99 6.13
N ASN D 465 32.67 -32.49 5.07
CA ASN D 465 32.04 -32.55 3.75
C ASN D 465 30.75 -31.71 3.62
N PHE D 466 30.71 -30.58 4.33
CA PHE D 466 29.62 -29.62 4.18
C PHE D 466 29.85 -28.77 2.93
N THR D 467 28.86 -27.96 2.56
CA THR D 467 29.00 -27.13 1.38
C THR D 467 30.03 -26.04 1.65
N LYS D 468 30.65 -25.56 0.59
CA LYS D 468 31.61 -24.49 0.70
C LYS D 468 30.90 -23.17 1.06
N PRO D 469 31.28 -22.54 2.17
CA PRO D 469 30.66 -21.23 2.44
C PRO D 469 30.82 -20.28 1.27
N GLN D 470 29.86 -19.40 1.11
CA GLN D 470 29.82 -18.50 -0.03
C GLN D 470 31.01 -17.59 -0.12
N ASP D 471 31.55 -17.18 1.01
CA ASP D 471 32.72 -16.30 1.05
C ASP D 471 33.98 -17.06 1.41
N GLY D 472 33.95 -18.39 1.26
CA GLY D 472 35.04 -19.25 1.68
C GLY D 472 36.40 -18.87 1.14
N ASP D 473 36.45 -18.58 -0.15
CA ASP D 473 37.71 -18.22 -0.81
C ASP D 473 38.27 -16.92 -0.33
N VAL D 474 37.40 -16.01 0.11
CA VAL D 474 37.85 -14.75 0.66
C VAL D 474 38.26 -14.85 2.12
N ILE D 475 37.45 -15.51 2.94
CA ILE D 475 37.72 -15.53 4.37
C ILE D 475 38.78 -16.56 4.76
N ALA D 476 38.98 -17.58 3.92
CA ALA D 476 39.92 -18.61 4.23
C ALA D 476 40.60 -19.11 2.95
N PRO D 477 41.35 -18.22 2.29
CA PRO D 477 41.97 -18.55 1.03
C PRO D 477 42.96 -19.70 1.10
N LEU D 478 43.60 -19.90 2.24
CA LEU D 478 44.60 -20.94 2.35
C LEU D 478 43.98 -22.31 2.65
N ILE D 479 42.69 -22.30 3.04
CA ILE D 479 41.98 -23.54 3.41
C ILE D 479 41.19 -24.16 2.26
N THR D 480 40.52 -23.33 1.45
CA THR D 480 39.62 -23.86 0.41
C THR D 480 40.28 -24.66 -0.75
N PRO D 481 41.56 -24.38 -1.08
CA PRO D 481 42.24 -25.14 -2.14
C PRO D 481 42.37 -26.63 -1.88
N GLN D 482 42.46 -27.03 -0.62
CA GLN D 482 42.70 -28.45 -0.26
C GLN D 482 41.52 -29.35 -0.67
N LYS D 483 40.36 -28.76 -0.93
CA LYS D 483 39.13 -29.51 -1.13
C LYS D 483 38.77 -29.49 -2.62
N LYS D 484 39.10 -30.59 -3.29
CA LYS D 484 38.90 -30.75 -4.74
C LYS D 484 37.44 -30.60 -5.12
N GLU D 485 36.56 -31.11 -4.26
CA GLU D 485 35.12 -31.01 -4.48
C GLU D 485 34.65 -29.55 -4.59
N TRP D 486 35.33 -28.62 -3.93
CA TRP D 486 35.04 -27.20 -4.05
C TRP D 486 35.74 -26.54 -5.24
N ASN D 487 36.68 -27.25 -5.86
CA ASN D 487 37.49 -26.73 -6.96
C ASN D 487 37.57 -27.67 -8.18
#